data_2KG0
#
_entry.id   2KG0
#
_cell.length_a   1.000
_cell.length_b   1.000
_cell.length_c   1.000
_cell.angle_alpha   90.00
_cell.angle_beta   90.00
_cell.angle_gamma   90.00
#
_symmetry.space_group_name_H-M   'P 1'
#
loop_
_entity.id
_entity.type
_entity.pdbx_description
1 polymer 'Heterogeneous nuclear ribonucleoprotein F'
2 polymer "5'-R(*AP*GP*GP*GP*AP*U)-3'"
#
loop_
_entity_poly.entity_id
_entity_poly.type
_entity_poly.pdbx_seq_one_letter_code
_entity_poly.pdbx_strand_id
1 'polypeptide(L)'
;MGSSHHHHHHSSGLVPRGSHMASMTGGQQMGRGSNSADSANDGFVRLRGLPFGCTKEEIVQFFSGLEIVPNGITLPVDPE
GKITGEAFVQFASQELAEKALGKHKERIGHRYIEVFKSSQEEVRSY
;
A
2 'polyribonucleotide' AGGGAU B
#
# COMPACT_ATOMS: atom_id res chain seq x y z
N ASN A 35 -18.17 4.24 13.27
CA ASN A 35 -17.21 4.98 12.42
C ASN A 35 -15.78 4.48 12.67
N SER A 36 -14.92 4.56 11.64
CA SER A 36 -13.55 4.08 11.73
C SER A 36 -12.58 4.96 10.93
N ALA A 37 -13.04 6.10 10.42
CA ALA A 37 -12.20 6.99 9.64
C ALA A 37 -12.69 8.45 9.76
N ASP A 38 -11.86 9.38 9.29
CA ASP A 38 -12.19 10.81 9.33
C ASP A 38 -11.53 11.58 8.18
N SER A 39 -10.86 10.87 7.27
CA SER A 39 -10.16 11.49 6.14
C SER A 39 -10.11 10.57 4.93
N ALA A 40 -10.83 9.43 4.97
CA ALA A 40 -10.83 8.46 3.90
C ALA A 40 -12.14 7.67 3.89
N ASN A 41 -12.47 7.11 2.72
CA ASN A 41 -13.68 6.32 2.52
C ASN A 41 -13.52 5.47 1.27
N ASP A 42 -12.28 5.09 0.95
CA ASP A 42 -11.92 4.32 -0.22
C ASP A 42 -10.92 3.24 0.19
N GLY A 43 -10.70 2.26 -0.67
CA GLY A 43 -9.80 1.15 -0.40
C GLY A 43 -8.33 1.57 -0.45
N PHE A 44 -8.07 2.85 -0.69
CA PHE A 44 -6.71 3.36 -0.75
C PHE A 44 -6.00 3.18 0.59
N VAL A 45 -4.70 2.89 0.52
CA VAL A 45 -3.85 2.68 1.68
C VAL A 45 -2.43 3.07 1.31
N ARG A 46 -1.51 3.01 2.28
CA ARG A 46 -0.12 3.39 2.08
C ARG A 46 0.78 2.36 2.75
N LEU A 47 1.97 2.14 2.17
CA LEU A 47 2.94 1.21 2.71
C LEU A 47 4.23 1.97 2.99
N ARG A 48 4.95 1.53 4.02
CA ARG A 48 6.26 2.09 4.36
C ARG A 48 7.05 0.99 5.06
N GLY A 49 8.38 1.11 5.10
CA GLY A 49 9.24 0.09 5.66
C GLY A 49 9.67 -0.91 4.60
N LEU A 50 9.28 -0.66 3.34
CA LEU A 50 9.55 -1.54 2.22
C LEU A 50 11.06 -1.81 2.12
N PRO A 51 11.46 -3.05 1.80
CA PRO A 51 12.83 -3.46 1.57
C PRO A 51 13.58 -2.73 0.45
N PHE A 52 13.06 -1.58 0.00
CA PHE A 52 13.55 -0.87 -1.18
C PHE A 52 13.54 -1.73 -2.45
N GLY A 53 12.92 -2.92 -2.41
CA GLY A 53 12.86 -3.82 -3.55
C GLY A 53 11.51 -4.50 -3.69
N CYS A 54 10.60 -4.25 -2.74
CA CYS A 54 9.23 -4.74 -2.80
C CYS A 54 8.53 -4.12 -4.01
N THR A 55 7.51 -4.81 -4.55
CA THR A 55 6.74 -4.29 -5.68
C THR A 55 5.32 -4.85 -5.61
N LYS A 56 4.52 -4.68 -6.67
CA LYS A 56 3.13 -5.14 -6.68
C LYS A 56 3.02 -6.61 -6.29
N GLU A 57 4.02 -7.42 -6.65
CA GLU A 57 4.03 -8.84 -6.38
C GLU A 57 4.36 -9.15 -4.92
N GLU A 58 5.03 -8.24 -4.21
CA GLU A 58 5.39 -8.49 -2.83
C GLU A 58 4.33 -7.90 -1.91
N ILE A 59 3.74 -6.77 -2.32
CA ILE A 59 2.63 -6.15 -1.61
C ILE A 59 1.43 -7.10 -1.63
N VAL A 60 1.27 -7.84 -2.72
CA VAL A 60 0.09 -8.68 -2.87
C VAL A 60 0.26 -10.00 -2.12
N GLN A 61 1.49 -10.51 -2.07
CA GLN A 61 1.77 -11.67 -1.23
C GLN A 61 1.76 -11.29 0.25
N PHE A 62 2.06 -10.02 0.56
CA PHE A 62 1.98 -9.53 1.93
C PHE A 62 0.53 -9.39 2.38
N PHE A 63 -0.38 -9.25 1.41
CA PHE A 63 -1.80 -9.15 1.64
C PHE A 63 -2.51 -10.34 0.96
N SER A 64 -1.85 -11.49 0.93
CA SER A 64 -2.38 -12.70 0.31
C SER A 64 -3.57 -13.27 1.08
N GLY A 65 -3.81 -12.77 2.29
CA GLY A 65 -4.97 -13.15 3.10
C GLY A 65 -6.10 -12.14 2.91
N LEU A 66 -5.96 -11.33 1.85
CA LEU A 66 -6.81 -10.19 1.53
C LEU A 66 -6.92 -10.14 0.01
N GLU A 67 -7.34 -9.01 -0.55
CA GLU A 67 -7.41 -8.84 -1.99
C GLU A 67 -7.14 -7.38 -2.36
N ILE A 68 -6.81 -7.13 -3.63
CA ILE A 68 -6.47 -5.80 -4.13
C ILE A 68 -7.07 -5.64 -5.52
N VAL A 69 -7.48 -4.43 -5.92
CA VAL A 69 -8.05 -4.23 -7.24
C VAL A 69 -6.95 -4.29 -8.30
N PRO A 70 -7.31 -4.66 -9.54
CA PRO A 70 -6.40 -4.70 -10.68
C PRO A 70 -5.59 -3.42 -10.82
N ASN A 71 -4.30 -3.56 -11.15
CA ASN A 71 -3.35 -2.46 -11.30
C ASN A 71 -3.53 -1.40 -10.20
N GLY A 72 -3.84 -1.84 -8.98
CA GLY A 72 -4.19 -0.98 -7.87
C GLY A 72 -3.00 -0.65 -7.00
N ILE A 73 -1.76 -0.65 -7.54
CA ILE A 73 -0.59 -0.39 -6.72
C ILE A 73 0.30 0.61 -7.45
N THR A 74 0.97 1.47 -6.67
CA THR A 74 1.84 2.52 -7.18
C THR A 74 3.11 2.58 -6.32
N LEU A 75 4.24 2.86 -6.95
CA LEU A 75 5.55 2.84 -6.30
C LEU A 75 6.37 4.06 -6.71
N PRO A 76 6.32 5.15 -5.93
CA PRO A 76 7.17 6.32 -6.14
C PRO A 76 8.64 5.93 -6.18
N VAL A 77 9.46 6.68 -6.93
CA VAL A 77 10.88 6.38 -7.05
C VAL A 77 11.71 7.66 -7.06
N ASP A 78 13.03 7.48 -6.88
CA ASP A 78 14.00 8.56 -6.89
C ASP A 78 14.53 8.73 -8.32
N PRO A 79 15.40 9.71 -8.58
CA PRO A 79 16.00 9.91 -9.89
C PRO A 79 16.79 8.68 -10.34
N GLU A 80 17.15 7.82 -9.38
CA GLU A 80 17.89 6.59 -9.63
C GLU A 80 16.95 5.47 -10.08
N GLY A 81 15.63 5.73 -10.02
CA GLY A 81 14.62 4.76 -10.40
C GLY A 81 14.33 3.74 -9.31
N LYS A 82 14.81 4.01 -8.10
CA LYS A 82 14.61 3.12 -6.95
C LYS A 82 13.57 3.75 -6.02
N ILE A 83 12.82 2.89 -5.34
CA ILE A 83 11.67 3.36 -4.58
C ILE A 83 12.11 4.18 -3.37
N THR A 84 11.24 5.13 -3.00
CA THR A 84 11.51 6.09 -1.94
C THR A 84 11.41 5.45 -0.55
N GLY A 85 10.95 4.21 -0.48
CA GLY A 85 10.81 3.48 0.79
C GLY A 85 9.34 3.35 1.19
N GLU A 86 8.43 3.91 0.38
CA GLU A 86 7.00 3.85 0.63
C GLU A 86 6.24 3.62 -0.68
N ALA A 87 4.94 3.36 -0.56
CA ALA A 87 4.09 3.03 -1.69
C ALA A 87 2.63 3.33 -1.39
N PHE A 88 1.77 3.02 -2.37
CA PHE A 88 0.36 3.32 -2.30
C PHE A 88 -0.37 2.17 -2.99
N VAL A 89 -1.59 1.88 -2.54
CA VAL A 89 -2.36 0.76 -3.05
C VAL A 89 -3.83 1.11 -3.01
N GLN A 90 -4.64 0.33 -3.72
CA GLN A 90 -6.08 0.35 -3.60
C GLN A 90 -6.57 -1.06 -3.36
N PHE A 91 -6.96 -1.33 -2.13
CA PHE A 91 -7.63 -2.56 -1.79
C PHE A 91 -9.07 -2.51 -2.29
N ALA A 92 -9.77 -3.64 -2.19
CA ALA A 92 -11.16 -3.72 -2.57
C ALA A 92 -12.02 -2.94 -1.57
N SER A 93 -12.24 -1.66 -1.87
CA SER A 93 -13.02 -0.74 -1.05
C SER A 93 -12.41 -0.52 0.33
N GLN A 94 -12.96 0.46 1.06
CA GLN A 94 -12.44 0.88 2.36
C GLN A 94 -12.51 -0.27 3.38
N GLU A 95 -13.38 -1.25 3.17
CA GLU A 95 -13.51 -2.37 4.09
C GLU A 95 -12.26 -3.25 4.06
N LEU A 96 -11.74 -3.55 2.87
CA LEU A 96 -10.55 -4.38 2.76
C LEU A 96 -9.34 -3.64 3.34
N ALA A 97 -9.25 -2.33 3.10
CA ALA A 97 -8.14 -1.54 3.61
C ALA A 97 -8.04 -1.67 5.13
N GLU A 98 -9.20 -1.72 5.80
CA GLU A 98 -9.23 -1.76 7.26
C GLU A 98 -8.77 -3.11 7.77
N LYS A 99 -8.97 -4.17 6.98
CA LYS A 99 -8.49 -5.50 7.33
C LYS A 99 -6.98 -5.57 7.18
N ALA A 100 -6.46 -4.94 6.12
CA ALA A 100 -5.03 -4.88 5.86
C ALA A 100 -4.27 -4.13 6.96
N LEU A 101 -4.96 -3.34 7.78
CA LEU A 101 -4.33 -2.63 8.89
C LEU A 101 -3.84 -3.60 9.96
N GLY A 102 -4.25 -4.86 9.90
CA GLY A 102 -3.83 -5.86 10.87
C GLY A 102 -2.39 -6.29 10.60
N LYS A 103 -1.87 -5.88 9.43
CA LYS A 103 -0.52 -6.14 8.97
C LYS A 103 0.45 -5.07 9.43
N HIS A 104 -0.04 -4.07 10.17
CA HIS A 104 0.85 -3.08 10.73
C HIS A 104 1.94 -3.78 11.55
N LYS A 105 3.20 -3.36 11.33
CA LYS A 105 4.40 -3.92 11.95
C LYS A 105 4.61 -5.41 11.66
N GLU A 106 3.78 -6.03 10.81
CA GLU A 106 3.97 -7.40 10.37
C GLU A 106 5.08 -7.43 9.32
N ARG A 107 5.53 -8.62 8.92
CA ARG A 107 6.73 -8.74 8.11
C ARG A 107 6.43 -9.26 6.69
N ILE A 108 7.35 -8.98 5.77
CA ILE A 108 7.20 -9.38 4.37
C ILE A 108 8.06 -10.60 4.04
N GLY A 109 8.95 -10.99 4.97
CA GLY A 109 9.81 -12.16 4.80
C GLY A 109 11.09 -12.06 5.62
N HIS A 110 11.57 -10.84 5.86
CA HIS A 110 12.79 -10.61 6.65
C HIS A 110 12.82 -9.20 7.23
N ARG A 111 11.77 -8.42 6.97
CA ARG A 111 11.70 -7.01 7.33
C ARG A 111 10.26 -6.68 7.69
N TYR A 112 10.03 -5.66 8.53
CA TYR A 112 8.68 -5.32 8.93
C TYR A 112 8.15 -4.18 8.08
N ILE A 113 6.83 -4.14 7.93
CA ILE A 113 6.15 -3.23 7.01
C ILE A 113 5.08 -2.46 7.78
N GLU A 114 4.62 -1.35 7.21
CA GLU A 114 3.60 -0.54 7.83
C GLU A 114 2.47 -0.29 6.82
N VAL A 115 1.29 0.08 7.32
CA VAL A 115 0.04 -0.02 6.55
C VAL A 115 -0.82 1.23 6.73
N PHE A 116 -0.20 2.40 6.75
CA PHE A 116 -0.90 3.66 6.97
C PHE A 116 -2.05 3.79 5.97
N LYS A 117 -3.11 4.52 6.32
CA LYS A 117 -4.20 4.68 5.38
C LYS A 117 -3.87 5.74 4.33
N SER A 118 -4.70 5.84 3.29
CA SER A 118 -4.51 6.79 2.22
C SER A 118 -5.82 7.07 1.49
N SER A 119 -5.76 7.95 0.48
CA SER A 119 -6.87 8.33 -0.36
C SER A 119 -6.33 8.66 -1.76
N GLN A 120 -7.22 8.84 -2.74
CA GLN A 120 -6.83 9.06 -4.11
C GLN A 120 -5.86 10.23 -4.27
N GLU A 121 -5.96 11.23 -3.39
CA GLU A 121 -5.12 12.43 -3.44
C GLU A 121 -3.64 12.14 -3.19
N GLU A 122 -3.28 10.88 -2.90
CA GLU A 122 -1.91 10.48 -2.64
C GLU A 122 -1.46 9.38 -3.61
N VAL A 123 -2.33 9.01 -4.55
CA VAL A 123 -2.04 7.93 -5.50
C VAL A 123 -2.58 8.25 -6.89
N ARG A 124 -3.02 9.49 -7.10
CA ARG A 124 -3.59 9.93 -8.36
C ARG A 124 -2.57 9.99 -9.50
N SER A 125 -1.39 9.41 -9.31
CA SER A 125 -0.35 9.33 -10.32
C SER A 125 -0.77 8.44 -11.49
N TYR A 126 -1.96 7.84 -11.41
CA TYR A 126 -2.51 6.99 -12.45
C TYR A 126 -2.60 7.75 -13.77
N ASN A 35 -6.69 21.14 1.06
CA ASN A 35 -7.83 20.51 0.36
C ASN A 35 -9.15 20.88 1.04
N SER A 36 -10.26 20.35 0.53
CA SER A 36 -11.60 20.63 1.06
C SER A 36 -12.52 19.42 0.93
N ALA A 37 -11.95 18.24 0.66
CA ALA A 37 -12.69 17.00 0.49
C ALA A 37 -11.82 15.83 0.95
N ASP A 38 -12.36 14.61 0.88
CA ASP A 38 -11.66 13.42 1.32
C ASP A 38 -12.07 12.21 0.50
N SER A 39 -11.20 11.19 0.45
CA SER A 39 -11.41 9.96 -0.31
C SER A 39 -10.80 8.77 0.42
N ALA A 40 -10.56 8.90 1.72
CA ALA A 40 -9.96 7.85 2.55
C ALA A 40 -10.95 6.73 2.85
N ASN A 41 -11.82 6.43 1.91
CA ASN A 41 -12.93 5.53 2.14
C ASN A 41 -13.28 4.73 0.89
N ASP A 42 -12.28 4.48 0.03
CA ASP A 42 -12.49 3.75 -1.21
C ASP A 42 -11.50 2.59 -1.36
N GLY A 43 -10.72 2.33 -0.32
CA GLY A 43 -9.82 1.20 -0.29
C GLY A 43 -8.37 1.64 -0.26
N PHE A 44 -8.13 2.94 -0.46
CA PHE A 44 -6.79 3.48 -0.51
C PHE A 44 -6.06 3.31 0.82
N VAL A 45 -4.77 3.03 0.73
CA VAL A 45 -3.88 2.82 1.86
C VAL A 45 -2.46 3.18 1.44
N ARG A 46 -1.52 3.09 2.38
CA ARG A 46 -0.13 3.43 2.18
C ARG A 46 0.75 2.36 2.79
N LEU A 47 1.97 2.22 2.25
CA LEU A 47 2.94 1.26 2.73
C LEU A 47 4.23 2.00 3.02
N ARG A 48 4.85 1.70 4.15
CA ARG A 48 6.00 2.47 4.61
C ARG A 48 6.97 1.65 5.45
N GLY A 49 7.37 0.49 4.92
CA GLY A 49 8.36 -0.36 5.55
C GLY A 49 8.96 -1.33 4.53
N LEU A 50 8.75 -1.03 3.25
CA LEU A 50 9.03 -1.97 2.17
C LEU A 50 10.50 -2.28 2.02
N PRO A 51 10.82 -3.46 1.50
CA PRO A 51 12.13 -3.76 0.97
C PRO A 51 12.43 -2.78 -0.15
N PHE A 52 13.68 -2.33 -0.29
CA PHE A 52 14.04 -1.35 -1.31
C PHE A 52 13.97 -1.92 -2.73
N GLY A 53 13.47 -3.15 -2.90
CA GLY A 53 13.33 -3.80 -4.20
C GLY A 53 11.95 -4.41 -4.38
N CYS A 54 11.03 -4.09 -3.45
CA CYS A 54 9.67 -4.58 -3.46
C CYS A 54 8.88 -4.04 -4.66
N THR A 55 7.81 -4.74 -5.03
CA THR A 55 6.90 -4.32 -6.10
C THR A 55 5.50 -4.86 -5.85
N LYS A 56 4.58 -4.66 -6.79
CA LYS A 56 3.18 -5.06 -6.66
C LYS A 56 3.04 -6.53 -6.27
N GLU A 57 3.94 -7.38 -6.74
CA GLU A 57 3.87 -8.81 -6.51
C GLU A 57 4.23 -9.16 -5.06
N GLU A 58 5.02 -8.34 -4.37
CA GLU A 58 5.42 -8.63 -3.01
C GLU A 58 4.44 -7.96 -2.06
N ILE A 59 3.86 -6.83 -2.47
CA ILE A 59 2.81 -6.17 -1.70
C ILE A 59 1.57 -7.05 -1.69
N VAL A 60 1.23 -7.66 -2.82
CA VAL A 60 0.01 -8.45 -2.92
C VAL A 60 0.14 -9.75 -2.13
N GLN A 61 1.33 -10.35 -2.10
CA GLN A 61 1.54 -11.53 -1.27
C GLN A 61 1.63 -11.15 0.21
N PHE A 62 2.09 -9.94 0.52
CA PHE A 62 2.07 -9.44 1.89
C PHE A 62 0.62 -9.24 2.33
N PHE A 63 -0.29 -9.10 1.37
CA PHE A 63 -1.72 -8.98 1.59
C PHE A 63 -2.40 -10.19 0.97
N SER A 64 -1.76 -11.36 1.06
CA SER A 64 -2.42 -12.62 0.77
C SER A 64 -3.45 -12.86 1.87
N GLY A 65 -4.50 -13.62 1.59
CA GLY A 65 -5.62 -13.76 2.52
C GLY A 65 -6.51 -12.52 2.48
N LEU A 66 -6.20 -11.62 1.55
CA LEU A 66 -6.88 -10.36 1.32
C LEU A 66 -6.90 -10.17 -0.21
N GLU A 67 -7.33 -9.00 -0.68
CA GLU A 67 -7.37 -8.75 -2.12
C GLU A 67 -7.11 -7.28 -2.43
N ILE A 68 -6.76 -6.99 -3.67
CA ILE A 68 -6.45 -5.64 -4.13
C ILE A 68 -7.03 -5.46 -5.53
N VAL A 69 -7.46 -4.24 -5.90
CA VAL A 69 -8.02 -4.02 -7.22
C VAL A 69 -6.92 -4.05 -8.28
N PRO A 70 -7.28 -4.39 -9.53
CA PRO A 70 -6.36 -4.40 -10.66
C PRO A 70 -5.55 -3.11 -10.75
N ASN A 71 -4.25 -3.25 -11.07
CA ASN A 71 -3.30 -2.14 -11.16
C ASN A 71 -3.49 -1.14 -10.02
N GLY A 72 -3.83 -1.63 -8.82
CA GLY A 72 -4.18 -0.80 -7.68
C GLY A 72 -2.99 -0.53 -6.79
N ILE A 73 -1.76 -0.52 -7.33
CA ILE A 73 -0.59 -0.30 -6.51
C ILE A 73 0.36 0.67 -7.21
N THR A 74 1.05 1.49 -6.42
CA THR A 74 1.99 2.49 -6.93
C THR A 74 3.23 2.52 -6.05
N LEU A 75 4.38 2.85 -6.66
CA LEU A 75 5.68 2.88 -6.00
C LEU A 75 6.51 4.02 -6.55
N PRO A 76 6.48 5.20 -5.90
CA PRO A 76 7.30 6.35 -6.23
C PRO A 76 8.78 5.99 -6.23
N VAL A 77 9.61 6.79 -6.91
CA VAL A 77 11.04 6.56 -6.99
C VAL A 77 11.83 7.86 -6.91
N ASP A 78 13.14 7.73 -6.67
CA ASP A 78 14.07 8.84 -6.62
C ASP A 78 14.63 9.09 -8.02
N PRO A 79 15.46 10.13 -8.21
CA PRO A 79 16.10 10.42 -9.47
C PRO A 79 16.96 9.25 -9.95
N GLU A 80 17.33 8.37 -9.02
CA GLU A 80 18.14 7.19 -9.30
C GLU A 80 17.26 6.04 -9.83
N GLY A 81 15.94 6.21 -9.77
CA GLY A 81 14.98 5.22 -10.22
C GLY A 81 14.70 4.17 -9.16
N LYS A 82 15.17 4.39 -7.93
CA LYS A 82 14.95 3.46 -6.83
C LYS A 82 13.85 4.00 -5.94
N ILE A 83 13.09 3.09 -5.33
CA ILE A 83 11.89 3.46 -4.61
C ILE A 83 12.19 4.28 -3.36
N THR A 84 11.22 5.13 -3.01
CA THR A 84 11.33 6.07 -1.91
C THR A 84 11.09 5.41 -0.55
N GLY A 85 10.96 4.09 -0.52
CA GLY A 85 10.71 3.35 0.70
C GLY A 85 9.26 3.53 1.18
N GLU A 86 8.40 4.03 0.30
CA GLU A 86 6.97 4.13 0.57
C GLU A 86 6.18 3.77 -0.69
N ALA A 87 4.89 3.52 -0.52
CA ALA A 87 4.03 3.07 -1.60
C ALA A 87 2.59 3.43 -1.31
N PHE A 88 1.72 3.11 -2.27
CA PHE A 88 0.31 3.43 -2.20
C PHE A 88 -0.44 2.27 -2.85
N VAL A 89 -1.63 1.96 -2.33
CA VAL A 89 -2.39 0.82 -2.81
C VAL A 89 -3.86 1.17 -2.78
N GLN A 90 -4.66 0.39 -3.50
CA GLN A 90 -6.10 0.44 -3.41
C GLN A 90 -6.61 -0.98 -3.21
N PHE A 91 -6.98 -1.28 -1.97
CA PHE A 91 -7.65 -2.52 -1.67
C PHE A 91 -9.09 -2.46 -2.20
N ALA A 92 -9.79 -3.59 -2.15
CA ALA A 92 -11.16 -3.65 -2.59
C ALA A 92 -12.06 -2.92 -1.58
N SER A 93 -12.32 -1.65 -1.85
CA SER A 93 -13.10 -0.75 -0.99
C SER A 93 -12.45 -0.58 0.38
N GLN A 94 -12.94 0.36 1.18
CA GLN A 94 -12.34 0.63 2.48
C GLN A 94 -12.41 -0.59 3.38
N GLU A 95 -13.41 -1.46 3.16
CA GLU A 95 -13.63 -2.63 4.01
C GLU A 95 -12.39 -3.54 4.00
N LEU A 96 -11.79 -3.76 2.83
CA LEU A 96 -10.59 -4.57 2.72
C LEU A 96 -9.41 -3.80 3.33
N ALA A 97 -9.34 -2.49 3.11
CA ALA A 97 -8.25 -1.68 3.63
C ALA A 97 -8.17 -1.79 5.14
N GLU A 98 -9.33 -1.80 5.80
CA GLU A 98 -9.38 -1.85 7.25
C GLU A 98 -8.89 -3.20 7.77
N LYS A 99 -9.09 -4.27 6.99
CA LYS A 99 -8.58 -5.58 7.35
C LYS A 99 -7.07 -5.64 7.19
N ALA A 100 -6.55 -5.00 6.13
CA ALA A 100 -5.13 -4.94 5.86
C ALA A 100 -4.37 -4.16 6.94
N LEU A 101 -5.06 -3.38 7.77
CA LEU A 101 -4.43 -2.66 8.86
C LEU A 101 -3.92 -3.61 9.95
N GLY A 102 -4.28 -4.90 9.88
CA GLY A 102 -3.83 -5.88 10.84
C GLY A 102 -2.38 -6.27 10.54
N LYS A 103 -1.90 -5.87 9.36
CA LYS A 103 -0.55 -6.10 8.88
C LYS A 103 0.41 -5.03 9.38
N HIS A 104 -0.07 -4.09 10.20
CA HIS A 104 0.80 -3.09 10.78
C HIS A 104 1.94 -3.76 11.55
N LYS A 105 3.15 -3.23 11.39
CA LYS A 105 4.40 -3.75 11.95
C LYS A 105 4.63 -5.25 11.67
N GLU A 106 3.85 -5.87 10.80
CA GLU A 106 4.02 -7.25 10.37
C GLU A 106 5.20 -7.33 9.41
N ARG A 107 5.55 -8.53 8.92
CA ARG A 107 6.78 -8.72 8.17
C ARG A 107 6.56 -9.36 6.80
N ILE A 108 7.58 -9.24 5.94
CA ILE A 108 7.60 -9.82 4.60
C ILE A 108 8.65 -10.93 4.47
N GLY A 109 9.57 -11.05 5.45
CA GLY A 109 10.53 -12.14 5.46
C GLY A 109 11.88 -11.77 6.08
N HIS A 110 12.25 -10.48 6.04
CA HIS A 110 13.52 -10.00 6.60
C HIS A 110 13.41 -8.54 7.01
N ARG A 111 12.18 -8.02 7.04
CA ARG A 111 11.89 -6.62 7.26
C ARG A 111 10.62 -6.51 8.08
N TYR A 112 10.12 -5.30 8.28
CA TYR A 112 8.80 -5.09 8.84
C TYR A 112 8.11 -3.99 8.05
N ILE A 113 6.80 -4.13 7.85
CA ILE A 113 6.07 -3.31 6.91
C ILE A 113 5.05 -2.47 7.66
N GLU A 114 4.53 -1.42 7.00
CA GLU A 114 3.59 -0.52 7.63
C GLU A 114 2.39 -0.35 6.69
N VAL A 115 1.24 -0.02 7.27
CA VAL A 115 -0.06 -0.11 6.60
C VAL A 115 -0.85 1.18 6.78
N PHE A 116 -0.15 2.32 6.84
CA PHE A 116 -0.78 3.61 7.08
C PHE A 116 -1.91 3.83 6.08
N LYS A 117 -2.91 4.64 6.40
CA LYS A 117 -4.02 4.83 5.49
C LYS A 117 -3.67 5.87 4.41
N SER A 118 -4.54 5.99 3.39
CA SER A 118 -4.33 6.93 2.30
C SER A 118 -5.64 7.24 1.57
N SER A 119 -5.54 7.98 0.47
CA SER A 119 -6.65 8.44 -0.33
C SER A 119 -6.22 8.52 -1.80
N GLN A 120 -7.18 8.69 -2.71
CA GLN A 120 -6.91 8.83 -4.13
C GLN A 120 -5.96 10.02 -4.38
N GLU A 121 -6.03 11.05 -3.53
CA GLU A 121 -5.23 12.26 -3.67
C GLU A 121 -3.72 11.98 -3.53
N GLU A 122 -3.34 10.75 -3.17
CA GLU A 122 -1.96 10.37 -2.97
C GLU A 122 -1.53 9.29 -3.95
N VAL A 123 -2.44 8.89 -4.85
CA VAL A 123 -2.18 7.81 -5.80
C VAL A 123 -2.83 8.11 -7.14
N ARG A 124 -3.24 9.36 -7.36
CA ARG A 124 -3.90 9.79 -8.59
C ARG A 124 -2.95 9.82 -9.78
N SER A 125 -1.75 9.23 -9.64
CA SER A 125 -0.78 9.13 -10.71
C SER A 125 -1.25 8.16 -11.79
N TYR A 126 -2.43 7.54 -11.60
CA TYR A 126 -3.03 6.62 -12.57
C TYR A 126 -3.19 7.30 -13.94
N ASN A 35 -16.82 11.22 6.02
CA ASN A 35 -16.63 12.44 5.20
C ASN A 35 -15.91 12.10 3.89
N SER A 36 -15.47 13.13 3.15
CA SER A 36 -14.80 12.94 1.87
C SER A 36 -13.70 13.99 1.67
N ALA A 37 -13.23 14.62 2.75
CA ALA A 37 -12.23 15.67 2.68
C ALA A 37 -11.22 15.60 3.84
N ASP A 38 -11.33 14.57 4.68
CA ASP A 38 -10.43 14.36 5.81
C ASP A 38 -10.24 12.86 6.09
N SER A 39 -10.85 12.02 5.25
CA SER A 39 -10.78 10.57 5.36
C SER A 39 -11.05 9.95 3.99
N ALA A 40 -11.16 8.62 3.93
CA ALA A 40 -11.41 7.90 2.69
C ALA A 40 -12.34 6.72 2.93
N ASN A 41 -12.95 6.21 1.85
CA ASN A 41 -13.91 5.13 1.93
C ASN A 41 -13.97 4.36 0.60
N ASP A 42 -12.85 4.28 -0.12
CA ASP A 42 -12.80 3.67 -1.44
C ASP A 42 -11.75 2.57 -1.57
N GLY A 43 -11.08 2.24 -0.47
CA GLY A 43 -10.13 1.13 -0.46
C GLY A 43 -8.70 1.61 -0.51
N PHE A 44 -8.50 2.90 -0.73
CA PHE A 44 -7.17 3.48 -0.80
C PHE A 44 -6.45 3.33 0.54
N VAL A 45 -5.16 3.04 0.46
CA VAL A 45 -4.31 2.85 1.62
C VAL A 45 -2.89 3.27 1.23
N ARG A 46 -1.99 3.29 2.21
CA ARG A 46 -0.61 3.68 2.00
C ARG A 46 0.29 2.71 2.77
N LEU A 47 1.53 2.55 2.29
CA LEU A 47 2.44 1.56 2.83
C LEU A 47 3.83 2.17 2.96
N ARG A 48 4.60 1.74 3.96
CA ARG A 48 5.94 2.26 4.17
C ARG A 48 6.79 1.29 4.97
N GLY A 49 8.11 1.38 4.79
CA GLY A 49 9.07 0.59 5.54
C GLY A 49 9.53 -0.62 4.75
N LEU A 50 8.92 -0.85 3.59
CA LEU A 50 9.21 -2.02 2.78
C LEU A 50 10.66 -2.00 2.27
N PRO A 51 11.18 -3.19 1.92
CA PRO A 51 12.52 -3.32 1.36
C PRO A 51 12.70 -2.51 0.08
N PHE A 52 13.94 -2.10 -0.22
CA PHE A 52 14.25 -1.38 -1.44
C PHE A 52 14.10 -2.28 -2.68
N GLY A 53 13.84 -3.57 -2.47
CA GLY A 53 13.62 -4.52 -3.55
C GLY A 53 12.15 -4.94 -3.62
N CYS A 54 11.33 -4.41 -2.71
CA CYS A 54 9.90 -4.67 -2.70
C CYS A 54 9.26 -4.01 -3.92
N THR A 55 8.13 -4.55 -4.37
CA THR A 55 7.35 -3.96 -5.44
C THR A 55 5.89 -4.41 -5.29
N LYS A 56 5.03 -4.05 -6.25
CA LYS A 56 3.61 -4.40 -6.20
C LYS A 56 3.37 -5.90 -6.08
N GLU A 57 4.35 -6.72 -6.44
CA GLU A 57 4.26 -8.17 -6.31
C GLU A 57 4.59 -8.62 -4.89
N GLU A 58 5.33 -7.80 -4.14
CA GLU A 58 5.62 -8.10 -2.75
C GLU A 58 4.53 -7.50 -1.88
N ILE A 59 3.99 -6.35 -2.29
CA ILE A 59 2.88 -5.72 -1.60
C ILE A 59 1.69 -6.67 -1.63
N VAL A 60 1.52 -7.40 -2.74
CA VAL A 60 0.33 -8.22 -2.88
C VAL A 60 0.48 -9.54 -2.15
N GLN A 61 1.70 -10.09 -2.08
CA GLN A 61 1.93 -11.25 -1.24
C GLN A 61 1.99 -10.86 0.23
N PHE A 62 2.38 -9.62 0.54
CA PHE A 62 2.33 -9.13 1.91
C PHE A 62 0.88 -8.99 2.36
N PHE A 63 -0.02 -8.77 1.39
CA PHE A 63 -1.45 -8.71 1.62
C PHE A 63 -2.08 -9.97 1.01
N SER A 64 -1.37 -11.10 1.08
CA SER A 64 -1.99 -12.37 0.76
C SER A 64 -3.02 -12.65 1.85
N GLY A 65 -4.07 -13.40 1.54
CA GLY A 65 -5.18 -13.59 2.46
C GLY A 65 -6.14 -12.40 2.38
N LEU A 66 -5.87 -11.48 1.45
CA LEU A 66 -6.63 -10.27 1.19
C LEU A 66 -6.68 -10.12 -0.33
N GLU A 67 -7.18 -8.99 -0.83
CA GLU A 67 -7.25 -8.76 -2.28
C GLU A 67 -7.06 -7.29 -2.59
N ILE A 68 -6.74 -6.98 -3.85
CA ILE A 68 -6.47 -5.63 -4.31
C ILE A 68 -7.07 -5.46 -5.71
N VAL A 69 -7.52 -4.25 -6.08
CA VAL A 69 -8.10 -4.05 -7.39
C VAL A 69 -7.00 -4.03 -8.47
N PRO A 70 -7.34 -4.37 -9.71
CA PRO A 70 -6.44 -4.33 -10.85
C PRO A 70 -5.69 -3.00 -10.94
N ASN A 71 -4.40 -3.08 -11.30
CA ASN A 71 -3.50 -1.92 -11.38
C ASN A 71 -3.71 -0.94 -10.22
N GLY A 72 -4.02 -1.47 -9.04
CA GLY A 72 -4.38 -0.68 -7.87
C GLY A 72 -3.18 -0.39 -6.98
N ILE A 73 -1.97 -0.30 -7.55
CA ILE A 73 -0.78 -0.11 -6.74
C ILE A 73 0.14 0.91 -7.42
N THR A 74 0.86 1.69 -6.59
CA THR A 74 1.81 2.69 -7.06
C THR A 74 3.04 2.69 -6.16
N LEU A 75 4.21 2.98 -6.74
CA LEU A 75 5.50 2.94 -6.06
C LEU A 75 6.37 4.09 -6.57
N PRO A 76 6.33 5.24 -5.88
CA PRO A 76 7.18 6.38 -6.18
C PRO A 76 8.65 6.01 -6.19
N VAL A 77 9.47 6.79 -6.91
CA VAL A 77 10.91 6.57 -6.96
C VAL A 77 11.66 7.89 -6.98
N ASP A 78 12.97 7.79 -6.76
CA ASP A 78 13.88 8.92 -6.79
C ASP A 78 14.42 9.07 -8.22
N PRO A 79 15.23 10.11 -8.50
CA PRO A 79 15.84 10.29 -9.80
C PRO A 79 16.71 9.09 -10.20
N GLU A 80 17.10 8.29 -9.20
CA GLU A 80 17.91 7.09 -9.38
C GLU A 80 17.03 5.91 -9.82
N GLY A 81 15.71 6.07 -9.80
CA GLY A 81 14.76 5.01 -10.07
C GLY A 81 14.56 4.13 -8.84
N LYS A 82 15.21 4.50 -7.73
CA LYS A 82 15.13 3.81 -6.46
C LYS A 82 13.84 4.19 -5.76
N ILE A 83 13.15 3.19 -5.22
CA ILE A 83 11.89 3.46 -4.55
C ILE A 83 12.14 4.23 -3.26
N THR A 84 11.17 5.09 -2.92
CA THR A 84 11.26 6.00 -1.80
C THR A 84 11.03 5.30 -0.47
N GLY A 85 10.80 3.99 -0.50
CA GLY A 85 10.57 3.19 0.70
C GLY A 85 9.11 3.20 1.14
N GLU A 86 8.23 3.78 0.31
CA GLU A 86 6.80 3.83 0.57
C GLU A 86 6.01 3.64 -0.71
N ALA A 87 4.70 3.42 -0.58
CA ALA A 87 3.83 3.09 -1.69
C ALA A 87 2.40 3.47 -1.40
N PHE A 88 1.53 3.20 -2.37
CA PHE A 88 0.12 3.53 -2.31
C PHE A 88 -0.64 2.40 -3.00
N VAL A 89 -1.83 2.10 -2.52
CA VAL A 89 -2.60 0.97 -3.02
C VAL A 89 -4.08 1.29 -2.98
N GLN A 90 -4.86 0.48 -3.70
CA GLN A 90 -6.30 0.48 -3.62
C GLN A 90 -6.77 -0.95 -3.41
N PHE A 91 -7.14 -1.27 -2.17
CA PHE A 91 -7.76 -2.53 -1.87
C PHE A 91 -9.20 -2.52 -2.39
N ALA A 92 -9.86 -3.68 -2.34
CA ALA A 92 -11.23 -3.79 -2.74
C ALA A 92 -12.13 -3.10 -1.72
N SER A 93 -12.42 -1.81 -1.97
CA SER A 93 -13.21 -0.95 -1.10
C SER A 93 -12.53 -0.77 0.26
N GLN A 94 -13.00 0.21 1.04
CA GLN A 94 -12.38 0.53 2.32
C GLN A 94 -12.55 -0.62 3.31
N GLU A 95 -13.44 -1.58 3.02
CA GLU A 95 -13.65 -2.73 3.88
C GLU A 95 -12.43 -3.64 3.88
N LEU A 96 -11.84 -3.86 2.70
CA LEU A 96 -10.63 -4.68 2.61
C LEU A 96 -9.46 -3.91 3.21
N ALA A 97 -9.40 -2.59 2.98
CA ALA A 97 -8.32 -1.76 3.52
C ALA A 97 -8.27 -1.87 5.03
N GLU A 98 -9.44 -1.92 5.68
CA GLU A 98 -9.51 -1.99 7.13
C GLU A 98 -9.00 -3.34 7.64
N LYS A 99 -9.15 -4.39 6.83
CA LYS A 99 -8.60 -5.69 7.20
C LYS A 99 -7.08 -5.70 7.04
N ALA A 100 -6.60 -5.03 6.00
CA ALA A 100 -5.17 -4.93 5.73
C ALA A 100 -4.43 -4.15 6.82
N LEU A 101 -5.14 -3.39 7.65
CA LEU A 101 -4.54 -2.66 8.76
C LEU A 101 -4.07 -3.61 9.87
N GLY A 102 -4.44 -4.89 9.79
CA GLY A 102 -3.99 -5.87 10.77
C GLY A 102 -2.51 -6.22 10.53
N LYS A 103 -2.00 -5.81 9.37
CA LYS A 103 -0.62 -5.98 8.94
C LYS A 103 0.29 -4.91 9.52
N HIS A 104 -0.27 -3.96 10.27
CA HIS A 104 0.57 -2.98 10.90
C HIS A 104 1.69 -3.65 11.71
N LYS A 105 2.91 -3.15 11.54
CA LYS A 105 4.14 -3.66 12.14
C LYS A 105 4.43 -5.14 11.84
N GLU A 106 3.66 -5.77 10.92
CA GLU A 106 3.91 -7.12 10.45
C GLU A 106 5.13 -7.11 9.54
N ARG A 107 5.61 -8.28 9.10
CA ARG A 107 6.86 -8.37 8.36
C ARG A 107 6.70 -9.09 7.03
N ILE A 108 7.65 -8.88 6.11
CA ILE A 108 7.61 -9.52 4.80
C ILE A 108 8.75 -10.54 4.60
N GLY A 109 9.65 -10.68 5.58
CA GLY A 109 10.69 -11.70 5.53
C GLY A 109 11.92 -11.36 6.36
N HIS A 110 12.31 -10.09 6.41
CA HIS A 110 13.48 -9.64 7.18
C HIS A 110 13.34 -8.16 7.54
N ARG A 111 12.17 -7.58 7.25
CA ARG A 111 11.90 -6.17 7.40
C ARG A 111 10.45 -6.02 7.84
N TYR A 112 10.16 -5.17 8.82
CA TYR A 112 8.78 -4.95 9.20
C TYR A 112 8.19 -3.87 8.30
N ILE A 113 6.87 -3.86 8.19
CA ILE A 113 6.16 -2.99 7.28
C ILE A 113 5.14 -2.19 8.07
N GLU A 114 4.65 -1.08 7.51
CA GLU A 114 3.66 -0.27 8.18
C GLU A 114 2.49 -0.03 7.23
N VAL A 115 1.33 0.25 7.80
CA VAL A 115 0.08 0.38 7.05
C VAL A 115 -0.58 1.67 7.52
N PHE A 116 -0.99 2.50 6.55
CA PHE A 116 -1.55 3.82 6.81
C PHE A 116 -2.75 4.00 5.89
N LYS A 117 -3.72 4.84 6.24
CA LYS A 117 -4.85 5.08 5.37
C LYS A 117 -4.44 6.02 4.23
N SER A 118 -5.24 6.09 3.17
CA SER A 118 -4.95 6.98 2.05
C SER A 118 -6.21 7.26 1.23
N SER A 119 -6.05 8.00 0.12
CA SER A 119 -7.13 8.39 -0.75
C SER A 119 -6.63 8.49 -2.19
N GLN A 120 -7.56 8.68 -3.13
CA GLN A 120 -7.22 8.84 -4.53
C GLN A 120 -6.31 10.05 -4.71
N GLU A 121 -6.45 11.05 -3.84
CA GLU A 121 -5.67 12.28 -3.88
C GLU A 121 -4.18 12.05 -3.63
N GLU A 122 -3.77 10.80 -3.38
CA GLU A 122 -2.39 10.43 -3.12
C GLU A 122 -1.90 9.34 -4.06
N VAL A 123 -2.75 8.90 -4.99
CA VAL A 123 -2.40 7.79 -5.88
C VAL A 123 -2.98 7.98 -7.29
N ARG A 124 -3.49 9.17 -7.59
CA ARG A 124 -4.08 9.47 -8.90
C ARG A 124 -3.02 9.54 -10.01
N SER A 125 -1.81 9.04 -9.76
CA SER A 125 -0.75 8.97 -10.75
C SER A 125 -1.08 7.96 -11.85
N TYR A 126 -2.26 7.31 -11.74
CA TYR A 126 -2.74 6.34 -12.72
C TYR A 126 -2.72 6.92 -14.13
N ASN A 35 -9.18 14.78 11.27
CA ASN A 35 -9.27 13.64 10.35
C ASN A 35 -7.91 12.98 10.17
N SER A 36 -7.82 11.67 10.45
CA SER A 36 -6.59 10.90 10.31
C SER A 36 -6.87 9.42 10.02
N ALA A 37 -8.15 9.04 9.96
CA ALA A 37 -8.55 7.66 9.70
C ALA A 37 -9.91 7.63 9.00
N ASP A 38 -10.34 8.79 8.47
CA ASP A 38 -11.66 8.97 7.88
C ASP A 38 -11.57 9.84 6.62
N SER A 39 -10.35 10.17 6.20
CA SER A 39 -10.10 11.00 5.01
C SER A 39 -10.43 10.26 3.70
N ALA A 40 -10.83 8.99 3.79
CA ALA A 40 -11.13 8.19 2.62
C ALA A 40 -12.10 7.07 2.94
N ASN A 41 -12.71 6.50 1.90
CA ASN A 41 -13.70 5.44 2.02
C ASN A 41 -13.82 4.67 0.70
N ASP A 42 -12.70 4.50 -0.01
CA ASP A 42 -12.70 3.88 -1.33
C ASP A 42 -11.68 2.75 -1.48
N GLY A 43 -11.00 2.39 -0.39
CA GLY A 43 -10.09 1.26 -0.41
C GLY A 43 -8.63 1.71 -0.45
N PHE A 44 -8.41 3.01 -0.67
CA PHE A 44 -7.08 3.57 -0.73
C PHE A 44 -6.38 3.40 0.61
N VAL A 45 -5.09 3.10 0.54
CA VAL A 45 -4.26 2.86 1.70
C VAL A 45 -2.82 3.25 1.37
N ARG A 46 -1.93 3.16 2.36
CA ARG A 46 -0.54 3.51 2.24
C ARG A 46 0.31 2.45 2.92
N LEU A 47 1.56 2.31 2.46
CA LEU A 47 2.47 1.31 2.96
C LEU A 47 3.86 1.92 3.09
N ARG A 48 4.66 1.42 4.04
CA ARG A 48 5.99 1.95 4.28
C ARG A 48 6.86 0.91 4.96
N GLY A 49 8.19 1.06 4.83
CA GLY A 49 9.13 0.20 5.52
C GLY A 49 9.57 -0.97 4.65
N LEU A 50 8.97 -1.10 3.48
CA LEU A 50 9.24 -2.22 2.60
C LEU A 50 10.67 -2.15 2.05
N PRO A 51 11.22 -3.31 1.65
CA PRO A 51 12.55 -3.41 1.05
C PRO A 51 12.69 -2.52 -0.18
N PHE A 52 13.92 -2.05 -0.48
CA PHE A 52 14.15 -1.26 -1.67
C PHE A 52 13.91 -2.07 -2.96
N GLY A 53 13.70 -3.39 -2.82
CA GLY A 53 13.44 -4.28 -3.95
C GLY A 53 11.99 -4.76 -3.96
N CYS A 54 11.20 -4.32 -2.97
CA CYS A 54 9.78 -4.64 -2.91
C CYS A 54 9.06 -4.00 -4.10
N THR A 55 7.93 -4.58 -4.50
CA THR A 55 7.11 -4.04 -5.56
C THR A 55 5.68 -4.52 -5.37
N LYS A 56 4.78 -4.19 -6.30
CA LYS A 56 3.37 -4.55 -6.21
C LYS A 56 3.14 -6.06 -6.08
N GLU A 57 4.12 -6.87 -6.50
CA GLU A 57 4.05 -8.33 -6.36
C GLU A 57 4.39 -8.74 -4.93
N GLU A 58 5.17 -7.93 -4.21
CA GLU A 58 5.51 -8.22 -2.82
C GLU A 58 4.42 -7.67 -1.92
N ILE A 59 3.88 -6.50 -2.26
CA ILE A 59 2.80 -5.89 -1.51
C ILE A 59 1.59 -6.81 -1.52
N VAL A 60 1.38 -7.52 -2.63
CA VAL A 60 0.18 -8.33 -2.77
C VAL A 60 0.34 -9.65 -2.03
N GLN A 61 1.56 -10.18 -1.96
CA GLN A 61 1.81 -11.34 -1.12
C GLN A 61 1.86 -10.94 0.36
N PHE A 62 2.25 -9.70 0.67
CA PHE A 62 2.20 -9.19 2.02
C PHE A 62 0.75 -9.08 2.47
N PHE A 63 -0.16 -8.92 1.51
CA PHE A 63 -1.59 -8.86 1.74
C PHE A 63 -2.23 -10.10 1.14
N SER A 64 -1.52 -11.23 1.15
CA SER A 64 -2.14 -12.50 0.81
C SER A 64 -3.19 -12.78 1.88
N GLY A 65 -4.28 -13.47 1.54
CA GLY A 65 -5.40 -13.64 2.45
C GLY A 65 -6.35 -12.44 2.36
N LEU A 66 -6.05 -11.53 1.44
CA LEU A 66 -6.81 -10.31 1.17
C LEU A 66 -6.86 -10.15 -0.35
N GLU A 67 -7.35 -9.01 -0.85
CA GLU A 67 -7.41 -8.77 -2.28
C GLU A 67 -7.19 -7.29 -2.58
N ILE A 68 -6.85 -6.98 -3.83
CA ILE A 68 -6.55 -5.62 -4.27
C ILE A 68 -7.14 -5.44 -5.67
N VAL A 69 -7.57 -4.22 -6.02
CA VAL A 69 -8.14 -3.99 -7.35
C VAL A 69 -7.04 -4.00 -8.41
N PRO A 70 -7.39 -4.32 -9.66
CA PRO A 70 -6.47 -4.32 -10.79
C PRO A 70 -5.68 -3.01 -10.89
N ASN A 71 -4.38 -3.11 -11.20
CA ASN A 71 -3.46 -1.99 -11.28
C ASN A 71 -3.67 -0.99 -10.14
N GLY A 72 -4.01 -1.49 -8.95
CA GLY A 72 -4.36 -0.67 -7.80
C GLY A 72 -3.17 -0.39 -6.91
N ILE A 73 -1.95 -0.34 -7.46
CA ILE A 73 -0.76 -0.15 -6.65
C ILE A 73 0.19 0.84 -7.34
N THR A 74 0.89 1.64 -6.54
CA THR A 74 1.83 2.64 -7.02
C THR A 74 3.07 2.65 -6.13
N LEU A 75 4.22 3.01 -6.71
CA LEU A 75 5.52 2.96 -6.06
C LEU A 75 6.35 4.19 -6.43
N PRO A 76 6.25 5.27 -5.64
CA PRO A 76 7.06 6.47 -5.83
C PRO A 76 8.55 6.15 -5.85
N VAL A 77 9.35 6.99 -6.51
CA VAL A 77 10.79 6.81 -6.58
C VAL A 77 11.53 8.14 -6.52
N ASP A 78 12.85 8.06 -6.35
CA ASP A 78 13.73 9.21 -6.32
C ASP A 78 14.34 9.40 -7.72
N PRO A 79 15.16 10.44 -7.95
CA PRO A 79 15.83 10.64 -9.22
C PRO A 79 16.71 9.46 -9.60
N GLU A 80 17.07 8.65 -8.60
CA GLU A 80 17.86 7.44 -8.78
C GLU A 80 17.00 6.30 -9.36
N GLY A 81 15.69 6.50 -9.40
CA GLY A 81 14.74 5.46 -9.77
C GLY A 81 14.50 4.50 -8.62
N LYS A 82 15.11 4.81 -7.47
CA LYS A 82 15.02 4.04 -6.24
C LYS A 82 13.75 4.43 -5.51
N ILE A 83 13.04 3.43 -5.00
CA ILE A 83 11.79 3.70 -4.29
C ILE A 83 12.06 4.43 -2.99
N THR A 84 11.10 5.28 -2.62
CA THR A 84 11.19 6.15 -1.46
C THR A 84 11.00 5.40 -0.14
N GLY A 85 10.77 4.08 -0.23
CA GLY A 85 10.58 3.23 0.94
C GLY A 85 9.11 3.18 1.36
N GLU A 86 8.22 3.79 0.56
CA GLU A 86 6.79 3.77 0.81
C GLU A 86 6.03 3.56 -0.49
N ALA A 87 4.73 3.31 -0.38
CA ALA A 87 3.88 2.98 -1.51
C ALA A 87 2.44 3.35 -1.23
N PHE A 88 1.58 3.09 -2.22
CA PHE A 88 0.17 3.43 -2.18
C PHE A 88 -0.58 2.31 -2.88
N VAL A 89 -1.79 2.02 -2.40
CA VAL A 89 -2.56 0.91 -2.92
C VAL A 89 -4.04 1.25 -2.88
N GLN A 90 -4.84 0.47 -3.62
CA GLN A 90 -6.27 0.50 -3.53
C GLN A 90 -6.77 -0.92 -3.34
N PHE A 91 -7.13 -1.24 -2.10
CA PHE A 91 -7.77 -2.50 -1.81
C PHE A 91 -9.20 -2.46 -2.33
N ALA A 92 -9.88 -3.61 -2.30
CA ALA A 92 -11.26 -3.71 -2.72
C ALA A 92 -12.16 -2.99 -1.71
N SER A 93 -12.43 -1.71 -1.98
CA SER A 93 -13.20 -0.82 -1.12
C SER A 93 -12.53 -0.64 0.24
N GLN A 94 -13.02 0.32 1.03
CA GLN A 94 -12.41 0.64 2.31
C GLN A 94 -12.58 -0.51 3.31
N GLU A 95 -13.46 -1.46 3.00
CA GLU A 95 -13.70 -2.61 3.87
C GLU A 95 -12.48 -3.54 3.88
N LEU A 96 -11.88 -3.78 2.70
CA LEU A 96 -10.69 -4.61 2.60
C LEU A 96 -9.51 -3.84 3.20
N ALA A 97 -9.45 -2.53 2.96
CA ALA A 97 -8.36 -1.72 3.49
C ALA A 97 -8.29 -1.82 5.02
N GLU A 98 -9.46 -1.86 5.67
CA GLU A 98 -9.51 -1.92 7.12
C GLU A 98 -9.02 -3.27 7.63
N LYS A 99 -9.18 -4.33 6.83
CA LYS A 99 -8.65 -5.63 7.19
C LYS A 99 -7.14 -5.68 7.06
N ALA A 100 -6.61 -5.02 6.01
CA ALA A 100 -5.18 -4.95 5.77
C ALA A 100 -4.44 -4.23 6.90
N LEU A 101 -5.14 -3.40 7.68
CA LEU A 101 -4.57 -2.70 8.82
C LEU A 101 -4.25 -3.66 9.97
N GLY A 102 -4.66 -4.92 9.86
CA GLY A 102 -4.39 -5.90 10.90
C GLY A 102 -2.94 -6.35 10.83
N LYS A 103 -2.29 -6.05 9.71
CA LYS A 103 -0.89 -6.35 9.46
C LYS A 103 0.00 -5.37 10.20
N HIS A 104 -0.24 -4.09 9.95
CA HIS A 104 0.64 -2.99 10.29
C HIS A 104 2.10 -3.43 10.46
N LYS A 105 2.59 -3.58 11.69
CA LYS A 105 3.98 -3.89 11.96
C LYS A 105 4.41 -5.31 11.57
N GLU A 106 3.64 -5.98 10.70
CA GLU A 106 4.01 -7.26 10.10
C GLU A 106 5.31 -7.17 9.32
N ARG A 107 5.73 -8.30 8.75
CA ARG A 107 7.00 -8.42 8.05
C ARG A 107 6.80 -9.03 6.68
N ILE A 108 7.78 -8.86 5.78
CA ILE A 108 7.65 -9.35 4.40
C ILE A 108 8.71 -10.39 4.04
N GLY A 109 9.61 -10.73 4.98
CA GLY A 109 10.59 -11.79 4.75
C GLY A 109 11.84 -11.65 5.61
N HIS A 110 12.30 -10.42 5.83
CA HIS A 110 13.49 -10.13 6.63
C HIS A 110 13.43 -8.71 7.19
N ARG A 111 12.32 -8.03 6.97
CA ARG A 111 12.15 -6.61 7.24
C ARG A 111 10.70 -6.37 7.66
N TYR A 112 10.44 -5.29 8.40
CA TYR A 112 9.09 -5.02 8.86
C TYR A 112 8.46 -3.93 8.04
N ILE A 113 7.13 -3.95 7.97
CA ILE A 113 6.36 -3.09 7.12
C ILE A 113 5.42 -2.27 8.00
N GLU A 114 4.73 -1.29 7.41
CA GLU A 114 3.77 -0.47 8.12
C GLU A 114 2.55 -0.25 7.24
N VAL A 115 1.40 0.04 7.83
CA VAL A 115 0.15 0.25 7.10
C VAL A 115 -0.48 1.54 7.61
N PHE A 116 -0.99 2.35 6.68
CA PHE A 116 -1.60 3.64 6.99
C PHE A 116 -2.71 3.90 5.99
N LYS A 117 -3.65 4.79 6.29
CA LYS A 117 -4.73 5.07 5.36
C LYS A 117 -4.27 6.02 4.26
N SER A 118 -5.05 6.12 3.18
CA SER A 118 -4.73 7.02 2.07
C SER A 118 -5.98 7.34 1.25
N SER A 119 -5.80 8.07 0.15
CA SER A 119 -6.88 8.49 -0.74
C SER A 119 -6.38 8.56 -2.16
N GLN A 120 -7.30 8.77 -3.10
CA GLN A 120 -6.95 8.86 -4.50
C GLN A 120 -5.97 10.00 -4.75
N GLU A 121 -6.06 11.06 -3.96
CA GLU A 121 -5.22 12.25 -4.08
C GLU A 121 -3.74 11.95 -3.81
N GLU A 122 -3.42 10.73 -3.39
CA GLU A 122 -2.06 10.31 -3.08
C GLU A 122 -1.61 9.17 -3.98
N VAL A 123 -2.46 8.76 -4.94
CA VAL A 123 -2.15 7.62 -5.78
C VAL A 123 -2.70 7.81 -7.19
N ARG A 124 -3.18 9.02 -7.52
CA ARG A 124 -3.74 9.31 -8.84
C ARG A 124 -2.69 9.31 -9.95
N SER A 125 -1.49 8.80 -9.67
CA SER A 125 -0.42 8.66 -10.66
C SER A 125 -0.80 7.63 -11.73
N TYR A 126 -1.97 7.02 -11.60
CA TYR A 126 -2.49 6.05 -12.56
C TYR A 126 -2.48 6.60 -13.98
N ASN A 35 -16.25 16.06 9.15
CA ASN A 35 -17.09 15.30 8.22
C ASN A 35 -16.59 15.48 6.79
N SER A 36 -16.45 14.38 6.04
CA SER A 36 -15.99 14.40 4.67
C SER A 36 -16.57 13.21 3.89
N ALA A 37 -16.41 13.21 2.57
CA ALA A 37 -16.94 12.17 1.71
C ALA A 37 -16.12 12.06 0.42
N ASP A 38 -16.46 11.08 -0.42
CA ASP A 38 -15.79 10.80 -1.68
C ASP A 38 -14.28 10.58 -1.53
N SER A 39 -13.80 10.33 -0.31
CA SER A 39 -12.39 10.06 -0.06
C SER A 39 -12.22 9.22 1.20
N ALA A 40 -11.01 8.67 1.39
CA ALA A 40 -10.64 7.82 2.50
C ALA A 40 -11.63 6.71 2.83
N ASN A 41 -12.41 6.26 1.83
CA ASN A 41 -13.35 5.20 2.07
C ASN A 41 -13.60 4.36 0.80
N ASP A 42 -12.58 4.27 -0.06
CA ASP A 42 -12.69 3.58 -1.33
C ASP A 42 -11.67 2.45 -1.47
N GLY A 43 -10.95 2.15 -0.38
CA GLY A 43 -9.99 1.06 -0.36
C GLY A 43 -8.56 1.57 -0.39
N PHE A 44 -8.40 2.88 -0.62
CA PHE A 44 -7.09 3.50 -0.67
C PHE A 44 -6.37 3.35 0.66
N VAL A 45 -5.08 3.05 0.55
CA VAL A 45 -4.19 2.86 1.69
C VAL A 45 -2.79 3.28 1.27
N ARG A 46 -1.86 3.26 2.23
CA ARG A 46 -0.48 3.64 2.01
C ARG A 46 0.42 2.64 2.73
N LEU A 47 1.66 2.50 2.26
CA LEU A 47 2.56 1.48 2.74
C LEU A 47 3.96 2.07 2.91
N ARG A 48 4.72 1.59 3.89
CA ARG A 48 6.07 2.06 4.16
C ARG A 48 6.86 0.96 4.86
N GLY A 49 8.20 1.06 4.87
CA GLY A 49 9.05 0.07 5.50
C GLY A 49 9.59 -0.93 4.47
N LEU A 50 9.23 -0.73 3.20
CA LEU A 50 9.60 -1.64 2.12
C LEU A 50 11.10 -1.84 2.02
N PRO A 51 11.51 -3.02 1.56
CA PRO A 51 12.89 -3.43 1.41
C PRO A 51 13.58 -2.81 0.20
N PHE A 52 13.11 -1.64 -0.23
CA PHE A 52 13.61 -0.92 -1.41
C PHE A 52 13.64 -1.75 -2.69
N GLY A 53 12.98 -2.92 -2.73
CA GLY A 53 12.98 -3.77 -3.91
C GLY A 53 11.63 -4.39 -4.19
N CYS A 54 10.72 -4.35 -3.22
CA CYS A 54 9.35 -4.81 -3.39
C CYS A 54 8.60 -3.91 -4.38
N THR A 55 7.58 -4.47 -5.05
CA THR A 55 6.71 -3.74 -5.95
C THR A 55 5.31 -4.35 -5.89
N LYS A 56 4.45 -4.12 -6.89
CA LYS A 56 3.07 -4.58 -6.87
C LYS A 56 2.92 -6.06 -6.52
N GLU A 57 3.91 -6.89 -6.89
CA GLU A 57 3.83 -8.32 -6.69
C GLU A 57 4.26 -8.74 -5.29
N GLU A 58 5.01 -7.89 -4.58
CA GLU A 58 5.44 -8.20 -3.23
C GLU A 58 4.48 -7.57 -2.23
N ILE A 59 3.91 -6.42 -2.61
CA ILE A 59 2.87 -5.80 -1.80
C ILE A 59 1.67 -6.74 -1.77
N VAL A 60 1.41 -7.44 -2.87
CA VAL A 60 0.21 -8.26 -2.94
C VAL A 60 0.41 -9.58 -2.20
N GLN A 61 1.63 -10.11 -2.20
CA GLN A 61 1.91 -11.28 -1.38
C GLN A 61 2.00 -10.91 0.10
N PHE A 62 2.45 -9.69 0.43
CA PHE A 62 2.42 -9.21 1.80
C PHE A 62 0.98 -9.05 2.28
N PHE A 63 0.06 -8.90 1.33
CA PHE A 63 -1.36 -8.79 1.58
C PHE A 63 -2.09 -9.99 0.97
N SER A 64 -1.42 -11.14 0.92
CA SER A 64 -2.09 -12.36 0.51
C SER A 64 -3.19 -12.66 1.53
N GLY A 65 -4.36 -13.10 1.07
CA GLY A 65 -5.52 -13.26 1.94
C GLY A 65 -6.25 -11.92 2.12
N LEU A 66 -5.75 -10.89 1.44
CA LEU A 66 -6.28 -9.53 1.49
C LEU A 66 -6.25 -8.96 0.07
N GLU A 67 -7.24 -9.37 -0.73
CA GLU A 67 -7.31 -9.04 -2.16
C GLU A 67 -7.14 -7.55 -2.44
N ILE A 68 -6.78 -7.24 -3.69
CA ILE A 68 -6.58 -5.89 -4.15
C ILE A 68 -7.25 -5.76 -5.52
N VAL A 69 -7.67 -4.55 -5.90
CA VAL A 69 -8.30 -4.31 -7.20
C VAL A 69 -7.34 -4.70 -8.34
N PRO A 70 -7.89 -5.02 -9.52
CA PRO A 70 -7.13 -5.47 -10.68
C PRO A 70 -5.88 -4.64 -10.98
N ASN A 71 -5.92 -3.35 -10.66
CA ASN A 71 -4.78 -2.46 -10.77
C ASN A 71 -5.04 -1.25 -9.88
N GLY A 72 -4.35 -1.19 -8.75
CA GLY A 72 -4.53 -0.13 -7.78
C GLY A 72 -3.27 0.18 -6.99
N ILE A 73 -2.08 -0.17 -7.49
CA ILE A 73 -0.87 -0.01 -6.71
C ILE A 73 0.08 0.97 -7.40
N THR A 74 0.83 1.72 -6.60
CA THR A 74 1.81 2.69 -7.07
C THR A 74 3.03 2.66 -6.16
N LEU A 75 4.22 2.86 -6.74
CA LEU A 75 5.48 2.88 -6.03
C LEU A 75 6.38 4.00 -6.57
N PRO A 76 6.39 5.15 -5.90
CA PRO A 76 7.27 6.26 -6.22
C PRO A 76 8.74 5.83 -6.18
N VAL A 77 9.60 6.53 -6.93
CA VAL A 77 11.02 6.21 -6.94
C VAL A 77 11.88 7.48 -7.01
N ASP A 78 13.18 7.30 -6.80
CA ASP A 78 14.16 8.36 -6.87
C ASP A 78 14.78 8.35 -8.28
N PRO A 79 15.68 9.29 -8.62
CA PRO A 79 16.35 9.32 -9.90
C PRO A 79 17.12 8.03 -10.18
N GLU A 80 17.41 7.28 -9.10
CA GLU A 80 18.13 6.02 -9.17
C GLU A 80 17.18 4.87 -9.55
N GLY A 81 15.88 5.14 -9.60
CA GLY A 81 14.85 4.14 -9.84
C GLY A 81 14.55 3.35 -8.56
N LYS A 82 15.19 3.74 -7.46
CA LYS A 82 15.03 3.15 -6.15
C LYS A 82 13.77 3.72 -5.52
N ILE A 83 12.95 2.85 -4.94
CA ILE A 83 11.72 3.32 -4.33
C ILE A 83 12.03 4.14 -3.10
N THR A 84 11.15 5.11 -2.84
CA THR A 84 11.32 6.08 -1.77
C THR A 84 11.11 5.44 -0.39
N GLY A 85 10.84 4.13 -0.35
CA GLY A 85 10.64 3.38 0.88
C GLY A 85 9.16 3.26 1.23
N GLU A 86 8.29 3.82 0.38
CA GLU A 86 6.86 3.79 0.60
C GLU A 86 6.11 3.57 -0.71
N ALA A 87 4.81 3.31 -0.60
CA ALA A 87 3.95 3.01 -1.73
C ALA A 87 2.51 3.35 -1.41
N PHE A 88 1.61 3.06 -2.35
CA PHE A 88 0.21 3.40 -2.26
C PHE A 88 -0.57 2.28 -2.93
N VAL A 89 -1.77 2.00 -2.43
CA VAL A 89 -2.56 0.86 -2.91
C VAL A 89 -4.04 1.20 -2.84
N GLN A 90 -4.84 0.42 -3.56
CA GLN A 90 -6.29 0.47 -3.46
C GLN A 90 -6.83 -0.94 -3.27
N PHE A 91 -7.04 -1.33 -2.02
CA PHE A 91 -7.65 -2.61 -1.73
C PHE A 91 -9.09 -2.59 -2.23
N ALA A 92 -9.74 -3.76 -2.22
CA ALA A 92 -11.11 -3.88 -2.64
C ALA A 92 -12.02 -3.19 -1.62
N SER A 93 -12.32 -1.91 -1.88
CA SER A 93 -13.12 -1.05 -1.01
C SER A 93 -12.45 -0.84 0.35
N GLN A 94 -12.94 0.11 1.15
CA GLN A 94 -12.31 0.43 2.41
C GLN A 94 -12.34 -0.78 3.35
N GLU A 95 -13.32 -1.68 3.20
CA GLU A 95 -13.46 -2.82 4.09
C GLU A 95 -12.22 -3.71 4.03
N LEU A 96 -11.67 -3.93 2.83
CA LEU A 96 -10.48 -4.73 2.69
C LEU A 96 -9.28 -3.96 3.24
N ALA A 97 -9.23 -2.63 3.02
CA ALA A 97 -8.14 -1.82 3.53
C ALA A 97 -8.07 -1.92 5.05
N GLU A 98 -9.22 -1.97 5.73
CA GLU A 98 -9.28 -2.00 7.17
C GLU A 98 -8.75 -3.30 7.72
N LYS A 99 -8.91 -4.39 6.96
CA LYS A 99 -8.37 -5.69 7.34
C LYS A 99 -6.86 -5.69 7.21
N ALA A 100 -6.36 -5.07 6.14
CA ALA A 100 -4.92 -4.96 5.89
C ALA A 100 -4.21 -4.11 6.94
N LEU A 101 -4.95 -3.33 7.74
CA LEU A 101 -4.34 -2.51 8.79
C LEU A 101 -3.72 -3.36 9.90
N GLY A 102 -3.99 -4.67 9.91
CA GLY A 102 -3.43 -5.55 10.91
C GLY A 102 -1.95 -5.83 10.62
N LYS A 103 -1.50 -5.44 9.43
CA LYS A 103 -0.16 -5.64 8.92
C LYS A 103 0.79 -4.52 9.32
N HIS A 104 0.26 -3.49 9.98
CA HIS A 104 1.01 -2.31 10.41
C HIS A 104 2.39 -2.58 11.02
N LYS A 105 2.66 -3.80 11.52
CA LYS A 105 3.99 -4.12 12.02
C LYS A 105 4.42 -5.54 11.64
N GLU A 106 3.78 -6.12 10.62
CA GLU A 106 4.17 -7.41 10.07
C GLU A 106 5.41 -7.27 9.20
N ARG A 107 5.82 -8.37 8.56
CA ARG A 107 7.07 -8.44 7.84
C ARG A 107 6.93 -9.09 6.46
N ILE A 108 7.94 -8.89 5.61
CA ILE A 108 7.98 -9.48 4.27
C ILE A 108 9.04 -10.59 4.16
N GLY A 109 9.93 -10.71 5.16
CA GLY A 109 10.90 -11.80 5.17
C GLY A 109 12.14 -11.52 6.02
N HIS A 110 12.56 -10.25 6.10
CA HIS A 110 13.73 -9.87 6.89
C HIS A 110 13.60 -8.41 7.36
N ARG A 111 12.47 -7.78 7.05
CA ARG A 111 12.21 -6.37 7.32
C ARG A 111 10.74 -6.22 7.68
N TYR A 112 10.39 -5.17 8.43
CA TYR A 112 9.01 -4.99 8.82
C TYR A 112 8.40 -3.83 8.04
N ILE A 113 7.09 -3.93 7.84
CA ILE A 113 6.35 -3.03 6.97
C ILE A 113 5.28 -2.33 7.80
N GLU A 114 4.78 -1.20 7.32
CA GLU A 114 3.76 -0.45 8.02
C GLU A 114 2.65 -0.06 7.06
N VAL A 115 1.42 -0.03 7.57
CA VAL A 115 0.24 0.27 6.79
C VAL A 115 -0.36 1.56 7.34
N PHE A 116 -0.78 2.45 6.45
CA PHE A 116 -1.33 3.74 6.80
C PHE A 116 -2.54 3.99 5.90
N LYS A 117 -3.51 4.80 6.33
CA LYS A 117 -4.67 5.05 5.49
C LYS A 117 -4.31 6.01 4.35
N SER A 118 -5.14 6.08 3.31
CA SER A 118 -4.92 6.98 2.20
C SER A 118 -6.19 7.25 1.41
N SER A 119 -6.06 8.00 0.32
CA SER A 119 -7.14 8.37 -0.59
C SER A 119 -6.59 8.51 -2.01
N GLN A 120 -7.48 8.66 -2.99
CA GLN A 120 -7.11 8.78 -4.39
C GLN A 120 -6.17 9.97 -4.61
N GLU A 121 -6.31 11.04 -3.81
CA GLU A 121 -5.51 12.25 -3.95
C GLU A 121 -4.02 12.01 -3.64
N GLU A 122 -3.67 10.81 -3.18
CA GLU A 122 -2.29 10.45 -2.85
C GLU A 122 -1.78 9.34 -3.76
N VAL A 123 -2.60 8.91 -4.73
CA VAL A 123 -2.23 7.81 -5.62
C VAL A 123 -2.73 8.08 -7.05
N ARG A 124 -3.23 9.29 -7.31
CA ARG A 124 -3.75 9.68 -8.61
C ARG A 124 -2.65 9.84 -9.66
N SER A 125 -1.46 9.30 -9.40
CA SER A 125 -0.34 9.31 -10.33
C SER A 125 -0.62 8.43 -11.54
N TYR A 126 -1.80 7.79 -11.57
CA TYR A 126 -2.24 6.94 -12.67
C TYR A 126 -2.16 7.66 -14.01
N ASN A 35 -24.97 8.92 2.26
CA ASN A 35 -23.51 9.06 2.37
C ASN A 35 -23.12 9.51 3.77
N SER A 36 -21.91 9.17 4.21
CA SER A 36 -21.41 9.53 5.53
C SER A 36 -19.92 9.86 5.51
N ALA A 37 -19.34 9.96 4.31
CA ALA A 37 -17.93 10.26 4.13
C ALA A 37 -17.70 10.92 2.76
N ASP A 38 -16.47 11.40 2.53
CA ASP A 38 -16.12 12.05 1.27
C ASP A 38 -14.66 11.77 0.88
N SER A 39 -13.92 11.05 1.74
CA SER A 39 -12.54 10.70 1.49
C SER A 39 -12.15 9.46 2.29
N ALA A 40 -10.97 8.90 1.99
CA ALA A 40 -10.42 7.72 2.65
C ALA A 40 -11.45 6.62 2.92
N ASN A 41 -12.27 6.30 1.92
CA ASN A 41 -13.30 5.29 2.08
C ASN A 41 -13.55 4.47 0.81
N ASP A 42 -12.52 4.36 -0.04
CA ASP A 42 -12.64 3.66 -1.31
C ASP A 42 -11.64 2.52 -1.44
N GLY A 43 -10.93 2.21 -0.36
CA GLY A 43 -10.00 1.10 -0.32
C GLY A 43 -8.56 1.59 -0.40
N PHE A 44 -8.37 2.87 -0.66
CA PHE A 44 -7.04 3.45 -0.74
C PHE A 44 -6.31 3.31 0.59
N VAL A 45 -5.02 3.02 0.49
CA VAL A 45 -4.14 2.83 1.62
C VAL A 45 -2.72 3.24 1.21
N ARG A 46 -1.79 3.20 2.15
CA ARG A 46 -0.41 3.57 1.94
C ARG A 46 0.48 2.55 2.64
N LEU A 47 1.71 2.38 2.15
CA LEU A 47 2.61 1.37 2.64
C LEU A 47 3.99 1.98 2.88
N ARG A 48 4.72 1.47 3.87
CA ARG A 48 6.01 2.03 4.27
C ARG A 48 6.86 0.92 4.89
N GLY A 49 8.18 1.13 4.95
CA GLY A 49 9.08 0.16 5.55
C GLY A 49 9.61 -0.84 4.53
N LEU A 50 9.25 -0.65 3.26
CA LEU A 50 9.61 -1.57 2.19
C LEU A 50 11.12 -1.76 2.09
N PRO A 51 11.53 -2.96 1.64
CA PRO A 51 12.91 -3.35 1.47
C PRO A 51 13.59 -2.70 0.26
N PHE A 52 13.09 -1.54 -0.17
CA PHE A 52 13.56 -0.80 -1.34
C PHE A 52 13.62 -1.64 -2.62
N GLY A 53 13.00 -2.83 -2.65
CA GLY A 53 13.01 -3.68 -3.83
C GLY A 53 11.65 -4.33 -4.10
N CYS A 54 10.72 -4.19 -3.15
CA CYS A 54 9.34 -4.65 -3.28
C CYS A 54 8.66 -3.98 -4.47
N THR A 55 7.71 -4.67 -5.09
CA THR A 55 6.85 -4.11 -6.14
C THR A 55 5.43 -4.65 -5.97
N LYS A 56 4.56 -4.46 -6.96
CA LYS A 56 3.16 -4.91 -6.87
C LYS A 56 3.04 -6.38 -6.46
N GLU A 57 4.04 -7.19 -6.81
CA GLU A 57 4.01 -8.62 -6.52
C GLU A 57 4.42 -8.94 -5.08
N GLU A 58 5.12 -8.02 -4.42
CA GLU A 58 5.49 -8.22 -3.03
C GLU A 58 4.43 -7.61 -2.12
N ILE A 59 3.83 -6.51 -2.56
CA ILE A 59 2.72 -5.88 -1.86
C ILE A 59 1.56 -6.86 -1.81
N VAL A 60 1.38 -7.65 -2.86
CA VAL A 60 0.21 -8.51 -2.96
C VAL A 60 0.43 -9.81 -2.20
N GLN A 61 1.66 -10.30 -2.17
CA GLN A 61 1.98 -11.46 -1.34
C GLN A 61 2.00 -11.08 0.14
N PHE A 62 2.31 -9.81 0.46
CA PHE A 62 2.26 -9.33 1.83
C PHE A 62 0.81 -9.22 2.30
N PHE A 63 -0.11 -9.04 1.36
CA PHE A 63 -1.53 -8.95 1.60
C PHE A 63 -2.22 -10.17 0.96
N SER A 64 -1.53 -11.32 0.92
CA SER A 64 -2.06 -12.54 0.34
C SER A 64 -3.24 -13.10 1.15
N GLY A 65 -3.40 -12.64 2.40
CA GLY A 65 -4.53 -13.02 3.25
C GLY A 65 -5.68 -12.04 3.06
N LEU A 66 -5.59 -11.26 1.98
CA LEU A 66 -6.48 -10.15 1.65
C LEU A 66 -6.66 -10.15 0.13
N GLU A 67 -7.15 -9.04 -0.44
CA GLU A 67 -7.28 -8.90 -1.88
C GLU A 67 -7.07 -7.44 -2.27
N ILE A 68 -6.80 -7.20 -3.56
CA ILE A 68 -6.54 -5.86 -4.07
C ILE A 68 -7.20 -5.74 -5.46
N VAL A 69 -7.60 -4.54 -5.86
CA VAL A 69 -8.23 -4.34 -7.16
C VAL A 69 -7.17 -4.39 -8.27
N PRO A 70 -7.58 -4.72 -9.50
CA PRO A 70 -6.72 -4.74 -10.67
C PRO A 70 -5.91 -3.45 -10.81
N ASN A 71 -4.62 -3.57 -11.14
CA ASN A 71 -3.69 -2.46 -11.29
C ASN A 71 -3.90 -1.39 -10.21
N GLY A 72 -4.18 -1.82 -8.98
CA GLY A 72 -4.54 -0.94 -7.89
C GLY A 72 -3.33 -0.59 -7.02
N ILE A 73 -2.11 -0.58 -7.58
CA ILE A 73 -0.93 -0.31 -6.79
C ILE A 73 -0.06 0.71 -7.52
N THR A 74 0.64 1.55 -6.74
CA THR A 74 1.53 2.58 -7.25
C THR A 74 2.79 2.62 -6.39
N LEU A 75 3.92 2.97 -7.01
CA LEU A 75 5.21 2.93 -6.37
C LEU A 75 6.10 4.06 -6.88
N PRO A 76 6.19 5.17 -6.12
CA PRO A 76 7.12 6.25 -6.39
C PRO A 76 8.55 5.73 -6.44
N VAL A 77 9.45 6.46 -7.11
CA VAL A 77 10.86 6.11 -7.08
C VAL A 77 11.75 7.35 -7.12
N ASP A 78 13.02 7.16 -6.77
CA ASP A 78 14.04 8.19 -6.85
C ASP A 78 14.69 8.11 -8.24
N PRO A 79 15.61 9.02 -8.58
CA PRO A 79 16.36 8.96 -9.82
C PRO A 79 17.13 7.66 -9.95
N GLU A 80 17.36 6.99 -8.81
CA GLU A 80 18.06 5.72 -8.73
C GLU A 80 17.14 4.56 -9.10
N GLY A 81 15.83 4.83 -9.22
CA GLY A 81 14.82 3.81 -9.43
C GLY A 81 14.40 3.19 -8.11
N LYS A 82 14.98 3.67 -7.01
CA LYS A 82 14.72 3.22 -5.66
C LYS A 82 13.34 3.72 -5.23
N ILE A 83 12.54 2.81 -4.69
CA ILE A 83 11.12 3.06 -4.42
C ILE A 83 10.84 4.01 -3.26
N THR A 84 11.87 4.68 -2.78
CA THR A 84 11.78 5.67 -1.71
C THR A 84 11.39 5.04 -0.36
N GLY A 85 10.89 3.80 -0.40
CA GLY A 85 10.55 3.02 0.79
C GLY A 85 9.06 3.01 1.08
N GLU A 86 8.23 3.57 0.19
CA GLU A 86 6.79 3.63 0.40
C GLU A 86 6.03 3.44 -0.91
N ALA A 87 4.71 3.23 -0.78
CA ALA A 87 3.83 2.94 -1.90
C ALA A 87 2.40 3.33 -1.57
N PHE A 88 1.50 3.07 -2.52
CA PHE A 88 0.11 3.41 -2.43
C PHE A 88 -0.67 2.29 -3.11
N VAL A 89 -1.87 2.00 -2.59
CA VAL A 89 -2.65 0.87 -3.09
C VAL A 89 -4.12 1.20 -3.00
N GLN A 90 -4.93 0.40 -3.70
CA GLN A 90 -6.37 0.45 -3.60
C GLN A 90 -6.89 -0.97 -3.36
N PHE A 91 -7.12 -1.30 -2.09
CA PHE A 91 -7.73 -2.55 -1.74
C PHE A 91 -9.18 -2.55 -2.20
N ALA A 92 -9.84 -3.70 -2.09
CA ALA A 92 -11.24 -3.83 -2.44
C ALA A 92 -12.10 -3.11 -1.41
N SER A 93 -12.42 -1.84 -1.70
CA SER A 93 -13.18 -0.95 -0.83
C SER A 93 -12.46 -0.73 0.50
N GLN A 94 -12.93 0.25 1.29
CA GLN A 94 -12.28 0.57 2.55
C GLN A 94 -12.29 -0.63 3.49
N GLU A 95 -13.28 -1.52 3.36
CA GLU A 95 -13.44 -2.64 4.26
C GLU A 95 -12.22 -3.57 4.20
N LEU A 96 -11.64 -3.74 3.01
CA LEU A 96 -10.43 -4.55 2.88
C LEU A 96 -9.25 -3.77 3.44
N ALA A 97 -9.19 -2.46 3.18
CA ALA A 97 -8.10 -1.64 3.68
C ALA A 97 -8.01 -1.72 5.20
N GLU A 98 -9.17 -1.78 5.86
CA GLU A 98 -9.23 -1.82 7.32
C GLU A 98 -8.68 -3.14 7.83
N LYS A 99 -8.87 -4.23 7.07
CA LYS A 99 -8.31 -5.52 7.44
C LYS A 99 -6.80 -5.52 7.27
N ALA A 100 -6.32 -4.88 6.21
CA ALA A 100 -4.90 -4.75 5.94
C ALA A 100 -4.17 -3.96 7.02
N LEU A 101 -4.89 -3.18 7.84
CA LEU A 101 -4.28 -2.39 8.90
C LEU A 101 -3.66 -3.28 9.98
N GLY A 102 -4.01 -4.57 10.00
CA GLY A 102 -3.45 -5.49 10.97
C GLY A 102 -1.99 -5.83 10.64
N LYS A 103 -1.55 -5.42 9.46
CA LYS A 103 -0.20 -5.67 8.95
C LYS A 103 0.77 -4.56 9.31
N HIS A 104 0.30 -3.52 10.00
CA HIS A 104 1.09 -2.38 10.42
C HIS A 104 2.46 -2.70 11.01
N LYS A 105 2.70 -3.92 11.48
CA LYS A 105 4.02 -4.30 11.99
C LYS A 105 4.41 -5.71 11.57
N GLU A 106 3.72 -6.28 10.57
CA GLU A 106 4.08 -7.57 10.00
C GLU A 106 5.30 -7.44 9.10
N ARG A 107 5.65 -8.52 8.41
CA ARG A 107 6.90 -8.60 7.69
C ARG A 107 6.74 -9.18 6.28
N ILE A 108 7.79 -9.02 5.47
CA ILE A 108 7.89 -9.55 4.11
C ILE A 108 9.10 -10.47 3.99
N GLY A 109 10.05 -10.33 4.92
CA GLY A 109 11.28 -11.11 4.96
C GLY A 109 12.44 -10.18 5.28
N HIS A 110 13.32 -10.61 6.19
CA HIS A 110 14.44 -9.85 6.75
C HIS A 110 14.10 -8.41 7.17
N ARG A 111 12.84 -7.98 7.04
CA ARG A 111 12.43 -6.61 7.31
C ARG A 111 10.98 -6.58 7.77
N TYR A 112 10.54 -5.44 8.31
CA TYR A 112 9.15 -5.27 8.72
C TYR A 112 8.53 -4.11 7.97
N ILE A 113 7.21 -4.14 7.83
CA ILE A 113 6.46 -3.23 6.97
C ILE A 113 5.42 -2.50 7.81
N GLU A 114 4.89 -1.39 7.30
CA GLU A 114 3.86 -0.64 8.00
C GLU A 114 2.75 -0.27 7.02
N VAL A 115 1.54 -0.16 7.55
CA VAL A 115 0.35 0.17 6.77
C VAL A 115 -0.22 1.47 7.32
N PHE A 116 -0.61 2.37 6.41
CA PHE A 116 -1.14 3.68 6.76
C PHE A 116 -2.36 3.91 5.87
N LYS A 117 -3.33 4.72 6.31
CA LYS A 117 -4.51 4.98 5.51
C LYS A 117 -4.19 5.94 4.37
N SER A 118 -5.06 6.00 3.35
CA SER A 118 -4.86 6.91 2.24
C SER A 118 -6.15 7.20 1.49
N SER A 119 -6.04 7.96 0.39
CA SER A 119 -7.14 8.39 -0.46
C SER A 119 -6.64 8.51 -1.90
N GLN A 120 -7.57 8.67 -2.85
CA GLN A 120 -7.24 8.83 -4.25
C GLN A 120 -6.31 10.04 -4.47
N GLU A 121 -6.45 11.07 -3.63
CA GLU A 121 -5.66 12.28 -3.77
C GLU A 121 -4.17 12.02 -3.56
N GLU A 122 -3.81 10.88 -2.98
CA GLU A 122 -2.42 10.51 -2.70
C GLU A 122 -1.90 9.51 -3.72
N VAL A 123 -2.73 9.11 -4.69
CA VAL A 123 -2.36 8.08 -5.66
C VAL A 123 -2.93 8.42 -7.04
N ARG A 124 -3.38 9.66 -7.23
CA ARG A 124 -3.98 10.11 -8.49
C ARG A 124 -2.96 10.22 -9.62
N SER A 125 -1.77 9.64 -9.44
CA SER A 125 -0.72 9.62 -10.45
C SER A 125 -1.11 8.74 -11.64
N TYR A 126 -2.30 8.13 -11.58
CA TYR A 126 -2.84 7.29 -12.64
C TYR A 126 -2.87 8.04 -13.98
N ASN A 35 -9.61 14.81 5.54
CA ASN A 35 -8.83 13.67 6.02
C ASN A 35 -8.41 12.79 4.84
N SER A 36 -7.12 12.49 4.73
CA SER A 36 -6.58 11.67 3.65
C SER A 36 -5.39 10.84 4.12
N ALA A 37 -5.22 10.70 5.44
CA ALA A 37 -4.09 9.97 6.00
C ALA A 37 -4.47 9.22 7.29
N ASP A 38 -5.75 9.25 7.67
CA ASP A 38 -6.23 8.56 8.86
C ASP A 38 -7.64 8.00 8.66
N SER A 39 -8.28 8.33 7.54
CA SER A 39 -9.60 7.82 7.20
C SER A 39 -9.81 7.87 5.68
N ALA A 40 -10.72 7.04 5.18
CA ALA A 40 -11.03 6.95 3.77
C ALA A 40 -12.36 6.23 3.57
N ASN A 41 -12.76 6.07 2.30
CA ASN A 41 -14.00 5.40 1.94
C ASN A 41 -13.95 4.87 0.51
N ASP A 42 -12.75 4.59 -0.01
CA ASP A 42 -12.55 4.18 -1.40
C ASP A 42 -11.57 3.02 -1.56
N GLY A 43 -11.07 2.48 -0.45
CA GLY A 43 -10.21 1.32 -0.50
C GLY A 43 -8.74 1.68 -0.61
N PHE A 44 -8.42 2.95 -0.86
CA PHE A 44 -7.06 3.39 -0.97
C PHE A 44 -6.36 3.26 0.38
N VAL A 45 -5.05 3.04 0.31
CA VAL A 45 -4.19 2.86 1.48
C VAL A 45 -2.78 3.29 1.11
N ARG A 46 -1.90 3.27 2.10
CA ARG A 46 -0.50 3.65 1.96
C ARG A 46 0.37 2.58 2.60
N LEU A 47 1.61 2.46 2.13
CA LEU A 47 2.52 1.43 2.60
C LEU A 47 3.90 2.07 2.78
N ARG A 48 4.67 1.60 3.77
CA ARG A 48 5.97 2.18 4.08
C ARG A 48 6.86 1.12 4.71
N GLY A 49 8.15 1.41 4.86
CA GLY A 49 9.10 0.49 5.45
C GLY A 49 9.57 -0.56 4.45
N LEU A 50 9.23 -0.35 3.18
CA LEU A 50 9.52 -1.31 2.12
C LEU A 50 11.01 -1.60 2.02
N PRO A 51 11.35 -2.87 1.74
CA PRO A 51 12.71 -3.39 1.71
C PRO A 51 13.50 -2.93 0.47
N PHE A 52 13.14 -1.77 -0.07
CA PHE A 52 13.74 -1.20 -1.28
C PHE A 52 13.70 -2.12 -2.50
N GLY A 53 13.01 -3.27 -2.43
CA GLY A 53 12.95 -4.21 -3.54
C GLY A 53 11.54 -4.75 -3.76
N CYS A 54 10.61 -4.39 -2.87
CA CYS A 54 9.20 -4.76 -2.99
C CYS A 54 8.59 -4.17 -4.26
N THR A 55 7.55 -4.83 -4.77
CA THR A 55 6.77 -4.37 -5.92
C THR A 55 5.38 -4.99 -5.86
N LYS A 56 4.64 -4.97 -6.98
CA LYS A 56 3.29 -5.50 -7.06
C LYS A 56 3.16 -6.88 -6.41
N GLU A 57 4.16 -7.73 -6.61
CA GLU A 57 4.11 -9.11 -6.18
C GLU A 57 4.50 -9.29 -4.72
N GLU A 58 5.11 -8.29 -4.08
CA GLU A 58 5.49 -8.42 -2.69
C GLU A 58 4.44 -7.73 -1.83
N ILE A 59 3.82 -6.67 -2.34
CA ILE A 59 2.70 -6.04 -1.67
C ILE A 59 1.54 -7.03 -1.61
N VAL A 60 1.36 -7.81 -2.67
CA VAL A 60 0.20 -8.68 -2.75
C VAL A 60 0.42 -9.93 -1.91
N GLN A 61 1.66 -10.41 -1.82
CA GLN A 61 1.96 -11.50 -0.91
C GLN A 61 1.99 -11.00 0.54
N PHE A 62 2.27 -9.72 0.75
CA PHE A 62 2.22 -9.13 2.10
C PHE A 62 0.77 -8.99 2.57
N PHE A 63 -0.17 -9.00 1.63
CA PHE A 63 -1.59 -8.93 1.88
C PHE A 63 -2.25 -10.18 1.30
N SER A 64 -1.53 -11.31 1.32
CA SER A 64 -2.01 -12.58 0.75
C SER A 64 -3.25 -13.11 1.48
N GLY A 65 -3.52 -12.61 2.69
CA GLY A 65 -4.70 -12.99 3.46
C GLY A 65 -5.87 -12.06 3.13
N LEU A 66 -5.73 -11.32 2.03
CA LEU A 66 -6.63 -10.26 1.61
C LEU A 66 -6.72 -10.28 0.08
N GLU A 67 -7.21 -9.19 -0.52
CA GLU A 67 -7.30 -9.05 -1.96
C GLU A 67 -7.06 -7.59 -2.34
N ILE A 68 -6.75 -7.35 -3.62
CA ILE A 68 -6.48 -6.01 -4.13
C ILE A 68 -7.09 -5.90 -5.53
N VAL A 69 -7.50 -4.70 -5.95
CA VAL A 69 -8.10 -4.50 -7.26
C VAL A 69 -7.02 -4.55 -8.35
N PRO A 70 -7.41 -4.88 -9.59
CA PRO A 70 -6.52 -4.92 -10.74
C PRO A 70 -5.65 -3.67 -10.85
N ASN A 71 -4.35 -3.87 -11.09
CA ASN A 71 -3.35 -2.81 -11.18
C ASN A 71 -3.59 -1.70 -10.15
N GLY A 72 -3.99 -2.08 -8.94
CA GLY A 72 -4.37 -1.17 -7.89
C GLY A 72 -3.19 -0.80 -7.01
N ILE A 73 -1.98 -0.69 -7.57
CA ILE A 73 -0.79 -0.43 -6.78
C ILE A 73 0.08 0.59 -7.50
N THR A 74 0.78 1.43 -6.73
CA THR A 74 1.67 2.46 -7.25
C THR A 74 2.94 2.50 -6.41
N LEU A 75 4.08 2.76 -7.05
CA LEU A 75 5.39 2.71 -6.43
C LEU A 75 6.22 3.91 -6.91
N PRO A 76 6.11 5.06 -6.23
CA PRO A 76 6.89 6.24 -6.54
C PRO A 76 8.38 5.95 -6.49
N VAL A 77 9.21 6.76 -7.15
CA VAL A 77 10.65 6.61 -7.03
C VAL A 77 11.37 7.95 -6.98
N ASP A 78 12.60 7.91 -6.48
CA ASP A 78 13.48 9.07 -6.36
C ASP A 78 14.21 9.31 -7.68
N PRO A 79 14.97 10.41 -7.79
CA PRO A 79 15.78 10.73 -8.96
C PRO A 79 16.84 9.66 -9.26
N GLU A 80 16.91 8.64 -8.41
CA GLU A 80 17.91 7.58 -8.51
C GLU A 80 17.25 6.23 -8.76
N GLY A 81 15.91 6.22 -8.87
CA GLY A 81 15.14 5.01 -9.10
C GLY A 81 14.83 4.27 -7.79
N LYS A 82 15.23 4.85 -6.66
CA LYS A 82 14.91 4.30 -5.35
C LYS A 82 13.42 4.48 -5.12
N ILE A 83 12.84 3.72 -4.20
CA ILE A 83 11.39 3.63 -4.08
C ILE A 83 10.79 4.57 -3.06
N THR A 84 11.57 5.54 -2.60
CA THR A 84 11.16 6.53 -1.62
C THR A 84 10.79 5.88 -0.27
N GLY A 85 10.82 4.55 -0.21
CA GLY A 85 10.52 3.77 0.98
C GLY A 85 9.03 3.65 1.25
N GLU A 86 8.18 4.15 0.35
CA GLU A 86 6.73 4.09 0.52
C GLU A 86 6.02 3.82 -0.80
N ALA A 87 4.72 3.50 -0.71
CA ALA A 87 3.89 3.12 -1.83
C ALA A 87 2.42 3.39 -1.53
N PHE A 88 1.56 3.04 -2.48
CA PHE A 88 0.14 3.32 -2.42
C PHE A 88 -0.58 2.16 -3.09
N VAL A 89 -1.79 1.84 -2.61
CA VAL A 89 -2.55 0.70 -3.11
C VAL A 89 -4.03 1.04 -3.07
N GLN A 90 -4.83 0.24 -3.77
CA GLN A 90 -6.27 0.31 -3.70
C GLN A 90 -6.82 -1.09 -3.47
N PHE A 91 -7.08 -1.40 -2.20
CA PHE A 91 -7.71 -2.65 -1.84
C PHE A 91 -9.15 -2.65 -2.31
N ALA A 92 -9.81 -3.81 -2.22
CA ALA A 92 -11.19 -3.95 -2.59
C ALA A 92 -12.07 -3.22 -1.56
N SER A 93 -12.39 -1.96 -1.88
CA SER A 93 -13.18 -1.07 -1.02
C SER A 93 -12.47 -0.79 0.30
N GLN A 94 -12.98 0.18 1.05
CA GLN A 94 -12.39 0.60 2.31
C GLN A 94 -12.40 -0.55 3.32
N GLU A 95 -13.33 -1.49 3.18
CA GLU A 95 -13.45 -2.59 4.13
C GLU A 95 -12.23 -3.51 4.08
N LEU A 96 -11.66 -3.73 2.89
CA LEU A 96 -10.46 -4.55 2.77
C LEU A 96 -9.27 -3.76 3.31
N ALA A 97 -9.22 -2.46 3.02
CA ALA A 97 -8.13 -1.61 3.49
C ALA A 97 -8.06 -1.64 5.01
N GLU A 98 -9.21 -1.73 5.67
CA GLU A 98 -9.28 -1.75 7.13
C GLU A 98 -8.68 -3.03 7.68
N LYS A 99 -8.81 -4.13 6.95
CA LYS A 99 -8.22 -5.39 7.37
C LYS A 99 -6.71 -5.36 7.21
N ALA A 100 -6.25 -4.73 6.12
CA ALA A 100 -4.83 -4.56 5.85
C ALA A 100 -4.13 -3.71 6.92
N LEU A 101 -4.88 -2.92 7.69
CA LEU A 101 -4.29 -2.13 8.77
C LEU A 101 -3.77 -3.03 9.89
N GLY A 102 -4.05 -4.33 9.83
CA GLY A 102 -3.62 -5.28 10.84
C GLY A 102 -2.18 -5.76 10.58
N LYS A 103 -1.52 -5.13 9.60
CA LYS A 103 -0.17 -5.51 9.17
C LYS A 103 0.82 -4.37 9.39
N HIS A 104 0.34 -3.28 9.99
CA HIS A 104 1.14 -2.10 10.32
C HIS A 104 2.53 -2.39 10.92
N LYS A 105 2.74 -3.55 11.55
CA LYS A 105 4.05 -3.89 12.08
C LYS A 105 4.42 -5.34 11.78
N GLU A 106 3.72 -5.92 10.80
CA GLU A 106 3.93 -7.27 10.30
C GLU A 106 5.10 -7.24 9.31
N ARG A 107 5.52 -8.41 8.82
CA ARG A 107 6.75 -8.53 8.05
C ARG A 107 6.51 -9.09 6.64
N ILE A 108 7.46 -8.82 5.74
CA ILE A 108 7.35 -9.25 4.35
C ILE A 108 8.14 -10.54 4.11
N GLY A 109 8.99 -10.93 5.06
CA GLY A 109 9.79 -12.15 4.98
C GLY A 109 11.16 -11.98 5.64
N HIS A 110 11.67 -10.75 5.70
CA HIS A 110 12.96 -10.45 6.32
C HIS A 110 13.01 -8.99 6.78
N ARG A 111 11.89 -8.28 6.66
CA ARG A 111 11.77 -6.86 6.95
C ARG A 111 10.38 -6.60 7.53
N TYR A 112 10.19 -5.47 8.21
CA TYR A 112 8.87 -5.14 8.72
C TYR A 112 8.31 -4.00 7.90
N ILE A 113 7.00 -4.01 7.69
CA ILE A 113 6.33 -3.10 6.78
C ILE A 113 5.29 -2.33 7.58
N GLU A 114 4.84 -1.19 7.06
CA GLU A 114 3.88 -0.36 7.77
C GLU A 114 2.73 -0.01 6.84
N VAL A 115 1.53 0.07 7.41
CA VAL A 115 0.30 0.34 6.67
C VAL A 115 -0.31 1.63 7.20
N PHE A 116 -0.89 2.44 6.32
CA PHE A 116 -1.49 3.72 6.70
C PHE A 116 -2.65 4.01 5.75
N LYS A 117 -3.60 4.83 6.19
CA LYS A 117 -4.74 5.19 5.36
C LYS A 117 -4.32 6.16 4.27
N SER A 118 -5.10 6.19 3.18
CA SER A 118 -4.82 7.04 2.03
C SER A 118 -6.09 7.29 1.22
N SER A 119 -5.95 8.01 0.10
CA SER A 119 -7.04 8.36 -0.78
C SER A 119 -6.51 8.53 -2.21
N GLN A 120 -7.43 8.75 -3.15
CA GLN A 120 -7.07 8.91 -4.55
C GLN A 120 -6.11 10.10 -4.72
N GLU A 121 -6.25 11.12 -3.88
CA GLU A 121 -5.43 12.32 -3.95
C GLU A 121 -3.95 12.06 -3.64
N GLU A 122 -3.62 10.82 -3.27
CA GLU A 122 -2.25 10.42 -2.94
C GLU A 122 -1.75 9.33 -3.88
N VAL A 123 -2.55 8.95 -4.87
CA VAL A 123 -2.20 7.88 -5.79
C VAL A 123 -2.71 8.16 -7.21
N ARG A 124 -3.18 9.38 -7.44
CA ARG A 124 -3.71 9.81 -8.73
C ARG A 124 -2.64 9.90 -9.82
N SER A 125 -1.46 9.33 -9.58
CA SER A 125 -0.38 9.28 -10.56
C SER A 125 -0.72 8.37 -11.73
N TYR A 126 -1.91 7.75 -11.69
CA TYR A 126 -2.41 6.88 -12.74
C TYR A 126 -2.37 7.58 -14.10
N ASN A 35 -12.36 20.76 3.09
CA ASN A 35 -12.80 19.41 3.48
C ASN A 35 -11.61 18.56 3.90
N SER A 36 -11.84 17.58 4.79
CA SER A 36 -10.80 16.71 5.30
C SER A 36 -11.35 15.32 5.66
N ALA A 37 -12.59 15.02 5.24
CA ALA A 37 -13.24 13.76 5.55
C ALA A 37 -14.17 13.33 4.40
N ASP A 38 -14.85 12.20 4.58
CA ASP A 38 -15.75 11.63 3.58
C ASP A 38 -15.09 11.48 2.21
N SER A 39 -13.76 11.34 2.19
CA SER A 39 -12.96 11.22 0.97
C SER A 39 -11.84 10.19 1.13
N ALA A 40 -11.97 9.31 2.13
CA ALA A 40 -10.96 8.32 2.48
C ALA A 40 -11.63 6.99 2.80
N ASN A 41 -12.46 6.53 1.87
CA ASN A 41 -13.29 5.37 2.10
C ASN A 41 -13.54 4.55 0.82
N ASP A 42 -12.53 4.49 -0.05
CA ASP A 42 -12.64 3.79 -1.32
C ASP A 42 -11.66 2.64 -1.46
N GLY A 43 -10.95 2.32 -0.37
CA GLY A 43 -10.04 1.20 -0.35
C GLY A 43 -8.59 1.65 -0.39
N PHE A 44 -8.36 2.95 -0.61
CA PHE A 44 -7.03 3.51 -0.68
C PHE A 44 -6.33 3.36 0.67
N VAL A 45 -5.04 3.03 0.59
CA VAL A 45 -4.18 2.79 1.74
C VAL A 45 -2.75 3.19 1.39
N ARG A 46 -1.85 3.12 2.37
CA ARG A 46 -0.46 3.49 2.18
C ARG A 46 0.44 2.48 2.87
N LEU A 47 1.59 2.20 2.26
CA LEU A 47 2.57 1.23 2.75
C LEU A 47 3.87 1.99 3.03
N ARG A 48 4.66 1.48 3.97
CA ARG A 48 5.94 2.10 4.34
C ARG A 48 6.82 1.04 4.99
N GLY A 49 8.13 1.19 4.88
CA GLY A 49 9.08 0.35 5.61
C GLY A 49 9.31 -0.98 4.90
N LEU A 50 8.70 -1.17 3.74
CA LEU A 50 8.91 -2.38 2.97
C LEU A 50 10.35 -2.40 2.45
N PRO A 51 10.88 -3.59 2.10
CA PRO A 51 12.24 -3.73 1.61
C PRO A 51 12.59 -2.81 0.44
N PHE A 52 13.88 -2.49 0.30
CA PHE A 52 14.37 -1.69 -0.82
C PHE A 52 14.28 -2.44 -2.14
N GLY A 53 13.80 -3.69 -2.12
CA GLY A 53 13.62 -4.51 -3.31
C GLY A 53 12.16 -4.95 -3.44
N CYS A 54 11.31 -4.49 -2.52
CA CYS A 54 9.88 -4.75 -2.53
C CYS A 54 9.24 -4.08 -3.75
N THR A 55 8.12 -4.62 -4.21
CA THR A 55 7.33 -4.01 -5.28
C THR A 55 5.89 -4.49 -5.16
N LYS A 56 5.03 -4.11 -6.10
CA LYS A 56 3.62 -4.48 -6.08
C LYS A 56 3.40 -6.00 -6.01
N GLU A 57 4.40 -6.79 -6.42
CA GLU A 57 4.34 -8.24 -6.35
C GLU A 57 4.62 -8.71 -4.91
N GLU A 58 5.34 -7.92 -4.11
CA GLU A 58 5.59 -8.25 -2.72
C GLU A 58 4.46 -7.70 -1.86
N ILE A 59 3.93 -6.53 -2.23
CA ILE A 59 2.81 -5.92 -1.52
C ILE A 59 1.61 -6.87 -1.61
N VAL A 60 1.47 -7.57 -2.73
CA VAL A 60 0.29 -8.40 -2.95
C VAL A 60 0.45 -9.74 -2.25
N GLN A 61 1.67 -10.28 -2.20
CA GLN A 61 1.92 -11.48 -1.42
C GLN A 61 1.89 -11.17 0.08
N PHE A 62 2.18 -9.94 0.47
CA PHE A 62 2.10 -9.51 1.85
C PHE A 62 0.64 -9.39 2.29
N PHE A 63 -0.25 -9.15 1.32
CA PHE A 63 -1.69 -9.08 1.52
C PHE A 63 -2.35 -10.28 0.84
N SER A 64 -1.64 -11.41 0.77
CA SER A 64 -2.15 -12.63 0.15
C SER A 64 -3.34 -13.21 0.93
N GLY A 65 -3.54 -12.74 2.17
CA GLY A 65 -4.69 -13.14 2.98
C GLY A 65 -5.83 -12.13 2.80
N LEU A 66 -5.74 -11.33 1.75
CA LEU A 66 -6.61 -10.21 1.43
C LEU A 66 -6.76 -10.18 -0.09
N GLU A 67 -7.23 -9.04 -0.64
CA GLU A 67 -7.33 -8.87 -2.08
C GLU A 67 -7.09 -7.39 -2.43
N ILE A 68 -6.79 -7.13 -3.70
CA ILE A 68 -6.51 -5.78 -4.18
C ILE A 68 -7.12 -5.62 -5.58
N VAL A 69 -7.49 -4.40 -5.97
CA VAL A 69 -8.06 -4.17 -7.29
C VAL A 69 -6.98 -4.15 -8.36
N PRO A 70 -7.34 -4.49 -9.61
CA PRO A 70 -6.46 -4.44 -10.76
C PRO A 70 -5.73 -3.10 -10.86
N ASN A 71 -4.46 -3.13 -11.25
CA ASN A 71 -3.60 -1.95 -11.38
C ASN A 71 -3.81 -0.97 -10.23
N GLY A 72 -4.03 -1.49 -9.02
CA GLY A 72 -4.38 -0.70 -7.86
C GLY A 72 -3.18 -0.45 -6.96
N ILE A 73 -1.96 -0.40 -7.51
CA ILE A 73 -0.77 -0.21 -6.70
C ILE A 73 0.18 0.77 -7.38
N THR A 74 0.89 1.55 -6.57
CA THR A 74 1.86 2.55 -7.03
C THR A 74 3.06 2.58 -6.09
N LEU A 75 4.24 2.86 -6.63
CA LEU A 75 5.50 2.88 -5.89
C LEU A 75 6.38 4.03 -6.37
N PRO A 76 6.34 5.16 -5.64
CA PRO A 76 7.21 6.29 -5.89
C PRO A 76 8.68 5.89 -5.92
N VAL A 77 9.51 6.68 -6.62
CA VAL A 77 10.93 6.43 -6.73
C VAL A 77 11.70 7.75 -6.74
N ASP A 78 13.01 7.66 -6.52
CA ASP A 78 13.91 8.80 -6.53
C ASP A 78 14.36 9.06 -7.97
N PRO A 79 15.14 10.12 -8.23
CA PRO A 79 15.67 10.42 -9.55
C PRO A 79 16.53 9.27 -10.09
N GLU A 80 16.97 8.39 -9.19
CA GLU A 80 17.80 7.24 -9.54
C GLU A 80 16.92 6.05 -9.93
N GLY A 81 15.59 6.20 -9.82
CA GLY A 81 14.64 5.17 -10.18
C GLY A 81 14.46 4.12 -9.08
N LYS A 82 15.00 4.38 -7.89
CA LYS A 82 14.90 3.46 -6.77
C LYS A 82 13.84 3.96 -5.80
N ILE A 83 13.19 3.02 -5.11
CA ILE A 83 12.02 3.32 -4.32
C ILE A 83 12.35 4.15 -3.07
N THR A 84 11.36 4.93 -2.65
CA THR A 84 11.46 5.86 -1.53
C THR A 84 11.16 5.19 -0.20
N GLY A 85 10.71 3.93 -0.23
CA GLY A 85 10.41 3.17 0.97
C GLY A 85 8.94 3.17 1.33
N GLU A 86 8.10 3.75 0.46
CA GLU A 86 6.67 3.76 0.67
C GLU A 86 5.93 3.52 -0.64
N ALA A 87 4.63 3.27 -0.52
CA ALA A 87 3.79 2.94 -1.66
C ALA A 87 2.34 3.31 -1.37
N PHE A 88 1.49 3.08 -2.37
CA PHE A 88 0.10 3.43 -2.32
C PHE A 88 -0.66 2.30 -3.00
N VAL A 89 -1.85 1.98 -2.49
CA VAL A 89 -2.62 0.86 -2.99
C VAL A 89 -4.09 1.20 -2.94
N GLN A 90 -4.89 0.43 -3.68
CA GLN A 90 -6.33 0.49 -3.58
C GLN A 90 -6.86 -0.92 -3.38
N PHE A 91 -7.13 -1.27 -2.13
CA PHE A 91 -7.76 -2.52 -1.81
C PHE A 91 -9.22 -2.50 -2.30
N ALA A 92 -9.88 -3.66 -2.24
CA ALA A 92 -11.27 -3.76 -2.63
C ALA A 92 -12.14 -3.04 -1.60
N SER A 93 -12.43 -1.77 -1.88
CA SER A 93 -13.21 -0.89 -1.01
C SER A 93 -12.53 -0.70 0.34
N GLN A 94 -13.04 0.24 1.15
CA GLN A 94 -12.41 0.54 2.43
C GLN A 94 -12.46 -0.69 3.35
N GLU A 95 -13.45 -1.57 3.16
CA GLU A 95 -13.63 -2.73 4.01
C GLU A 95 -12.39 -3.63 4.00
N LEU A 96 -11.79 -3.82 2.82
CA LEU A 96 -10.58 -4.60 2.72
C LEU A 96 -9.41 -3.82 3.29
N ALA A 97 -9.36 -2.50 3.06
CA ALA A 97 -8.28 -1.68 3.56
C ALA A 97 -8.19 -1.77 5.09
N GLU A 98 -9.35 -1.83 5.75
CA GLU A 98 -9.41 -1.86 7.20
C GLU A 98 -8.88 -3.20 7.72
N LYS A 99 -9.04 -4.27 6.93
CA LYS A 99 -8.47 -5.57 7.29
C LYS A 99 -6.96 -5.57 7.13
N ALA A 100 -6.47 -4.92 6.05
CA ALA A 100 -5.05 -4.82 5.78
C ALA A 100 -4.30 -4.06 6.87
N LEU A 101 -5.00 -3.26 7.69
CA LEU A 101 -4.39 -2.53 8.79
C LEU A 101 -3.92 -3.48 9.89
N GLY A 102 -4.35 -4.74 9.85
CA GLY A 102 -3.92 -5.73 10.83
C GLY A 102 -2.47 -6.14 10.58
N LYS A 103 -1.96 -5.77 9.41
CA LYS A 103 -0.58 -6.00 8.98
C LYS A 103 0.37 -4.96 9.51
N HIS A 104 -0.14 -3.98 10.26
CA HIS A 104 0.74 -3.00 10.85
C HIS A 104 1.82 -3.70 11.69
N LYS A 105 3.06 -3.24 11.52
CA LYS A 105 4.26 -3.79 12.15
C LYS A 105 4.50 -5.28 11.86
N GLU A 106 3.70 -5.91 11.00
CA GLU A 106 3.88 -7.29 10.58
C GLU A 106 5.07 -7.37 9.61
N ARG A 107 5.49 -8.57 9.24
CA ARG A 107 6.71 -8.77 8.48
C ARG A 107 6.47 -9.51 7.17
N ILE A 108 7.40 -9.36 6.22
CA ILE A 108 7.28 -10.00 4.91
C ILE A 108 8.34 -11.09 4.68
N GLY A 109 9.25 -11.28 5.64
CA GLY A 109 10.21 -12.37 5.55
C GLY A 109 11.50 -12.13 6.35
N HIS A 110 11.93 -10.87 6.48
CA HIS A 110 13.14 -10.52 7.21
C HIS A 110 13.09 -9.06 7.68
N ARG A 111 11.97 -8.39 7.44
CA ARG A 111 11.81 -6.96 7.65
C ARG A 111 10.37 -6.69 8.07
N TYR A 112 10.11 -5.54 8.69
CA TYR A 112 8.77 -5.23 9.16
C TYR A 112 8.15 -4.14 8.30
N ILE A 113 6.94 -4.40 7.83
CA ILE A 113 6.21 -3.50 6.96
C ILE A 113 5.31 -2.62 7.81
N GLU A 114 4.78 -1.55 7.21
CA GLU A 114 3.89 -0.64 7.90
C GLU A 114 2.66 -0.43 7.04
N VAL A 115 1.54 -0.08 7.67
CA VAL A 115 0.28 0.13 6.98
C VAL A 115 -0.32 1.40 7.56
N PHE A 116 -0.64 2.33 6.66
CA PHE A 116 -1.18 3.64 6.98
C PHE A 116 -2.35 3.86 6.03
N LYS A 117 -3.23 4.82 6.29
CA LYS A 117 -4.34 5.03 5.36
C LYS A 117 -3.98 6.01 4.25
N SER A 118 -4.84 6.10 3.23
CA SER A 118 -4.63 6.99 2.09
C SER A 118 -5.94 7.30 1.39
N SER A 119 -5.84 8.05 0.29
CA SER A 119 -6.95 8.47 -0.54
C SER A 119 -6.46 8.62 -1.99
N GLN A 120 -7.39 8.77 -2.93
CA GLN A 120 -7.05 8.90 -4.34
C GLN A 120 -6.09 10.07 -4.59
N GLU A 121 -6.20 11.13 -3.79
CA GLU A 121 -5.35 12.32 -3.96
C GLU A 121 -3.87 12.06 -3.65
N GLU A 122 -3.53 10.84 -3.22
CA GLU A 122 -2.17 10.44 -2.89
C GLU A 122 -1.69 9.33 -3.82
N VAL A 123 -2.52 8.93 -4.79
CA VAL A 123 -2.19 7.85 -5.70
C VAL A 123 -2.71 8.14 -7.11
N ARG A 124 -3.14 9.39 -7.34
CA ARG A 124 -3.68 9.84 -8.61
C ARG A 124 -2.62 9.89 -9.73
N SER A 125 -1.46 9.27 -9.50
CA SER A 125 -0.39 9.19 -10.50
C SER A 125 -0.80 8.30 -11.67
N TYR A 126 -2.00 7.73 -11.62
CA TYR A 126 -2.55 6.88 -12.66
C TYR A 126 -2.54 7.60 -14.02
N ASN A 35 -0.84 14.65 4.24
CA ASN A 35 -1.10 13.24 4.56
C ASN A 35 -1.17 13.02 6.06
N SER A 36 -1.58 11.81 6.49
CA SER A 36 -1.71 11.45 7.89
C SER A 36 -2.50 12.49 8.71
N ALA A 37 -3.41 13.22 8.05
CA ALA A 37 -4.21 14.24 8.68
C ALA A 37 -5.62 14.29 8.06
N ASP A 38 -5.99 13.21 7.36
CA ASP A 38 -7.27 13.10 6.65
C ASP A 38 -7.71 11.64 6.66
N SER A 39 -8.88 11.34 6.06
CA SER A 39 -9.44 10.00 6.04
C SER A 39 -9.97 9.66 4.66
N ALA A 40 -10.37 8.40 4.47
CA ALA A 40 -10.84 7.90 3.19
C ALA A 40 -11.87 6.79 3.37
N ASN A 41 -12.52 6.41 2.27
CA ASN A 41 -13.58 5.40 2.28
C ASN A 41 -13.68 4.70 0.92
N ASP A 42 -12.55 4.59 0.20
CA ASP A 42 -12.53 4.04 -1.15
C ASP A 42 -11.54 2.90 -1.34
N GLY A 43 -10.85 2.49 -0.27
CA GLY A 43 -9.97 1.33 -0.34
C GLY A 43 -8.51 1.73 -0.39
N PHE A 44 -8.22 3.01 -0.59
CA PHE A 44 -6.87 3.50 -0.65
C PHE A 44 -6.16 3.29 0.68
N VAL A 45 -4.87 2.96 0.59
CA VAL A 45 -4.04 2.68 1.74
C VAL A 45 -2.60 3.05 1.42
N ARG A 46 -1.70 2.86 2.38
CA ARG A 46 -0.29 3.20 2.24
C ARG A 46 0.59 2.07 2.73
N LEU A 47 1.87 2.13 2.36
CA LEU A 47 2.86 1.16 2.78
C LEU A 47 4.21 1.86 2.93
N ARG A 48 5.01 1.43 3.92
CA ARG A 48 6.32 2.00 4.20
C ARG A 48 7.19 0.95 4.89
N GLY A 49 8.47 1.22 5.07
CA GLY A 49 9.36 0.30 5.76
C GLY A 49 9.77 -0.86 4.87
N LEU A 50 9.46 -0.76 3.57
CA LEU A 50 9.74 -1.81 2.60
C LEU A 50 11.21 -2.21 2.61
N PRO A 51 11.50 -3.46 2.30
CA PRO A 51 12.85 -3.97 2.26
C PRO A 51 13.67 -3.43 1.10
N PHE A 52 13.32 -2.22 0.62
CA PHE A 52 13.95 -1.54 -0.50
C PHE A 52 14.06 -2.40 -1.77
N GLY A 53 13.38 -3.54 -1.81
CA GLY A 53 13.38 -4.43 -2.97
C GLY A 53 11.98 -4.97 -3.27
N CYS A 54 11.03 -4.72 -2.37
CA CYS A 54 9.62 -5.04 -2.57
C CYS A 54 9.08 -4.28 -3.77
N THR A 55 8.03 -4.83 -4.40
CA THR A 55 7.30 -4.17 -5.46
C THR A 55 5.85 -4.62 -5.37
N LYS A 56 5.01 -4.21 -6.33
CA LYS A 56 3.59 -4.57 -6.32
C LYS A 56 3.34 -6.07 -6.25
N GLU A 57 4.33 -6.89 -6.61
CA GLU A 57 4.23 -8.33 -6.54
C GLU A 57 4.55 -8.85 -5.14
N GLU A 58 5.28 -8.07 -4.34
CA GLU A 58 5.54 -8.44 -2.96
C GLU A 58 4.46 -7.82 -2.08
N ILE A 59 3.94 -6.65 -2.49
CA ILE A 59 2.84 -6.01 -1.80
C ILE A 59 1.63 -6.94 -1.85
N VAL A 60 1.46 -7.65 -2.96
CA VAL A 60 0.27 -8.46 -3.13
C VAL A 60 0.43 -9.80 -2.43
N GLN A 61 1.66 -10.32 -2.37
CA GLN A 61 1.90 -11.51 -1.56
C GLN A 61 1.88 -11.18 -0.07
N PHE A 62 2.21 -9.94 0.31
CA PHE A 62 2.12 -9.51 1.69
C PHE A 62 0.67 -9.36 2.12
N PHE A 63 -0.21 -9.14 1.14
CA PHE A 63 -1.64 -9.01 1.35
C PHE A 63 -2.34 -10.18 0.64
N SER A 64 -1.68 -11.34 0.58
CA SER A 64 -2.22 -12.53 -0.07
C SER A 64 -3.43 -13.10 0.70
N GLY A 65 -3.60 -12.70 1.96
CA GLY A 65 -4.75 -13.08 2.77
C GLY A 65 -5.87 -12.05 2.61
N LEU A 66 -5.75 -11.23 1.56
CA LEU A 66 -6.59 -10.10 1.26
C LEU A 66 -6.75 -10.02 -0.26
N GLU A 67 -7.22 -8.89 -0.79
CA GLU A 67 -7.34 -8.70 -2.23
C GLU A 67 -7.13 -7.24 -2.59
N ILE A 68 -6.81 -6.96 -3.85
CA ILE A 68 -6.52 -5.61 -4.33
C ILE A 68 -7.16 -5.42 -5.70
N VAL A 69 -7.53 -4.19 -6.06
CA VAL A 69 -8.14 -3.94 -7.38
C VAL A 69 -7.06 -3.93 -8.46
N PRO A 70 -7.44 -4.25 -9.71
CA PRO A 70 -6.55 -4.18 -10.86
C PRO A 70 -5.83 -2.84 -10.95
N ASN A 71 -4.55 -2.86 -11.36
CA ASN A 71 -3.71 -1.68 -11.47
C ASN A 71 -3.87 -0.75 -10.25
N GLY A 72 -4.09 -1.34 -9.07
CA GLY A 72 -4.41 -0.61 -7.86
C GLY A 72 -3.18 -0.42 -6.98
N ILE A 73 -1.97 -0.36 -7.55
CA ILE A 73 -0.76 -0.21 -6.77
C ILE A 73 0.18 0.79 -7.45
N THR A 74 0.89 1.57 -6.63
CA THR A 74 1.87 2.55 -7.11
C THR A 74 3.09 2.53 -6.19
N LEU A 75 4.27 2.77 -6.78
CA LEU A 75 5.54 2.72 -6.08
C LEU A 75 6.43 3.83 -6.62
N PRO A 76 6.44 4.99 -5.95
CA PRO A 76 7.31 6.11 -6.28
C PRO A 76 8.77 5.65 -6.30
N VAL A 77 9.61 6.33 -7.09
CA VAL A 77 11.03 5.99 -7.18
C VAL A 77 11.88 7.26 -7.27
N ASP A 78 13.19 7.07 -7.07
CA ASP A 78 14.16 8.15 -7.15
C ASP A 78 14.70 8.22 -8.60
N PRO A 79 15.58 9.18 -8.91
CA PRO A 79 16.19 9.28 -10.23
C PRO A 79 16.98 8.03 -10.59
N GLU A 80 17.33 7.23 -9.58
CA GLU A 80 18.06 5.98 -9.74
C GLU A 80 17.10 4.84 -10.12
N GLY A 81 15.80 5.12 -10.09
CA GLY A 81 14.76 4.15 -10.42
C GLY A 81 14.47 3.21 -9.26
N LYS A 82 14.98 3.53 -8.06
CA LYS A 82 14.77 2.73 -6.87
C LYS A 82 13.70 3.39 -6.01
N ILE A 83 12.96 2.56 -5.27
CA ILE A 83 11.79 3.04 -4.54
C ILE A 83 12.18 3.96 -3.40
N THR A 84 11.29 4.91 -3.12
CA THR A 84 11.51 5.93 -2.11
C THR A 84 11.32 5.38 -0.70
N GLY A 85 10.91 4.11 -0.58
CA GLY A 85 10.74 3.44 0.69
C GLY A 85 9.29 3.38 1.14
N GLU A 86 8.37 3.86 0.28
CA GLU A 86 6.94 3.82 0.58
C GLU A 86 6.16 3.57 -0.71
N ALA A 87 4.85 3.34 -0.56
CA ALA A 87 4.00 2.99 -1.68
C ALA A 87 2.56 3.39 -1.39
N PHE A 88 1.69 3.13 -2.37
CA PHE A 88 0.30 3.50 -2.31
C PHE A 88 -0.48 2.39 -3.01
N VAL A 89 -1.66 2.08 -2.51
CA VAL A 89 -2.45 0.95 -3.02
C VAL A 89 -3.92 1.29 -2.94
N GLN A 90 -4.73 0.52 -3.66
CA GLN A 90 -6.17 0.55 -3.56
C GLN A 90 -6.66 -0.87 -3.37
N PHE A 91 -7.01 -1.21 -2.13
CA PHE A 91 -7.66 -2.47 -1.85
C PHE A 91 -9.11 -2.41 -2.33
N ALA A 92 -9.79 -3.56 -2.27
CA ALA A 92 -11.17 -3.65 -2.66
C ALA A 92 -12.05 -2.92 -1.63
N SER A 93 -12.30 -1.64 -1.90
CA SER A 93 -13.05 -0.75 -1.03
C SER A 93 -12.37 -0.59 0.34
N GLN A 94 -12.84 0.38 1.13
CA GLN A 94 -12.22 0.67 2.41
C GLN A 94 -12.39 -0.49 3.39
N GLU A 95 -13.31 -1.42 3.10
CA GLU A 95 -13.54 -2.58 3.95
C GLU A 95 -12.33 -3.49 3.94
N LEU A 96 -11.74 -3.72 2.76
CA LEU A 96 -10.54 -4.54 2.65
C LEU A 96 -9.35 -3.80 3.25
N ALA A 97 -9.27 -2.48 3.03
CA ALA A 97 -8.18 -1.69 3.54
C ALA A 97 -8.09 -1.81 5.06
N GLU A 98 -9.24 -1.85 5.72
CA GLU A 98 -9.29 -1.93 7.18
C GLU A 98 -8.79 -3.29 7.66
N LYS A 99 -8.98 -4.34 6.85
CA LYS A 99 -8.45 -5.66 7.19
C LYS A 99 -6.94 -5.68 7.01
N ALA A 100 -6.44 -5.01 5.98
CA ALA A 100 -5.02 -4.91 5.70
C ALA A 100 -4.27 -4.17 6.81
N LEU A 101 -4.96 -3.39 7.63
CA LEU A 101 -4.33 -2.68 8.73
C LEU A 101 -3.83 -3.64 9.82
N GLY A 102 -4.24 -4.91 9.75
CA GLY A 102 -3.79 -5.92 10.69
C GLY A 102 -2.33 -6.29 10.42
N LYS A 103 -1.82 -5.85 9.27
CA LYS A 103 -0.45 -6.07 8.81
C LYS A 103 0.48 -4.98 9.32
N HIS A 104 -0.04 -4.04 10.11
CA HIS A 104 0.81 -3.05 10.73
C HIS A 104 1.92 -3.75 11.53
N LYS A 105 3.14 -3.25 11.37
CA LYS A 105 4.36 -3.82 11.94
C LYS A 105 4.57 -5.30 11.63
N GLU A 106 3.83 -5.87 10.68
CA GLU A 106 3.98 -7.27 10.29
C GLU A 106 5.11 -7.40 9.27
N ARG A 107 5.60 -8.62 9.06
CA ARG A 107 6.82 -8.85 8.31
C ARG A 107 6.56 -9.31 6.88
N ILE A 108 7.56 -9.14 6.00
CA ILE A 108 7.46 -9.59 4.60
C ILE A 108 8.47 -10.68 4.28
N GLY A 109 9.38 -11.00 5.21
CA GLY A 109 10.35 -12.06 5.02
C GLY A 109 11.56 -11.94 5.94
N HIS A 110 12.02 -10.70 6.18
CA HIS A 110 13.15 -10.44 7.07
C HIS A 110 13.08 -9.01 7.62
N ARG A 111 11.94 -8.35 7.42
CA ARG A 111 11.75 -6.93 7.71
C ARG A 111 10.41 -6.74 8.40
N TYR A 112 10.06 -5.50 8.75
CA TYR A 112 8.73 -5.20 9.24
C TYR A 112 8.16 -4.08 8.38
N ILE A 113 6.87 -4.15 8.08
CA ILE A 113 6.22 -3.30 7.10
C ILE A 113 5.24 -2.39 7.81
N GLU A 114 4.85 -1.29 7.16
CA GLU A 114 4.07 -0.24 7.79
C GLU A 114 2.86 0.15 6.97
N VAL A 115 1.72 -0.48 7.29
CA VAL A 115 0.44 -0.11 6.72
C VAL A 115 -0.04 1.21 7.33
N PHE A 116 -0.64 2.07 6.50
CA PHE A 116 -1.23 3.33 6.92
C PHE A 116 -2.44 3.57 6.02
N LYS A 117 -3.37 4.44 6.41
CA LYS A 117 -4.48 4.75 5.54
C LYS A 117 -4.05 5.76 4.47
N SER A 118 -4.82 5.86 3.38
CA SER A 118 -4.52 6.81 2.33
C SER A 118 -5.77 7.15 1.52
N SER A 119 -5.61 7.93 0.45
CA SER A 119 -6.70 8.39 -0.39
C SER A 119 -6.22 8.52 -1.83
N GLN A 120 -7.16 8.77 -2.74
CA GLN A 120 -6.85 8.93 -4.15
C GLN A 120 -5.89 10.09 -4.36
N GLU A 121 -5.97 11.13 -3.51
CA GLU A 121 -5.12 12.30 -3.64
C GLU A 121 -3.65 12.02 -3.32
N GLU A 122 -3.32 10.78 -2.95
CA GLU A 122 -1.96 10.36 -2.67
C GLU A 122 -1.48 9.33 -3.70
N VAL A 123 -2.34 9.00 -4.66
CA VAL A 123 -2.04 7.97 -5.65
C VAL A 123 -2.62 8.35 -7.01
N ARG A 124 -3.01 9.61 -7.18
CA ARG A 124 -3.62 10.12 -8.40
C ARG A 124 -2.66 10.15 -9.59
N SER A 125 -1.48 9.54 -9.44
CA SER A 125 -0.50 9.43 -10.52
C SER A 125 -0.98 8.51 -11.63
N TYR A 126 -2.18 7.94 -11.47
CA TYR A 126 -2.80 7.06 -12.45
C TYR A 126 -2.87 7.73 -13.82
N ASN A 35 -8.73 16.90 4.20
CA ASN A 35 -9.81 15.92 4.40
C ASN A 35 -9.35 14.80 5.31
N SER A 36 -10.25 14.30 6.17
CA SER A 36 -9.95 13.21 7.10
C SER A 36 -11.17 12.34 7.36
N ALA A 37 -12.26 12.56 6.60
CA ALA A 37 -13.49 11.81 6.74
C ALA A 37 -14.20 11.64 5.39
N ASP A 38 -13.52 12.02 4.31
CA ASP A 38 -14.07 11.94 2.95
C ASP A 38 -12.95 11.63 1.96
N SER A 39 -13.31 11.19 0.76
CA SER A 39 -12.39 10.76 -0.29
C SER A 39 -11.32 9.79 0.19
N ALA A 40 -11.54 9.14 1.34
CA ALA A 40 -10.58 8.25 1.99
C ALA A 40 -11.28 6.99 2.46
N ASN A 41 -12.19 6.49 1.63
CA ASN A 41 -13.05 5.38 2.00
C ASN A 41 -13.38 4.49 0.80
N ASP A 42 -12.40 4.35 -0.10
CA ASP A 42 -12.57 3.56 -1.32
C ASP A 42 -11.57 2.42 -1.43
N GLY A 43 -10.81 2.18 -0.38
CA GLY A 43 -9.86 1.08 -0.34
C GLY A 43 -8.42 1.58 -0.37
N PHE A 44 -8.26 2.87 -0.61
CA PHE A 44 -6.94 3.48 -0.67
C PHE A 44 -6.22 3.35 0.66
N VAL A 45 -4.92 3.04 0.58
CA VAL A 45 -4.07 2.83 1.73
C VAL A 45 -2.64 3.22 1.38
N ARG A 46 -1.75 3.16 2.37
CA ARG A 46 -0.35 3.51 2.20
C ARG A 46 0.55 2.43 2.80
N LEU A 47 1.75 2.30 2.24
CA LEU A 47 2.76 1.35 2.69
C LEU A 47 4.04 2.11 3.01
N ARG A 48 4.80 1.60 4.00
CA ARG A 48 6.04 2.19 4.44
C ARG A 48 6.91 1.07 5.01
N GLY A 49 8.22 1.28 5.12
CA GLY A 49 9.13 0.25 5.59
C GLY A 49 9.46 -0.74 4.49
N LEU A 50 8.91 -0.52 3.29
CA LEU A 50 9.10 -1.38 2.13
C LEU A 50 10.58 -1.58 1.85
N PRO A 51 11.00 -2.81 1.57
CA PRO A 51 12.33 -3.07 1.09
C PRO A 51 12.48 -2.33 -0.23
N PHE A 52 13.66 -1.77 -0.51
CA PHE A 52 13.81 -0.93 -1.69
C PHE A 52 13.67 -1.73 -3.00
N GLY A 53 13.48 -3.05 -2.91
CA GLY A 53 13.31 -3.91 -4.08
C GLY A 53 11.89 -4.47 -4.16
N CYS A 54 11.05 -4.13 -3.17
CA CYS A 54 9.65 -4.53 -3.11
C CYS A 54 8.89 -3.92 -4.29
N THR A 55 7.94 -4.66 -4.86
CA THR A 55 7.07 -4.15 -5.91
C THR A 55 5.71 -4.84 -5.82
N LYS A 56 4.93 -4.80 -6.91
CA LYS A 56 3.57 -5.34 -6.95
C LYS A 56 3.47 -6.71 -6.31
N GLU A 57 4.44 -7.58 -6.56
CA GLU A 57 4.39 -8.97 -6.13
C GLU A 57 4.70 -9.15 -4.64
N GLU A 58 5.42 -8.20 -4.03
CA GLU A 58 5.74 -8.31 -2.62
C GLU A 58 4.60 -7.72 -1.81
N ILE A 59 4.02 -6.62 -2.29
CA ILE A 59 2.89 -5.99 -1.64
C ILE A 59 1.70 -6.94 -1.67
N VAL A 60 1.55 -7.68 -2.76
CA VAL A 60 0.33 -8.46 -2.94
C VAL A 60 0.37 -9.76 -2.14
N GLN A 61 1.56 -10.35 -2.01
CA GLN A 61 1.72 -11.54 -1.19
C GLN A 61 1.84 -11.17 0.28
N PHE A 62 2.22 -9.92 0.57
CA PHE A 62 2.20 -9.42 1.94
C PHE A 62 0.76 -9.19 2.39
N PHE A 63 -0.14 -9.03 1.42
CA PHE A 63 -1.56 -8.87 1.65
C PHE A 63 -2.31 -10.05 1.05
N SER A 64 -1.73 -11.25 1.14
CA SER A 64 -2.45 -12.46 0.79
C SER A 64 -3.62 -12.60 1.76
N GLY A 65 -4.78 -13.07 1.26
CA GLY A 65 -5.99 -13.10 2.06
C GLY A 65 -6.60 -11.70 2.19
N LEU A 66 -6.01 -10.72 1.50
CA LEU A 66 -6.39 -9.32 1.52
C LEU A 66 -6.29 -8.77 0.09
N GLU A 67 -7.23 -9.18 -0.76
CA GLU A 67 -7.23 -8.87 -2.18
C GLU A 67 -7.04 -7.38 -2.47
N ILE A 68 -6.62 -7.09 -3.70
CA ILE A 68 -6.34 -5.73 -4.17
C ILE A 68 -6.96 -5.58 -5.56
N VAL A 69 -7.44 -4.38 -5.91
CA VAL A 69 -8.05 -4.18 -7.22
C VAL A 69 -6.96 -4.20 -8.31
N PRO A 70 -7.34 -4.52 -9.55
CA PRO A 70 -6.46 -4.52 -10.70
C PRO A 70 -5.63 -3.25 -10.80
N ASN A 71 -4.33 -3.41 -11.07
CA ASN A 71 -3.36 -2.31 -11.14
C ASN A 71 -3.59 -1.28 -10.02
N GLY A 72 -3.94 -1.75 -8.83
CA GLY A 72 -4.31 -0.91 -7.71
C GLY A 72 -3.12 -0.60 -6.83
N ILE A 73 -1.92 -0.47 -7.41
CA ILE A 73 -0.71 -0.24 -6.64
C ILE A 73 0.16 0.76 -7.40
N THR A 74 0.84 1.64 -6.64
CA THR A 74 1.73 2.64 -7.21
C THR A 74 3.01 2.70 -6.38
N LEU A 75 4.14 3.02 -7.03
CA LEU A 75 5.45 2.99 -6.42
C LEU A 75 6.29 4.17 -6.87
N PRO A 76 6.28 5.29 -6.11
CA PRO A 76 7.16 6.42 -6.35
C PRO A 76 8.62 5.96 -6.35
N VAL A 77 9.50 6.70 -7.04
CA VAL A 77 10.93 6.40 -6.99
C VAL A 77 11.77 7.67 -7.09
N ASP A 78 13.05 7.53 -6.74
CA ASP A 78 14.05 8.57 -6.87
C ASP A 78 14.72 8.44 -8.25
N PRO A 79 15.62 9.35 -8.63
CA PRO A 79 16.37 9.25 -9.87
C PRO A 79 17.16 7.94 -9.94
N GLU A 80 17.41 7.33 -8.78
CA GLU A 80 18.13 6.08 -8.63
C GLU A 80 17.22 4.89 -8.97
N GLY A 81 15.92 5.14 -9.11
CA GLY A 81 14.92 4.09 -9.26
C GLY A 81 14.52 3.53 -7.91
N LYS A 82 15.09 4.08 -6.84
CA LYS A 82 14.85 3.69 -5.47
C LYS A 82 13.48 4.18 -5.04
N ILE A 83 12.68 3.29 -4.46
CA ILE A 83 11.26 3.50 -4.20
C ILE A 83 10.93 4.51 -3.12
N THR A 84 11.93 5.26 -2.65
CA THR A 84 11.76 6.27 -1.62
C THR A 84 11.38 5.66 -0.26
N GLY A 85 10.93 4.40 -0.26
CA GLY A 85 10.62 3.64 0.94
C GLY A 85 9.12 3.59 1.23
N GLU A 86 8.28 4.17 0.37
CA GLU A 86 6.84 4.17 0.58
C GLU A 86 6.08 3.93 -0.73
N ALA A 87 4.77 3.71 -0.63
CA ALA A 87 3.93 3.35 -1.76
C ALA A 87 2.47 3.63 -1.46
N PHE A 88 1.61 3.29 -2.42
CA PHE A 88 0.20 3.58 -2.36
C PHE A 88 -0.52 2.39 -2.99
N VAL A 89 -1.70 2.05 -2.46
CA VAL A 89 -2.44 0.88 -2.93
C VAL A 89 -3.93 1.19 -2.87
N GLN A 90 -4.71 0.36 -3.55
CA GLN A 90 -6.15 0.36 -3.45
C GLN A 90 -6.63 -1.07 -3.25
N PHE A 91 -6.96 -1.39 -2.00
CA PHE A 91 -7.61 -2.64 -1.69
C PHE A 91 -9.04 -2.62 -2.18
N ALA A 92 -9.72 -3.76 -2.12
CA ALA A 92 -11.10 -3.86 -2.56
C ALA A 92 -12.01 -3.14 -1.56
N SER A 93 -12.28 -1.87 -1.84
CA SER A 93 -13.07 -0.98 -0.98
C SER A 93 -12.40 -0.78 0.37
N GLN A 94 -12.89 0.18 1.17
CA GLN A 94 -12.25 0.49 2.43
C GLN A 94 -12.35 -0.68 3.41
N GLU A 95 -13.30 -1.60 3.20
CA GLU A 95 -13.46 -2.74 4.09
C GLU A 95 -12.21 -3.63 4.06
N LEU A 96 -11.66 -3.87 2.86
CA LEU A 96 -10.46 -4.65 2.72
C LEU A 96 -9.26 -3.87 3.29
N ALA A 97 -9.23 -2.56 3.07
CA ALA A 97 -8.15 -1.73 3.57
C ALA A 97 -8.05 -1.83 5.09
N GLU A 98 -9.22 -1.85 5.77
CA GLU A 98 -9.28 -1.86 7.22
C GLU A 98 -8.75 -3.19 7.77
N LYS A 99 -8.93 -4.27 7.01
CA LYS A 99 -8.39 -5.57 7.40
C LYS A 99 -6.88 -5.58 7.26
N ALA A 100 -6.37 -4.97 6.19
CA ALA A 100 -4.95 -4.86 5.93
C ALA A 100 -4.22 -3.99 6.95
N LEU A 101 -4.95 -3.21 7.76
CA LEU A 101 -4.32 -2.37 8.78
C LEU A 101 -3.67 -3.19 9.88
N GLY A 102 -3.98 -4.49 9.96
CA GLY A 102 -3.37 -5.36 10.97
C GLY A 102 -1.91 -5.63 10.64
N LYS A 103 -1.51 -5.27 9.42
CA LYS A 103 -0.17 -5.48 8.89
C LYS A 103 0.79 -4.37 9.27
N HIS A 104 0.28 -3.32 9.93
CA HIS A 104 1.06 -2.17 10.36
C HIS A 104 2.42 -2.48 10.97
N LYS A 105 2.63 -3.69 11.50
CA LYS A 105 3.95 -4.04 12.03
C LYS A 105 4.33 -5.48 11.71
N GLU A 106 3.65 -6.09 10.72
CA GLU A 106 4.01 -7.42 10.22
C GLU A 106 5.27 -7.33 9.37
N ARG A 107 5.64 -8.46 8.76
CA ARG A 107 6.90 -8.59 8.04
C ARG A 107 6.70 -9.16 6.64
N ILE A 108 7.67 -8.92 5.76
CA ILE A 108 7.59 -9.35 4.37
C ILE A 108 8.56 -10.48 4.03
N GLY A 109 9.43 -10.85 4.97
CA GLY A 109 10.35 -11.97 4.79
C GLY A 109 11.67 -11.81 5.56
N HIS A 110 12.10 -10.57 5.77
CA HIS A 110 13.33 -10.26 6.49
C HIS A 110 13.30 -8.85 7.09
N ARG A 111 12.15 -8.19 6.93
CA ARG A 111 11.98 -6.78 7.24
C ARG A 111 10.54 -6.53 7.67
N TYR A 112 10.28 -5.45 8.41
CA TYR A 112 8.92 -5.17 8.85
C TYR A 112 8.35 -4.04 8.01
N ILE A 113 7.03 -4.06 7.85
CA ILE A 113 6.32 -3.17 6.94
C ILE A 113 5.28 -2.42 7.76
N GLU A 114 4.78 -1.31 7.23
CA GLU A 114 3.75 -0.55 7.92
C GLU A 114 2.63 -0.21 6.96
N VAL A 115 1.45 0.05 7.52
CA VAL A 115 0.27 0.38 6.74
C VAL A 115 -0.35 1.65 7.32
N PHE A 116 -0.74 2.57 6.44
CA PHE A 116 -1.35 3.84 6.82
C PHE A 116 -2.58 4.03 5.94
N LYS A 117 -3.53 4.87 6.34
CA LYS A 117 -4.67 5.13 5.49
C LYS A 117 -4.26 6.04 4.34
N SER A 118 -5.04 6.07 3.26
CA SER A 118 -4.74 6.95 2.14
C SER A 118 -6.01 7.31 1.36
N SER A 119 -5.83 8.02 0.23
CA SER A 119 -6.91 8.53 -0.59
C SER A 119 -6.50 8.51 -2.07
N GLN A 120 -7.46 8.69 -2.97
CA GLN A 120 -7.19 8.75 -4.40
C GLN A 120 -6.24 9.91 -4.72
N GLU A 121 -6.30 10.99 -3.96
CA GLU A 121 -5.47 12.17 -4.19
C GLU A 121 -3.98 11.85 -4.01
N GLU A 122 -3.66 10.74 -3.34
CA GLU A 122 -2.29 10.33 -3.08
C GLU A 122 -1.83 9.26 -4.07
N VAL A 123 -2.71 8.85 -4.98
CA VAL A 123 -2.40 7.74 -5.89
C VAL A 123 -2.99 7.98 -7.28
N ARG A 124 -3.46 9.21 -7.54
CA ARG A 124 -4.07 9.58 -8.81
C ARG A 124 -3.07 9.60 -9.97
N SER A 125 -1.88 9.04 -9.77
CA SER A 125 -0.87 8.93 -10.81
C SER A 125 -1.29 7.93 -11.89
N TYR A 126 -2.46 7.31 -11.73
CA TYR A 126 -3.02 6.37 -12.68
C TYR A 126 -3.10 6.97 -14.08
N ASN A 35 -6.96 17.46 5.14
CA ASN A 35 -8.20 17.30 4.37
C ASN A 35 -9.33 18.15 4.97
N SER A 36 -10.22 18.66 4.11
CA SER A 36 -11.34 19.47 4.55
C SER A 36 -12.55 19.33 3.62
N ALA A 37 -12.45 18.47 2.60
CA ALA A 37 -13.52 18.27 1.64
C ALA A 37 -13.50 16.84 1.08
N ASP A 38 -12.69 15.97 1.67
CA ASP A 38 -12.55 14.59 1.22
C ASP A 38 -12.09 13.69 2.36
N SER A 39 -12.30 12.37 2.22
CA SER A 39 -11.93 11.39 3.22
C SER A 39 -11.67 10.04 2.55
N ALA A 40 -10.92 9.17 3.22
CA ALA A 40 -10.64 7.82 2.73
C ALA A 40 -11.90 6.95 2.84
N ASN A 41 -12.35 6.40 1.72
CA ASN A 41 -13.58 5.61 1.70
C ASN A 41 -13.72 4.75 0.45
N ASP A 42 -12.62 4.40 -0.22
CA ASP A 42 -12.69 3.66 -1.48
C ASP A 42 -11.69 2.52 -1.57
N GLY A 43 -10.98 2.25 -0.48
CA GLY A 43 -10.05 1.13 -0.42
C GLY A 43 -8.60 1.58 -0.44
N PHE A 44 -8.39 2.87 -0.70
CA PHE A 44 -7.05 3.43 -0.76
C PHE A 44 -6.34 3.30 0.58
N VAL A 45 -5.04 3.06 0.51
CA VAL A 45 -4.17 2.89 1.66
C VAL A 45 -2.76 3.31 1.25
N ARG A 46 -1.85 3.35 2.22
CA ARG A 46 -0.47 3.74 2.00
C ARG A 46 0.44 2.79 2.76
N LEU A 47 1.67 2.62 2.28
CA LEU A 47 2.58 1.63 2.80
C LEU A 47 3.97 2.22 3.00
N ARG A 48 4.72 1.69 3.98
CA ARG A 48 6.04 2.21 4.33
C ARG A 48 6.87 1.09 4.96
N GLY A 49 8.19 1.15 4.74
CA GLY A 49 9.12 0.24 5.39
C GLY A 49 9.48 -0.94 4.49
N LEU A 50 8.91 -0.99 3.29
CA LEU A 50 9.13 -2.11 2.39
C LEU A 50 10.60 -2.19 1.95
N PRO A 51 11.03 -3.39 1.54
CA PRO A 51 12.36 -3.61 1.01
C PRO A 51 12.66 -2.70 -0.19
N PHE A 52 13.92 -2.30 -0.35
CA PHE A 52 14.34 -1.45 -1.47
C PHE A 52 14.31 -2.20 -2.81
N GLY A 53 13.60 -3.33 -2.87
CA GLY A 53 13.41 -4.12 -4.09
C GLY A 53 11.96 -4.60 -4.20
N CYS A 54 11.10 -4.16 -3.26
CA CYS A 54 9.69 -4.48 -3.22
C CYS A 54 8.95 -3.87 -4.41
N THR A 55 7.85 -4.49 -4.82
CA THR A 55 6.99 -3.99 -5.89
C THR A 55 5.58 -4.55 -5.70
N LYS A 56 4.71 -4.40 -6.70
CA LYS A 56 3.33 -4.86 -6.61
C LYS A 56 3.24 -6.33 -6.18
N GLU A 57 4.22 -7.14 -6.58
CA GLU A 57 4.25 -8.57 -6.28
C GLU A 57 4.59 -8.83 -4.81
N GLU A 58 5.28 -7.91 -4.14
CA GLU A 58 5.65 -8.10 -2.75
C GLU A 58 4.58 -7.50 -1.86
N ILE A 59 3.96 -6.41 -2.30
CA ILE A 59 2.86 -5.78 -1.59
C ILE A 59 1.67 -6.73 -1.59
N VAL A 60 1.49 -7.48 -2.68
CA VAL A 60 0.30 -8.32 -2.81
C VAL A 60 0.43 -9.59 -1.99
N GLN A 61 1.63 -10.17 -1.93
CA GLN A 61 1.85 -11.32 -1.09
C GLN A 61 1.98 -10.92 0.38
N PHE A 62 2.32 -9.66 0.64
CA PHE A 62 2.28 -9.13 2.00
C PHE A 62 0.84 -8.96 2.45
N PHE A 63 -0.08 -8.79 1.50
CA PHE A 63 -1.50 -8.68 1.75
C PHE A 63 -2.18 -9.95 1.26
N SER A 64 -1.53 -11.10 1.49
CA SER A 64 -2.18 -12.38 1.32
C SER A 64 -3.23 -12.52 2.42
N GLY A 65 -4.25 -13.35 2.21
CA GLY A 65 -5.38 -13.43 3.13
C GLY A 65 -6.30 -12.23 2.97
N LEU A 66 -6.01 -11.41 1.95
CA LEU A 66 -6.71 -10.18 1.62
C LEU A 66 -6.75 -10.10 0.09
N GLU A 67 -7.19 -8.98 -0.47
CA GLU A 67 -7.25 -8.81 -1.92
C GLU A 67 -7.01 -7.35 -2.29
N ILE A 68 -6.71 -7.10 -3.56
CA ILE A 68 -6.41 -5.76 -4.07
C ILE A 68 -7.02 -5.64 -5.46
N VAL A 69 -7.46 -4.44 -5.86
CA VAL A 69 -8.03 -4.26 -7.19
C VAL A 69 -6.94 -4.31 -8.25
N PRO A 70 -7.28 -4.69 -9.49
CA PRO A 70 -6.37 -4.72 -10.62
C PRO A 70 -5.57 -3.42 -10.75
N ASN A 71 -4.28 -3.54 -11.06
CA ASN A 71 -3.35 -2.42 -11.18
C ASN A 71 -3.58 -1.37 -10.08
N GLY A 72 -3.89 -1.83 -8.87
CA GLY A 72 -4.27 -0.96 -7.76
C GLY A 72 -3.08 -0.63 -6.87
N ILE A 73 -1.86 -0.60 -7.41
CA ILE A 73 -0.69 -0.31 -6.59
C ILE A 73 0.21 0.68 -7.31
N THR A 74 0.89 1.53 -6.53
CA THR A 74 1.77 2.56 -7.06
C THR A 74 3.03 2.63 -6.21
N LEU A 75 4.13 3.04 -6.85
CA LEU A 75 5.43 3.16 -6.21
C LEU A 75 6.16 4.36 -6.80
N PRO A 76 6.17 5.49 -6.08
CA PRO A 76 6.92 6.67 -6.46
C PRO A 76 8.39 6.31 -6.65
N VAL A 77 9.12 7.09 -7.46
CA VAL A 77 10.55 6.87 -7.59
C VAL A 77 11.34 8.17 -7.67
N ASP A 78 12.62 8.06 -7.36
CA ASP A 78 13.56 9.17 -7.40
C ASP A 78 14.12 9.31 -8.82
N PRO A 79 14.94 10.35 -9.09
CA PRO A 79 15.61 10.57 -10.35
C PRO A 79 16.54 9.43 -10.75
N GLU A 80 16.60 8.38 -9.93
CA GLU A 80 17.51 7.26 -10.10
C GLU A 80 16.73 5.94 -10.18
N GLY A 81 15.40 6.02 -10.15
CA GLY A 81 14.54 4.85 -10.20
C GLY A 81 14.41 4.17 -8.83
N LYS A 82 14.98 4.80 -7.79
CA LYS A 82 14.83 4.33 -6.42
C LYS A 82 13.38 4.51 -6.02
N ILE A 83 12.94 3.92 -4.91
CA ILE A 83 11.50 3.83 -4.62
C ILE A 83 11.04 4.57 -3.38
N THR A 84 11.91 5.39 -2.81
CA THR A 84 11.60 6.24 -1.66
C THR A 84 11.23 5.46 -0.39
N GLY A 85 11.10 4.13 -0.50
CA GLY A 85 10.80 3.26 0.63
C GLY A 85 9.34 3.28 1.05
N GLU A 86 8.45 3.87 0.23
CA GLU A 86 7.03 3.91 0.53
C GLU A 86 6.20 3.75 -0.75
N ALA A 87 4.91 3.44 -0.59
CA ALA A 87 4.03 3.10 -1.70
C ALA A 87 2.58 3.42 -1.37
N PHE A 88 1.69 3.12 -2.32
CA PHE A 88 0.28 3.42 -2.24
C PHE A 88 -0.48 2.29 -2.92
N VAL A 89 -1.71 2.04 -2.46
CA VAL A 89 -2.48 0.91 -2.96
C VAL A 89 -3.96 1.24 -2.93
N GLN A 90 -4.74 0.42 -3.63
CA GLN A 90 -6.18 0.42 -3.57
C GLN A 90 -6.64 -1.01 -3.33
N PHE A 91 -7.08 -1.27 -2.10
CA PHE A 91 -7.72 -2.53 -1.78
C PHE A 91 -9.15 -2.52 -2.30
N ALA A 92 -9.83 -3.67 -2.19
CA ALA A 92 -11.21 -3.80 -2.60
C ALA A 92 -12.11 -3.07 -1.60
N SER A 93 -12.39 -1.79 -1.90
CA SER A 93 -13.19 -0.90 -1.06
C SER A 93 -12.54 -0.66 0.30
N GLN A 94 -13.04 0.34 1.03
CA GLN A 94 -12.46 0.73 2.30
C GLN A 94 -12.58 -0.39 3.34
N GLU A 95 -13.44 -1.38 3.09
CA GLU A 95 -13.62 -2.48 4.01
C GLU A 95 -12.38 -3.39 4.02
N LEU A 96 -11.81 -3.66 2.84
CA LEU A 96 -10.62 -4.48 2.75
C LEU A 96 -9.44 -3.71 3.36
N ALA A 97 -9.36 -2.40 3.11
CA ALA A 97 -8.29 -1.58 3.65
C ALA A 97 -8.23 -1.68 5.17
N GLU A 98 -9.39 -1.77 5.81
CA GLU A 98 -9.47 -1.79 7.27
C GLU A 98 -9.00 -3.13 7.80
N LYS A 99 -9.16 -4.20 7.01
CA LYS A 99 -8.66 -5.51 7.38
C LYS A 99 -7.15 -5.55 7.22
N ALA A 100 -6.64 -4.89 6.17
CA ALA A 100 -5.22 -4.80 5.90
C ALA A 100 -4.48 -4.01 6.99
N LEU A 101 -5.18 -3.25 7.82
CA LEU A 101 -4.57 -2.54 8.94
C LEU A 101 -4.05 -3.52 10.00
N GLY A 102 -4.46 -4.79 9.93
CA GLY A 102 -3.99 -5.79 10.86
C GLY A 102 -2.53 -6.16 10.57
N LYS A 103 -2.05 -5.72 9.40
CA LYS A 103 -0.69 -5.93 8.92
C LYS A 103 0.28 -4.89 9.47
N HIS A 104 -0.23 -3.93 10.23
CA HIS A 104 0.65 -2.97 10.86
C HIS A 104 1.76 -3.70 11.63
N LYS A 105 3.01 -3.31 11.36
CA LYS A 105 4.22 -3.89 11.95
C LYS A 105 4.43 -5.37 11.63
N GLU A 106 3.63 -5.95 10.72
CA GLU A 106 3.81 -7.30 10.21
C GLU A 106 4.99 -7.32 9.25
N ARG A 107 5.39 -8.51 8.77
CA ARG A 107 6.62 -8.63 8.01
C ARG A 107 6.44 -9.30 6.65
N ILE A 108 7.36 -8.98 5.73
CA ILE A 108 7.42 -9.57 4.39
C ILE A 108 8.23 -10.87 4.41
N GLY A 109 9.04 -11.08 5.45
CA GLY A 109 9.83 -12.30 5.61
C GLY A 109 11.21 -12.04 6.21
N HIS A 110 11.68 -10.79 6.17
CA HIS A 110 12.99 -10.42 6.71
C HIS A 110 13.00 -8.96 7.18
N ARG A 111 11.88 -8.26 6.98
CA ARG A 111 11.74 -6.84 7.28
C ARG A 111 10.29 -6.60 7.67
N TYR A 112 10.02 -5.54 8.46
CA TYR A 112 8.66 -5.25 8.87
C TYR A 112 8.13 -4.05 8.10
N ILE A 113 6.81 -3.97 8.01
CA ILE A 113 6.13 -3.01 7.16
C ILE A 113 5.12 -2.25 8.01
N GLU A 114 4.63 -1.12 7.49
CA GLU A 114 3.65 -0.32 8.19
C GLU A 114 2.49 -0.05 7.24
N VAL A 115 1.32 0.23 7.81
CA VAL A 115 0.09 0.39 7.08
C VAL A 115 -0.55 1.70 7.55
N PHE A 116 -0.93 2.54 6.58
CA PHE A 116 -1.45 3.87 6.83
C PHE A 116 -2.65 4.06 5.91
N LYS A 117 -3.68 4.80 6.35
CA LYS A 117 -4.84 5.02 5.50
C LYS A 117 -4.49 6.00 4.38
N SER A 118 -5.28 6.02 3.31
CA SER A 118 -5.02 6.94 2.20
C SER A 118 -6.27 7.16 1.34
N SER A 119 -6.11 7.94 0.27
CA SER A 119 -7.17 8.33 -0.65
C SER A 119 -6.61 8.44 -2.05
N GLN A 120 -7.50 8.59 -3.05
CA GLN A 120 -7.10 8.72 -4.44
C GLN A 120 -6.15 9.91 -4.64
N GLU A 121 -6.31 10.95 -3.82
CA GLU A 121 -5.50 12.17 -3.91
C GLU A 121 -4.04 11.94 -3.53
N GLU A 122 -3.65 10.70 -3.22
CA GLU A 122 -2.28 10.33 -2.88
C GLU A 122 -1.77 9.23 -3.80
N VAL A 123 -2.59 8.79 -4.76
CA VAL A 123 -2.22 7.69 -5.64
C VAL A 123 -2.74 7.91 -7.06
N ARG A 124 -3.22 9.13 -7.35
CA ARG A 124 -3.75 9.47 -8.66
C ARG A 124 -2.68 9.56 -9.75
N SER A 125 -1.49 9.02 -9.48
CA SER A 125 -0.41 8.96 -10.45
C SER A 125 -0.74 7.97 -11.58
N TYR A 126 -1.90 7.32 -11.50
CA TYR A 126 -2.38 6.37 -12.51
C TYR A 126 -2.40 7.03 -13.89
N ASN A 35 -6.65 3.75 13.22
CA ASN A 35 -7.31 4.02 11.93
C ASN A 35 -8.04 5.35 11.96
N SER A 36 -8.73 5.70 10.87
CA SER A 36 -9.46 6.96 10.76
C SER A 36 -10.72 6.77 9.93
N ALA A 37 -11.63 7.74 10.01
CA ALA A 37 -12.91 7.68 9.31
C ALA A 37 -13.41 9.09 8.97
N ASP A 38 -12.49 10.07 8.94
CA ASP A 38 -12.84 11.47 8.73
C ASP A 38 -11.90 12.13 7.71
N SER A 39 -11.17 11.31 6.94
CA SER A 39 -10.24 11.81 5.93
C SER A 39 -10.21 10.90 4.69
N ALA A 40 -10.80 9.71 4.79
CA ALA A 40 -10.87 8.77 3.68
C ALA A 40 -11.99 7.75 3.91
N ASN A 41 -12.51 7.21 2.81
CA ASN A 41 -13.59 6.23 2.82
C ASN A 41 -13.55 5.40 1.53
N ASP A 42 -12.33 5.12 1.07
CA ASP A 42 -12.08 4.37 -0.15
C ASP A 42 -11.07 3.27 0.16
N GLY A 43 -10.91 2.32 -0.76
CA GLY A 43 -9.99 1.21 -0.58
C GLY A 43 -8.53 1.65 -0.55
N PHE A 44 -8.28 2.94 -0.80
CA PHE A 44 -6.93 3.47 -0.80
C PHE A 44 -6.28 3.33 0.56
N VAL A 45 -4.99 2.99 0.52
CA VAL A 45 -4.16 2.76 1.70
C VAL A 45 -2.72 3.13 1.34
N ARG A 46 -1.83 3.07 2.33
CA ARG A 46 -0.43 3.44 2.14
C ARG A 46 0.47 2.41 2.80
N LEU A 47 1.65 2.18 2.20
CA LEU A 47 2.64 1.22 2.64
C LEU A 47 3.96 1.97 2.87
N ARG A 48 4.79 1.47 3.80
CA ARG A 48 6.11 2.02 4.01
C ARG A 48 7.00 0.99 4.71
N GLY A 49 8.30 1.04 4.40
CA GLY A 49 9.27 0.17 5.03
C GLY A 49 9.61 -1.02 4.14
N LEU A 50 8.94 -1.14 2.99
CA LEU A 50 9.17 -2.26 2.10
C LEU A 50 10.60 -2.22 1.54
N PRO A 51 11.12 -3.38 1.13
CA PRO A 51 12.44 -3.52 0.56
C PRO A 51 12.65 -2.57 -0.61
N PHE A 52 13.89 -2.08 -0.81
CA PHE A 52 14.22 -1.21 -1.93
C PHE A 52 14.11 -1.93 -3.29
N GLY A 53 13.69 -3.20 -3.30
CA GLY A 53 13.49 -3.96 -4.52
C GLY A 53 12.08 -4.54 -4.58
N CYS A 54 11.22 -4.14 -3.62
CA CYS A 54 9.84 -4.59 -3.54
C CYS A 54 9.03 -4.01 -4.71
N THR A 55 7.94 -4.70 -5.06
CA THR A 55 7.01 -4.25 -6.10
C THR A 55 5.63 -4.85 -5.85
N LYS A 56 4.69 -4.66 -6.78
CA LYS A 56 3.32 -5.12 -6.64
C LYS A 56 3.23 -6.58 -6.23
N GLU A 57 4.18 -7.40 -6.65
CA GLU A 57 4.15 -8.84 -6.40
C GLU A 57 4.54 -9.20 -4.96
N GLU A 58 5.29 -8.34 -4.28
CA GLU A 58 5.68 -8.61 -2.91
C GLU A 58 4.65 -7.98 -1.98
N ILE A 59 4.04 -6.88 -2.42
CA ILE A 59 2.96 -6.23 -1.70
C ILE A 59 1.74 -7.15 -1.70
N VAL A 60 1.45 -7.80 -2.83
CA VAL A 60 0.25 -8.64 -2.92
C VAL A 60 0.43 -9.94 -2.14
N GLN A 61 1.64 -10.49 -2.09
CA GLN A 61 1.87 -11.66 -1.25
C GLN A 61 1.89 -11.28 0.23
N PHE A 62 2.28 -10.04 0.55
CA PHE A 62 2.19 -9.54 1.91
C PHE A 62 0.73 -9.33 2.30
N PHE A 63 -0.14 -9.24 1.29
CA PHE A 63 -1.56 -9.06 1.44
C PHE A 63 -2.30 -10.25 0.82
N SER A 64 -1.71 -11.44 0.90
CA SER A 64 -2.30 -12.66 0.37
C SER A 64 -3.55 -13.10 1.16
N GLY A 65 -3.87 -12.39 2.25
CA GLY A 65 -5.06 -12.63 3.06
C GLY A 65 -6.09 -11.53 2.80
N LEU A 66 -5.92 -10.85 1.67
CA LEU A 66 -6.64 -9.67 1.22
C LEU A 66 -6.83 -9.88 -0.30
N GLU A 67 -7.22 -8.87 -1.07
CA GLU A 67 -7.46 -9.15 -2.50
C GLU A 67 -7.03 -8.05 -3.46
N ILE A 68 -6.91 -6.81 -2.98
CA ILE A 68 -6.58 -5.65 -3.78
C ILE A 68 -7.50 -5.49 -5.02
N VAL A 69 -7.30 -4.43 -5.81
CA VAL A 69 -7.95 -4.29 -7.10
C VAL A 69 -6.89 -4.27 -8.20
N PRO A 70 -7.27 -4.63 -9.43
CA PRO A 70 -6.39 -4.64 -10.60
C PRO A 70 -5.61 -3.34 -10.74
N ASN A 71 -4.31 -3.45 -11.07
CA ASN A 71 -3.39 -2.33 -11.19
C ASN A 71 -3.58 -1.32 -10.06
N GLY A 72 -3.89 -1.81 -8.86
CA GLY A 72 -4.25 -0.98 -7.73
C GLY A 72 -3.06 -0.68 -6.84
N ILE A 73 -1.84 -0.65 -7.37
CA ILE A 73 -0.66 -0.42 -6.56
C ILE A 73 0.26 0.58 -7.26
N THR A 74 0.94 1.42 -6.47
CA THR A 74 1.85 2.43 -6.96
C THR A 74 3.11 2.47 -6.09
N LEU A 75 4.23 2.84 -6.70
CA LEU A 75 5.53 2.88 -6.04
C LEU A 75 6.35 4.05 -6.58
N PRO A 76 6.31 5.21 -5.91
CA PRO A 76 7.10 6.38 -6.25
C PRO A 76 8.59 6.05 -6.28
N VAL A 77 9.37 6.88 -6.97
CA VAL A 77 10.81 6.70 -7.06
C VAL A 77 11.55 8.04 -7.01
N ASP A 78 12.86 7.95 -6.82
CA ASP A 78 13.75 9.11 -6.82
C ASP A 78 14.28 9.33 -8.24
N PRO A 79 15.06 10.38 -8.49
CA PRO A 79 15.66 10.63 -9.79
C PRO A 79 16.53 9.46 -10.25
N GLU A 80 16.96 8.63 -9.29
CA GLU A 80 17.79 7.46 -9.54
C GLU A 80 16.93 6.27 -10.00
N GLY A 81 15.61 6.41 -9.94
CA GLY A 81 14.68 5.34 -10.27
C GLY A 81 14.49 4.40 -9.08
N LYS A 82 15.13 4.71 -7.94
CA LYS A 82 15.07 3.95 -6.72
C LYS A 82 13.80 4.34 -5.98
N ILE A 83 13.07 3.34 -5.51
CA ILE A 83 11.82 3.58 -4.81
C ILE A 83 12.10 4.29 -3.50
N THR A 84 11.13 5.12 -3.11
CA THR A 84 11.24 5.99 -1.94
C THR A 84 11.06 5.21 -0.63
N GLY A 85 10.90 3.89 -0.72
CA GLY A 85 10.73 3.03 0.44
C GLY A 85 9.29 3.03 0.95
N GLU A 86 8.39 3.69 0.22
CA GLU A 86 6.98 3.74 0.56
C GLU A 86 6.15 3.60 -0.71
N ALA A 87 4.86 3.30 -0.55
CA ALA A 87 3.98 2.97 -1.66
C ALA A 87 2.53 3.26 -1.31
N PHE A 88 1.65 2.96 -2.27
CA PHE A 88 0.23 3.26 -2.17
C PHE A 88 -0.51 2.12 -2.86
N VAL A 89 -1.71 1.81 -2.37
CA VAL A 89 -2.47 0.68 -2.88
C VAL A 89 -3.94 1.03 -2.85
N GLN A 90 -4.75 0.22 -3.54
CA GLN A 90 -6.19 0.25 -3.41
C GLN A 90 -6.68 -1.17 -3.15
N PHE A 91 -7.08 -1.42 -1.91
CA PHE A 91 -7.78 -2.64 -1.59
C PHE A 91 -9.21 -2.57 -2.10
N ALA A 92 -9.91 -3.70 -2.04
CA ALA A 92 -11.28 -3.79 -2.50
C ALA A 92 -12.19 -3.00 -1.55
N SER A 93 -12.35 -1.70 -1.84
CA SER A 93 -13.13 -0.77 -1.04
C SER A 93 -12.51 -0.57 0.35
N GLN A 94 -13.01 0.42 1.10
CA GLN A 94 -12.45 0.79 2.39
C GLN A 94 -12.57 -0.34 3.42
N GLU A 95 -13.44 -1.33 3.16
CA GLU A 95 -13.61 -2.46 4.05
C GLU A 95 -12.39 -3.37 4.03
N LEU A 96 -11.88 -3.67 2.82
CA LEU A 96 -10.71 -4.51 2.65
C LEU A 96 -9.46 -3.75 3.13
N ALA A 97 -9.45 -2.42 2.98
CA ALA A 97 -8.32 -1.61 3.41
C ALA A 97 -8.15 -1.66 4.92
N GLU A 98 -9.28 -1.66 5.65
CA GLU A 98 -9.25 -1.68 7.11
C GLU A 98 -8.74 -3.03 7.61
N LYS A 99 -8.97 -4.10 6.86
CA LYS A 99 -8.41 -5.40 7.19
C LYS A 99 -6.91 -5.43 6.98
N ALA A 100 -6.45 -4.75 5.92
CA ALA A 100 -5.03 -4.67 5.60
C ALA A 100 -4.25 -3.94 6.71
N LEU A 101 -4.93 -3.15 7.54
CA LEU A 101 -4.28 -2.45 8.64
C LEU A 101 -3.81 -3.43 9.72
N GLY A 102 -4.26 -4.69 9.64
CA GLY A 102 -3.83 -5.71 10.58
C GLY A 102 -2.40 -6.14 10.28
N LYS A 103 -1.89 -5.75 9.12
CA LYS A 103 -0.54 -6.02 8.65
C LYS A 103 0.46 -5.01 9.20
N HIS A 104 -0.03 -4.05 9.99
CA HIS A 104 0.86 -3.10 10.63
C HIS A 104 1.95 -3.83 11.41
N LYS A 105 3.21 -3.46 11.13
CA LYS A 105 4.41 -4.06 11.68
C LYS A 105 4.50 -5.58 11.51
N GLU A 106 3.76 -6.17 10.56
CA GLU A 106 3.67 -7.61 10.35
C GLU A 106 4.82 -8.18 9.53
N ARG A 107 5.58 -7.31 8.86
CA ARG A 107 6.81 -7.64 8.17
C ARG A 107 6.62 -8.41 6.87
N ILE A 108 7.70 -8.57 6.10
CA ILE A 108 7.68 -9.21 4.78
C ILE A 108 8.67 -10.37 4.65
N GLY A 109 9.60 -10.52 5.60
CA GLY A 109 10.52 -11.66 5.59
C GLY A 109 11.84 -11.39 6.29
N HIS A 110 12.32 -10.14 6.30
CA HIS A 110 13.58 -9.78 6.94
C HIS A 110 13.56 -8.33 7.42
N ARG A 111 12.44 -7.63 7.17
CA ARG A 111 12.28 -6.22 7.43
C ARG A 111 10.82 -5.99 7.79
N TYR A 112 10.52 -4.98 8.62
CA TYR A 112 9.13 -4.77 9.00
C TYR A 112 8.48 -3.76 8.09
N ILE A 113 7.16 -3.89 7.95
CA ILE A 113 6.40 -3.10 7.00
C ILE A 113 5.32 -2.34 7.75
N GLU A 114 4.83 -1.28 7.13
CA GLU A 114 3.87 -0.40 7.76
C GLU A 114 2.64 -0.28 6.87
N VAL A 115 1.51 0.04 7.49
CA VAL A 115 0.24 0.21 6.82
C VAL A 115 -0.42 1.43 7.42
N PHE A 116 -0.90 2.32 6.55
CA PHE A 116 -1.50 3.59 6.93
C PHE A 116 -2.67 3.83 5.99
N LYS A 117 -3.65 4.64 6.40
CA LYS A 117 -4.78 4.92 5.52
C LYS A 117 -4.37 5.91 4.43
N SER A 118 -5.14 5.96 3.33
CA SER A 118 -4.84 6.88 2.25
C SER A 118 -6.08 7.23 1.42
N SER A 119 -5.88 7.98 0.35
CA SER A 119 -6.94 8.43 -0.54
C SER A 119 -6.41 8.54 -1.97
N GLN A 120 -7.30 8.81 -2.92
CA GLN A 120 -6.94 8.94 -4.31
C GLN A 120 -5.93 10.07 -4.51
N GLU A 121 -6.02 11.11 -3.67
CA GLU A 121 -5.15 12.29 -3.76
C GLU A 121 -3.69 11.95 -3.44
N GLU A 122 -3.39 10.68 -3.12
CA GLU A 122 -2.04 10.23 -2.81
C GLU A 122 -1.61 9.11 -3.75
N VAL A 123 -2.46 8.74 -4.71
CA VAL A 123 -2.16 7.64 -5.61
C VAL A 123 -2.70 7.92 -7.03
N ARG A 124 -3.13 9.15 -7.28
CA ARG A 124 -3.68 9.57 -8.55
C ARG A 124 -2.64 9.60 -9.68
N SER A 125 -1.48 8.99 -9.47
CA SER A 125 -0.44 8.88 -10.49
C SER A 125 -0.88 7.98 -11.64
N TYR A 126 -2.08 7.39 -11.53
CA TYR A 126 -2.65 6.54 -12.56
C TYR A 126 -2.73 7.27 -13.90
N ASN A 35 -6.10 7.59 11.33
CA ASN A 35 -6.21 6.44 10.41
C ASN A 35 -7.46 5.62 10.75
N SER A 36 -8.56 5.87 10.05
CA SER A 36 -9.82 5.18 10.29
C SER A 36 -10.76 5.33 9.08
N ALA A 37 -12.01 4.89 9.24
CA ALA A 37 -13.05 5.03 8.24
C ALA A 37 -13.46 6.50 8.06
N ASP A 38 -12.65 7.44 8.55
CA ASP A 38 -12.91 8.87 8.48
C ASP A 38 -11.69 9.60 7.90
N SER A 39 -10.74 8.84 7.32
CA SER A 39 -9.56 9.37 6.67
C SER A 39 -9.36 8.71 5.30
N ALA A 40 -10.28 7.82 4.92
CA ALA A 40 -10.35 7.20 3.61
C ALA A 40 -11.77 6.70 3.39
N ASN A 41 -12.13 6.37 2.15
CA ASN A 41 -13.48 5.92 1.86
C ASN A 41 -13.61 5.08 0.59
N ASP A 42 -12.49 4.61 0.02
CA ASP A 42 -12.57 3.86 -1.24
C ASP A 42 -11.55 2.74 -1.35
N GLY A 43 -10.87 2.43 -0.25
CA GLY A 43 -9.95 1.30 -0.20
C GLY A 43 -8.50 1.75 -0.27
N PHE A 44 -8.27 3.04 -0.48
CA PHE A 44 -6.93 3.57 -0.58
C PHE A 44 -6.20 3.40 0.75
N VAL A 45 -4.89 3.14 0.64
CA VAL A 45 -4.01 2.92 1.77
C VAL A 45 -2.59 3.30 1.35
N ARG A 46 -1.68 3.26 2.31
CA ARG A 46 -0.27 3.60 2.11
C ARG A 46 0.59 2.56 2.82
N LEU A 47 1.82 2.37 2.35
CA LEU A 47 2.69 1.31 2.82
C LEU A 47 4.11 1.85 2.98
N ARG A 48 4.86 1.32 3.94
CA ARG A 48 6.25 1.73 4.16
C ARG A 48 7.02 0.61 4.87
N GLY A 49 8.33 0.78 5.05
CA GLY A 49 9.16 -0.24 5.68
C GLY A 49 9.65 -1.26 4.66
N LEU A 50 9.34 -1.02 3.38
CA LEU A 50 9.64 -1.93 2.29
C LEU A 50 11.13 -2.19 2.17
N PRO A 51 11.49 -3.39 1.68
CA PRO A 51 12.86 -3.85 1.51
C PRO A 51 13.58 -3.22 0.31
N PHE A 52 13.13 -2.03 -0.13
CA PHE A 52 13.64 -1.31 -1.28
C PHE A 52 13.64 -2.13 -2.59
N GLY A 53 13.08 -3.34 -2.60
CA GLY A 53 13.06 -4.18 -3.79
C GLY A 53 11.66 -4.75 -4.05
N CYS A 54 10.74 -4.51 -3.12
CA CYS A 54 9.35 -4.90 -3.25
C CYS A 54 8.69 -4.18 -4.43
N THR A 55 7.68 -4.84 -5.03
CA THR A 55 6.85 -4.24 -6.06
C THR A 55 5.42 -4.75 -5.88
N LYS A 56 4.54 -4.54 -6.86
CA LYS A 56 3.16 -4.97 -6.78
C LYS A 56 3.04 -6.45 -6.37
N GLU A 57 4.03 -7.26 -6.73
CA GLU A 57 4.04 -8.68 -6.46
C GLU A 57 4.40 -9.01 -5.02
N GLU A 58 5.12 -8.13 -4.32
CA GLU A 58 5.47 -8.37 -2.93
C GLU A 58 4.42 -7.74 -2.02
N ILE A 59 3.85 -6.61 -2.43
CA ILE A 59 2.76 -5.99 -1.71
C ILE A 59 1.58 -6.95 -1.67
N VAL A 60 1.40 -7.74 -2.73
CA VAL A 60 0.24 -8.60 -2.83
C VAL A 60 0.46 -9.91 -2.07
N GLN A 61 1.71 -10.37 -1.98
CA GLN A 61 2.00 -11.50 -1.12
C GLN A 61 1.97 -11.10 0.35
N PHE A 62 2.29 -9.84 0.65
CA PHE A 62 2.18 -9.31 2.00
C PHE A 62 0.71 -9.19 2.43
N PHE A 63 -0.18 -9.04 1.44
CA PHE A 63 -1.61 -8.96 1.63
C PHE A 63 -2.28 -10.17 0.96
N SER A 64 -1.60 -11.33 0.96
CA SER A 64 -2.11 -12.55 0.34
C SER A 64 -3.37 -13.06 1.03
N GLY A 65 -3.68 -12.54 2.22
CA GLY A 65 -4.89 -12.89 2.96
C GLY A 65 -6.02 -11.92 2.62
N LEU A 66 -5.82 -11.13 1.56
CA LEU A 66 -6.67 -10.04 1.14
C LEU A 66 -6.79 -10.12 -0.39
N GLU A 67 -7.22 -9.06 -1.09
CA GLU A 67 -7.46 -9.20 -2.53
C GLU A 67 -7.09 -8.03 -3.43
N ILE A 68 -6.93 -6.83 -2.86
CA ILE A 68 -6.65 -5.62 -3.61
C ILE A 68 -7.55 -5.44 -4.84
N VAL A 69 -7.20 -4.51 -5.74
CA VAL A 69 -7.86 -4.33 -7.03
C VAL A 69 -6.82 -4.31 -8.15
N PRO A 70 -7.24 -4.65 -9.37
CA PRO A 70 -6.40 -4.61 -10.56
C PRO A 70 -5.62 -3.30 -10.69
N ASN A 71 -4.33 -3.39 -11.02
CA ASN A 71 -3.43 -2.24 -11.16
C ASN A 71 -3.66 -1.18 -10.08
N GLY A 72 -3.95 -1.63 -8.85
CA GLY A 72 -4.32 -0.75 -7.75
C GLY A 72 -3.12 -0.44 -6.87
N ILE A 73 -1.90 -0.45 -7.40
CA ILE A 73 -0.71 -0.23 -6.58
C ILE A 73 0.19 0.79 -7.29
N THR A 74 0.89 1.59 -6.49
CA THR A 74 1.80 2.63 -6.99
C THR A 74 3.07 2.63 -6.15
N LEU A 75 4.20 2.96 -6.78
CA LEU A 75 5.52 2.89 -6.16
C LEU A 75 6.36 4.10 -6.57
N PRO A 76 6.38 5.15 -5.75
CA PRO A 76 7.25 6.29 -5.94
C PRO A 76 8.71 5.84 -6.04
N VAL A 77 9.55 6.59 -6.76
CA VAL A 77 10.95 6.24 -6.92
C VAL A 77 11.84 7.48 -6.90
N ASP A 78 13.14 7.25 -6.76
CA ASP A 78 14.14 8.31 -6.75
C ASP A 78 14.63 8.53 -8.18
N PRO A 79 15.52 9.50 -8.43
CA PRO A 79 16.08 9.74 -9.75
C PRO A 79 16.82 8.51 -10.29
N GLU A 80 17.18 7.59 -9.38
CA GLU A 80 17.85 6.35 -9.72
C GLU A 80 16.86 5.30 -10.21
N GLY A 81 15.56 5.58 -10.06
CA GLY A 81 14.50 4.67 -10.45
C GLY A 81 14.23 3.59 -9.41
N LYS A 82 14.75 3.79 -8.19
CA LYS A 82 14.55 2.87 -7.09
C LYS A 82 13.57 3.46 -6.10
N ILE A 83 12.81 2.60 -5.44
CA ILE A 83 11.70 3.05 -4.61
C ILE A 83 12.18 3.81 -3.39
N THR A 84 11.36 4.76 -2.95
CA THR A 84 11.68 5.66 -1.86
C THR A 84 11.55 4.97 -0.49
N GLY A 85 11.02 3.74 -0.47
CA GLY A 85 10.85 2.97 0.75
C GLY A 85 9.38 2.85 1.14
N GLU A 86 8.50 3.51 0.38
CA GLU A 86 7.07 3.51 0.65
C GLU A 86 6.26 3.38 -0.64
N ALA A 87 4.94 3.17 -0.50
CA ALA A 87 4.05 2.89 -1.60
C ALA A 87 2.62 3.29 -1.27
N PHE A 88 1.72 3.05 -2.23
CA PHE A 88 0.32 3.40 -2.14
C PHE A 88 -0.46 2.29 -2.83
N VAL A 89 -1.68 2.01 -2.36
CA VAL A 89 -2.48 0.93 -2.90
C VAL A 89 -3.96 1.33 -2.85
N GLN A 90 -4.77 0.59 -3.59
CA GLN A 90 -6.21 0.67 -3.50
C GLN A 90 -6.75 -0.73 -3.29
N PHE A 91 -7.07 -1.06 -2.04
CA PHE A 91 -7.69 -2.33 -1.77
C PHE A 91 -9.11 -2.33 -2.28
N ALA A 92 -9.74 -3.51 -2.23
CA ALA A 92 -11.12 -3.68 -2.66
C ALA A 92 -12.07 -2.94 -1.71
N SER A 93 -12.29 -1.65 -1.98
CA SER A 93 -13.11 -0.77 -1.15
C SER A 93 -12.51 -0.60 0.25
N GLN A 94 -13.07 0.30 1.06
CA GLN A 94 -12.53 0.60 2.37
C GLN A 94 -12.53 -0.64 3.26
N GLU A 95 -13.50 -1.54 3.07
CA GLU A 95 -13.64 -2.72 3.91
C GLU A 95 -12.38 -3.58 3.85
N LEU A 96 -11.80 -3.75 2.65
CA LEU A 96 -10.61 -4.56 2.50
C LEU A 96 -9.40 -3.82 3.09
N ALA A 97 -9.34 -2.49 2.88
CA ALA A 97 -8.25 -1.68 3.42
C ALA A 97 -8.25 -1.74 4.94
N GLU A 98 -9.43 -1.79 5.53
CA GLU A 98 -9.58 -1.83 6.99
C GLU A 98 -9.06 -3.15 7.54
N LYS A 99 -9.10 -4.22 6.71
CA LYS A 99 -8.54 -5.50 7.10
C LYS A 99 -7.02 -5.50 6.99
N ALA A 100 -6.50 -4.84 5.96
CA ALA A 100 -5.06 -4.70 5.75
C ALA A 100 -4.38 -4.00 6.93
N LEU A 101 -5.14 -3.19 7.68
CA LEU A 101 -4.62 -2.50 8.86
C LEU A 101 -4.30 -3.47 9.99
N GLY A 102 -4.68 -4.74 9.85
CA GLY A 102 -4.43 -5.74 10.87
C GLY A 102 -2.98 -6.21 10.78
N LYS A 103 -2.34 -5.94 9.65
CA LYS A 103 -0.95 -6.25 9.41
C LYS A 103 -0.04 -5.29 10.14
N HIS A 104 -0.26 -4.00 9.85
CA HIS A 104 0.65 -2.91 10.18
C HIS A 104 2.09 -3.38 10.35
N LYS A 105 2.55 -3.59 11.59
CA LYS A 105 3.94 -3.92 11.89
C LYS A 105 4.35 -5.35 11.49
N GLU A 106 3.60 -5.99 10.58
CA GLU A 106 3.94 -7.30 10.01
C GLU A 106 5.24 -7.24 9.23
N ARG A 107 5.64 -8.36 8.62
CA ARG A 107 6.93 -8.49 7.96
C ARG A 107 6.80 -9.16 6.59
N ILE A 108 7.88 -9.11 5.80
CA ILE A 108 7.94 -9.73 4.47
C ILE A 108 8.99 -10.85 4.40
N GLY A 109 9.87 -10.96 5.39
CA GLY A 109 10.83 -12.06 5.44
C GLY A 109 12.08 -11.77 6.28
N HIS A 110 12.52 -10.51 6.33
CA HIS A 110 13.69 -10.12 7.10
C HIS A 110 13.59 -8.66 7.56
N ARG A 111 12.45 -8.03 7.25
CA ARG A 111 12.23 -6.61 7.49
C ARG A 111 10.76 -6.44 7.87
N TYR A 112 10.43 -5.34 8.58
CA TYR A 112 9.06 -5.12 8.98
C TYR A 112 8.46 -4.02 8.13
N ILE A 113 7.16 -4.13 7.89
CA ILE A 113 6.43 -3.28 6.98
C ILE A 113 5.48 -2.42 7.81
N GLU A 114 4.80 -1.50 7.15
CA GLU A 114 3.87 -0.59 7.81
C GLU A 114 2.62 -0.42 6.95
N VAL A 115 1.50 -0.09 7.59
CA VAL A 115 0.25 0.17 6.89
C VAL A 115 -0.27 1.51 7.41
N PHE A 116 -0.73 2.38 6.51
CA PHE A 116 -1.20 3.70 6.87
C PHE A 116 -2.39 4.04 5.97
N LYS A 117 -3.30 4.87 6.46
CA LYS A 117 -4.47 5.26 5.67
C LYS A 117 -4.08 6.22 4.57
N SER A 118 -4.87 6.24 3.50
CA SER A 118 -4.62 7.09 2.33
C SER A 118 -5.90 7.32 1.55
N SER A 119 -5.81 8.11 0.47
CA SER A 119 -6.93 8.43 -0.40
C SER A 119 -6.40 8.66 -1.81
N GLN A 120 -7.31 8.79 -2.78
CA GLN A 120 -6.95 9.00 -4.18
C GLN A 120 -6.03 10.22 -4.34
N GLU A 121 -6.18 11.22 -3.47
CA GLU A 121 -5.39 12.44 -3.51
C GLU A 121 -3.90 12.21 -3.20
N GLU A 122 -3.51 10.95 -2.95
CA GLU A 122 -2.13 10.57 -2.64
C GLU A 122 -1.63 9.55 -3.65
N VAL A 123 -2.46 9.16 -4.62
CA VAL A 123 -2.11 8.14 -5.58
C VAL A 123 -2.70 8.43 -6.96
N ARG A 124 -3.16 9.67 -7.16
CA ARG A 124 -3.77 10.10 -8.42
C ARG A 124 -2.75 10.20 -9.56
N SER A 125 -1.53 9.69 -9.34
CA SER A 125 -0.49 9.66 -10.36
C SER A 125 -0.85 8.66 -11.48
N TYR A 126 -2.00 7.99 -11.36
CA TYR A 126 -2.48 7.05 -12.37
C TYR A 126 -2.58 7.73 -13.74
N ASN A 35 -5.27 11.28 2.72
CA ASN A 35 -6.71 11.39 3.01
C ASN A 35 -7.28 12.62 2.33
N SER A 36 -8.51 12.52 1.82
CA SER A 36 -9.15 13.60 1.07
C SER A 36 -9.34 14.86 1.92
N ALA A 37 -9.47 14.70 3.24
CA ALA A 37 -9.59 15.82 4.16
C ALA A 37 -9.29 15.38 5.59
N ASP A 38 -9.65 14.13 5.94
CA ASP A 38 -9.39 13.58 7.26
C ASP A 38 -9.47 12.05 7.24
N SER A 39 -10.14 11.47 6.23
CA SER A 39 -10.32 10.03 6.12
C SER A 39 -10.50 9.64 4.66
N ALA A 40 -10.87 8.38 4.42
CA ALA A 40 -11.09 7.84 3.09
C ALA A 40 -12.17 6.76 3.14
N ASN A 41 -12.66 6.34 1.97
CA ASN A 41 -13.82 5.45 1.90
C ASN A 41 -13.85 4.64 0.59
N ASP A 42 -12.71 4.43 -0.06
CA ASP A 42 -12.71 3.78 -1.37
C ASP A 42 -11.69 2.66 -1.53
N GLY A 43 -10.92 2.35 -0.50
CA GLY A 43 -10.02 1.22 -0.52
C GLY A 43 -8.55 1.64 -0.50
N PHE A 44 -8.29 2.92 -0.67
CA PHE A 44 -6.93 3.44 -0.70
C PHE A 44 -6.25 3.25 0.65
N VAL A 45 -4.94 3.03 0.59
CA VAL A 45 -4.09 2.76 1.75
C VAL A 45 -2.66 3.17 1.42
N ARG A 46 -1.76 3.01 2.39
CA ARG A 46 -0.35 3.35 2.20
C ARG A 46 0.55 2.25 2.75
N LEU A 47 1.82 2.28 2.32
CA LEU A 47 2.83 1.33 2.73
C LEU A 47 4.16 2.06 2.81
N ARG A 48 5.02 1.73 3.78
CA ARG A 48 6.29 2.44 3.95
C ARG A 48 7.41 1.62 4.55
N GLY A 49 7.10 0.52 5.22
CA GLY A 49 8.13 -0.28 5.85
C GLY A 49 8.86 -1.16 4.82
N LEU A 50 8.65 -0.87 3.55
CA LEU A 50 9.11 -1.67 2.43
C LEU A 50 10.62 -1.82 2.39
N PRO A 51 11.09 -2.92 1.79
CA PRO A 51 12.45 -3.07 1.34
C PRO A 51 12.53 -2.37 -0.01
N PHE A 52 13.69 -1.79 -0.34
CA PHE A 52 13.81 -0.95 -1.52
C PHE A 52 13.75 -1.74 -2.84
N GLY A 53 13.38 -3.03 -2.80
CA GLY A 53 13.28 -3.86 -3.98
C GLY A 53 11.86 -4.41 -4.18
N CYS A 54 10.94 -4.05 -3.29
CA CYS A 54 9.54 -4.47 -3.36
C CYS A 54 8.84 -3.89 -4.58
N THR A 55 7.77 -4.56 -5.03
CA THR A 55 6.90 -4.07 -6.09
C THR A 55 5.50 -4.64 -5.91
N LYS A 56 4.59 -4.42 -6.88
CA LYS A 56 3.21 -4.85 -6.78
C LYS A 56 3.08 -6.33 -6.40
N GLU A 57 3.99 -7.16 -6.90
CA GLU A 57 3.94 -8.59 -6.69
C GLU A 57 4.36 -9.01 -5.28
N GLU A 58 5.05 -8.13 -4.56
CA GLU A 58 5.49 -8.42 -3.21
C GLU A 58 4.55 -7.73 -2.23
N ILE A 59 3.93 -6.62 -2.67
CA ILE A 59 2.87 -5.97 -1.91
C ILE A 59 1.66 -6.90 -1.87
N VAL A 60 1.36 -7.57 -2.99
CA VAL A 60 0.20 -8.45 -3.04
C VAL A 60 0.45 -9.73 -2.27
N GLN A 61 1.67 -10.26 -2.28
CA GLN A 61 1.99 -11.41 -1.46
C GLN A 61 2.03 -11.05 0.03
N PHE A 62 2.37 -9.80 0.36
CA PHE A 62 2.30 -9.34 1.74
C PHE A 62 0.84 -9.23 2.18
N PHE A 63 -0.07 -9.08 1.21
CA PHE A 63 -1.49 -8.97 1.43
C PHE A 63 -2.19 -10.17 0.81
N SER A 64 -1.53 -11.33 0.81
CA SER A 64 -2.08 -12.58 0.27
C SER A 64 -3.25 -13.10 1.11
N GLY A 65 -3.50 -12.49 2.27
CA GLY A 65 -4.64 -12.81 3.12
C GLY A 65 -5.76 -11.80 2.89
N LEU A 66 -5.65 -11.07 1.79
CA LEU A 66 -6.49 -9.96 1.39
C LEU A 66 -6.71 -10.12 -0.13
N GLU A 67 -7.09 -9.09 -0.89
CA GLU A 67 -7.35 -9.33 -2.31
C GLU A 67 -6.96 -8.23 -3.29
N ILE A 68 -6.95 -6.98 -2.85
CA ILE A 68 -6.69 -5.83 -3.71
C ILE A 68 -7.66 -5.74 -4.90
N VAL A 69 -7.76 -4.58 -5.54
CA VAL A 69 -8.48 -4.46 -6.81
C VAL A 69 -7.63 -5.09 -7.92
N PRO A 70 -8.24 -5.43 -9.06
CA PRO A 70 -7.55 -5.99 -10.21
C PRO A 70 -6.27 -5.24 -10.56
N ASN A 71 -6.25 -3.94 -10.28
CA ASN A 71 -5.06 -3.11 -10.36
C ASN A 71 -5.32 -1.84 -9.55
N GLY A 72 -4.34 -1.44 -8.73
CA GLY A 72 -4.50 -0.26 -7.89
C GLY A 72 -3.22 0.11 -7.14
N ILE A 73 -2.05 -0.37 -7.54
CA ILE A 73 -0.84 -0.14 -6.77
C ILE A 73 0.08 0.86 -7.51
N THR A 74 0.80 1.67 -6.74
CA THR A 74 1.72 2.68 -7.27
C THR A 74 2.97 2.70 -6.40
N LEU A 75 4.11 3.05 -7.01
CA LEU A 75 5.41 3.03 -6.35
C LEU A 75 6.29 4.16 -6.87
N PRO A 76 6.34 5.29 -6.15
CA PRO A 76 7.25 6.39 -6.43
C PRO A 76 8.71 5.91 -6.44
N VAL A 77 9.60 6.68 -7.07
CA VAL A 77 11.02 6.38 -7.02
C VAL A 77 11.85 7.67 -7.01
N ASP A 78 13.13 7.51 -6.65
CA ASP A 78 14.12 8.58 -6.67
C ASP A 78 14.81 8.58 -8.04
N PRO A 79 15.70 9.53 -8.33
CA PRO A 79 16.48 9.54 -9.55
C PRO A 79 17.32 8.26 -9.68
N GLU A 80 17.54 7.58 -8.56
CA GLU A 80 18.28 6.33 -8.49
C GLU A 80 17.41 5.16 -8.93
N GLY A 81 16.11 5.37 -9.09
CA GLY A 81 15.14 4.32 -9.37
C GLY A 81 14.71 3.64 -8.08
N LYS A 82 15.25 4.10 -6.95
CA LYS A 82 14.97 3.58 -5.63
C LYS A 82 13.58 4.04 -5.20
N ILE A 83 12.79 3.12 -4.66
CA ILE A 83 11.37 3.35 -4.41
C ILE A 83 11.04 4.32 -3.28
N THR A 84 12.05 5.02 -2.79
CA THR A 84 11.95 5.98 -1.71
C THR A 84 11.57 5.31 -0.38
N GLY A 85 11.04 4.08 -0.46
CA GLY A 85 10.71 3.24 0.68
C GLY A 85 9.21 3.17 0.93
N GLU A 86 8.39 3.90 0.17
CA GLU A 86 6.95 3.91 0.40
C GLU A 86 6.18 3.71 -0.91
N ALA A 87 4.87 3.50 -0.77
CA ALA A 87 4.01 3.17 -1.89
C ALA A 87 2.56 3.54 -1.56
N PHE A 88 1.68 3.24 -2.51
CA PHE A 88 0.29 3.59 -2.44
C PHE A 88 -0.47 2.44 -3.07
N VAL A 89 -1.66 2.14 -2.55
CA VAL A 89 -2.41 0.99 -3.00
C VAL A 89 -3.90 1.32 -2.95
N GLN A 90 -4.67 0.53 -3.69
CA GLN A 90 -6.11 0.50 -3.56
C GLN A 90 -6.49 -0.95 -3.34
N PHE A 91 -7.12 -1.21 -2.20
CA PHE A 91 -7.73 -2.48 -1.91
C PHE A 91 -9.18 -2.50 -2.39
N ALA A 92 -9.82 -3.67 -2.28
CA ALA A 92 -11.20 -3.87 -2.64
C ALA A 92 -12.10 -3.12 -1.65
N SER A 93 -12.38 -1.84 -1.95
CA SER A 93 -13.15 -0.94 -1.11
C SER A 93 -12.45 -0.71 0.24
N GLN A 94 -12.92 0.28 1.00
CA GLN A 94 -12.26 0.66 2.25
C GLN A 94 -12.31 -0.47 3.27
N GLU A 95 -13.29 -1.37 3.14
CA GLU A 95 -13.43 -2.49 4.06
C GLU A 95 -12.20 -3.41 4.00
N LEU A 96 -11.70 -3.67 2.78
CA LEU A 96 -10.52 -4.50 2.63
C LEU A 96 -9.28 -3.75 3.13
N ALA A 97 -9.23 -2.43 2.89
CA ALA A 97 -8.10 -1.62 3.34
C ALA A 97 -8.00 -1.65 4.86
N GLU A 98 -9.15 -1.71 5.54
CA GLU A 98 -9.19 -1.70 7.00
C GLU A 98 -8.68 -3.02 7.55
N LYS A 99 -8.82 -4.10 6.78
CA LYS A 99 -8.27 -5.39 7.15
C LYS A 99 -6.76 -5.39 6.97
N ALA A 100 -6.28 -4.74 5.90
CA ALA A 100 -4.86 -4.61 5.62
C ALA A 100 -4.13 -3.85 6.73
N LEU A 101 -4.84 -3.05 7.52
CA LEU A 101 -4.25 -2.34 8.65
C LEU A 101 -3.81 -3.32 9.75
N GLY A 102 -4.26 -4.57 9.68
CA GLY A 102 -3.88 -5.58 10.65
C GLY A 102 -2.45 -6.04 10.40
N LYS A 103 -1.89 -5.65 9.25
CA LYS A 103 -0.55 -5.97 8.84
C LYS A 103 0.46 -4.96 9.38
N HIS A 104 -0.01 -3.95 10.10
CA HIS A 104 0.90 -3.01 10.71
C HIS A 104 1.96 -3.75 11.52
N LYS A 105 3.23 -3.41 11.27
CA LYS A 105 4.40 -4.02 11.88
C LYS A 105 4.57 -5.52 11.57
N GLU A 106 3.80 -6.08 10.62
CA GLU A 106 4.05 -7.43 10.11
C GLU A 106 5.31 -7.43 9.26
N ARG A 107 5.58 -8.55 8.58
CA ARG A 107 6.83 -8.73 7.87
C ARG A 107 6.64 -9.29 6.46
N ILE A 108 7.69 -9.19 5.64
CA ILE A 108 7.71 -9.70 4.28
C ILE A 108 8.73 -10.83 4.09
N GLY A 109 9.61 -11.05 5.08
CA GLY A 109 10.54 -12.17 5.03
C GLY A 109 11.86 -11.92 5.77
N HIS A 110 12.26 -10.66 5.91
CA HIS A 110 13.51 -10.29 6.58
C HIS A 110 13.42 -8.88 7.17
N ARG A 111 12.27 -8.24 7.02
CA ARG A 111 12.05 -6.84 7.36
C ARG A 111 10.62 -6.66 7.84
N TYR A 112 10.34 -5.58 8.57
CA TYR A 112 8.99 -5.33 9.03
C TYR A 112 8.40 -4.17 8.24
N ILE A 113 7.10 -4.24 7.98
CA ILE A 113 6.40 -3.33 7.09
C ILE A 113 5.44 -2.48 7.89
N GLU A 114 4.98 -1.35 7.34
CA GLU A 114 3.99 -0.53 8.01
C GLU A 114 2.86 -0.23 7.04
N VAL A 115 1.66 -0.03 7.59
CA VAL A 115 0.44 0.18 6.83
C VAL A 115 -0.22 1.44 7.38
N PHE A 116 -0.67 2.31 6.48
CA PHE A 116 -1.25 3.59 6.84
C PHE A 116 -2.49 3.81 5.98
N LYS A 117 -3.36 4.74 6.36
CA LYS A 117 -4.54 5.02 5.54
C LYS A 117 -4.16 5.98 4.41
N SER A 118 -4.96 6.01 3.34
CA SER A 118 -4.72 6.93 2.24
C SER A 118 -5.98 7.15 1.41
N SER A 119 -5.87 7.92 0.34
CA SER A 119 -6.98 8.23 -0.55
C SER A 119 -6.48 8.43 -1.97
N GLN A 120 -7.42 8.67 -2.89
CA GLN A 120 -7.11 8.85 -4.30
C GLN A 120 -6.17 10.03 -4.50
N GLU A 121 -6.27 11.07 -3.67
CA GLU A 121 -5.45 12.27 -3.78
C GLU A 121 -3.96 11.99 -3.54
N GLU A 122 -3.62 10.76 -3.11
CA GLU A 122 -2.24 10.37 -2.85
C GLU A 122 -1.77 9.32 -3.86
N VAL A 123 -2.63 8.96 -4.82
CA VAL A 123 -2.30 7.92 -5.78
C VAL A 123 -2.90 8.23 -7.16
N ARG A 124 -3.38 9.46 -7.34
CA ARG A 124 -3.98 9.90 -8.60
C ARG A 124 -2.96 10.03 -9.73
N SER A 125 -1.75 9.48 -9.55
CA SER A 125 -0.71 9.47 -10.57
C SER A 125 -1.09 8.55 -11.73
N TYR A 126 -2.26 7.91 -11.66
CA TYR A 126 -2.79 7.03 -12.69
C TYR A 126 -2.79 7.72 -14.05
N ASN A 35 -21.77 8.61 0.34
CA ASN A 35 -22.34 9.96 0.50
C ASN A 35 -21.61 10.73 1.59
N SER A 36 -21.81 12.06 1.63
CA SER A 36 -21.18 12.96 2.58
C SER A 36 -19.66 12.84 2.64
N ALA A 37 -19.05 12.24 1.62
CA ALA A 37 -17.61 12.05 1.53
C ALA A 37 -17.18 11.91 0.08
N ASP A 38 -15.87 12.01 -0.17
CA ASP A 38 -15.30 11.88 -1.51
C ASP A 38 -13.89 11.32 -1.49
N SER A 39 -13.34 11.05 -0.29
CA SER A 39 -11.99 10.55 -0.12
C SER A 39 -11.91 9.65 1.11
N ALA A 40 -10.77 8.98 1.28
CA ALA A 40 -10.50 8.07 2.38
C ALA A 40 -11.62 7.05 2.62
N ASN A 41 -12.33 6.65 1.57
CA ASN A 41 -13.38 5.66 1.72
C ASN A 41 -13.54 4.81 0.46
N ASP A 42 -12.44 4.60 -0.27
CA ASP A 42 -12.47 3.91 -1.56
C ASP A 42 -11.48 2.76 -1.64
N GLY A 43 -10.78 2.48 -0.55
CA GLY A 43 -9.88 1.34 -0.49
C GLY A 43 -8.43 1.77 -0.40
N PHE A 44 -8.18 3.07 -0.59
CA PHE A 44 -6.83 3.61 -0.60
C PHE A 44 -6.16 3.43 0.77
N VAL A 45 -4.87 3.14 0.71
CA VAL A 45 -4.02 2.89 1.87
C VAL A 45 -2.59 3.26 1.48
N ARG A 46 -1.67 3.20 2.45
CA ARG A 46 -0.27 3.52 2.23
C ARG A 46 0.60 2.51 2.97
N LEU A 47 1.77 2.19 2.38
CA LEU A 47 2.70 1.21 2.92
C LEU A 47 4.03 1.90 3.21
N ARG A 48 4.77 1.36 4.17
CA ARG A 48 6.10 1.82 4.54
C ARG A 48 6.87 0.66 5.13
N GLY A 49 8.19 0.82 5.26
CA GLY A 49 9.05 -0.25 5.76
C GLY A 49 9.39 -1.25 4.67
N LEU A 50 8.89 -1.02 3.44
CA LEU A 50 9.11 -1.93 2.34
C LEU A 50 10.60 -2.15 2.12
N PRO A 51 10.98 -3.35 1.69
CA PRO A 51 12.32 -3.61 1.20
C PRO A 51 12.54 -2.76 -0.05
N PHE A 52 13.79 -2.36 -0.30
CA PHE A 52 14.10 -1.54 -1.46
C PHE A 52 13.97 -2.30 -2.79
N GLY A 53 13.49 -3.54 -2.76
CA GLY A 53 13.33 -4.34 -3.96
C GLY A 53 11.91 -4.88 -4.10
N CYS A 54 11.02 -4.47 -3.19
CA CYS A 54 9.63 -4.89 -3.20
C CYS A 54 8.88 -4.28 -4.38
N THR A 55 7.77 -4.91 -4.78
CA THR A 55 6.91 -4.41 -5.84
C THR A 55 5.49 -4.96 -5.65
N LYS A 56 4.60 -4.73 -6.62
CA LYS A 56 3.20 -5.14 -6.53
C LYS A 56 3.04 -6.61 -6.13
N GLU A 57 3.98 -7.46 -6.53
CA GLU A 57 3.90 -8.90 -6.30
C GLU A 57 4.30 -9.29 -4.88
N GLU A 58 4.99 -8.41 -4.15
CA GLU A 58 5.43 -8.71 -2.81
C GLU A 58 4.59 -7.91 -1.81
N ILE A 59 3.95 -6.84 -2.29
CA ILE A 59 2.91 -6.17 -1.53
C ILE A 59 1.68 -7.07 -1.50
N VAL A 60 1.37 -7.73 -2.62
CA VAL A 60 0.18 -8.56 -2.69
C VAL A 60 0.34 -9.82 -1.85
N GLN A 61 1.53 -10.43 -1.85
CA GLN A 61 1.75 -11.59 -1.01
C GLN A 61 1.91 -11.20 0.45
N PHE A 62 2.28 -9.95 0.73
CA PHE A 62 2.25 -9.43 2.09
C PHE A 62 0.80 -9.28 2.55
N PHE A 63 -0.11 -9.08 1.59
CA PHE A 63 -1.52 -8.94 1.85
C PHE A 63 -2.25 -10.20 1.40
N SER A 64 -1.59 -11.37 1.49
CA SER A 64 -2.30 -12.62 1.29
C SER A 64 -3.38 -12.70 2.36
N GLY A 65 -4.53 -13.32 2.02
CA GLY A 65 -5.68 -13.32 2.90
C GLY A 65 -6.58 -12.11 2.64
N LEU A 66 -6.20 -11.30 1.64
CA LEU A 66 -6.87 -10.09 1.22
C LEU A 66 -6.93 -10.16 -0.32
N GLU A 67 -7.36 -9.10 -1.02
CA GLU A 67 -7.58 -9.25 -2.46
C GLU A 67 -7.20 -8.09 -3.36
N ILE A 68 -7.03 -6.90 -2.80
CA ILE A 68 -6.73 -5.68 -3.55
C ILE A 68 -7.62 -5.50 -4.80
N VAL A 69 -7.22 -4.60 -5.70
CA VAL A 69 -7.86 -4.40 -6.99
C VAL A 69 -6.81 -4.40 -8.10
N PRO A 70 -7.21 -4.72 -9.34
CA PRO A 70 -6.35 -4.70 -10.51
C PRO A 70 -5.56 -3.40 -10.61
N ASN A 71 -4.27 -3.49 -10.95
CA ASN A 71 -3.35 -2.37 -11.08
C ASN A 71 -3.58 -1.32 -9.98
N GLY A 72 -3.86 -1.77 -8.75
CA GLY A 72 -4.23 -0.90 -7.66
C GLY A 72 -3.04 -0.61 -6.75
N ILE A 73 -1.81 -0.63 -7.26
CA ILE A 73 -0.64 -0.41 -6.43
C ILE A 73 0.30 0.57 -7.12
N THR A 74 1.02 1.38 -6.32
CA THR A 74 1.94 2.38 -6.80
C THR A 74 3.19 2.39 -5.93
N LEU A 75 4.34 2.75 -6.53
CA LEU A 75 5.64 2.76 -5.86
C LEU A 75 6.47 3.91 -6.41
N PRO A 76 6.47 5.06 -5.74
CA PRO A 76 7.29 6.21 -6.08
C PRO A 76 8.77 5.84 -6.15
N VAL A 77 9.56 6.68 -6.82
CA VAL A 77 11.00 6.46 -6.95
C VAL A 77 11.77 7.76 -6.86
N ASP A 78 13.09 7.63 -6.64
CA ASP A 78 14.01 8.76 -6.58
C ASP A 78 14.49 9.09 -7.99
N PRO A 79 15.29 10.15 -8.18
CA PRO A 79 15.85 10.51 -9.47
C PRO A 79 16.70 9.38 -10.05
N GLU A 80 17.15 8.46 -9.19
CA GLU A 80 17.95 7.32 -9.58
C GLU A 80 17.07 6.18 -10.10
N GLY A 81 15.75 6.33 -9.93
CA GLY A 81 14.78 5.33 -10.35
C GLY A 81 14.56 4.24 -9.31
N LYS A 82 15.13 4.41 -8.11
CA LYS A 82 14.99 3.45 -7.03
C LYS A 82 13.86 3.90 -6.11
N ILE A 83 13.15 2.94 -5.52
CA ILE A 83 11.96 3.25 -4.75
C ILE A 83 12.28 3.98 -3.46
N THR A 84 11.31 4.77 -3.00
CA THR A 84 11.46 5.64 -1.85
C THR A 84 11.25 4.91 -0.51
N GLY A 85 10.98 3.61 -0.55
CA GLY A 85 10.77 2.82 0.66
C GLY A 85 9.34 2.96 1.19
N GLU A 86 8.46 3.61 0.43
CA GLU A 86 7.06 3.74 0.76
C GLU A 86 6.23 3.54 -0.50
N ALA A 87 4.95 3.24 -0.34
CA ALA A 87 4.09 2.88 -1.46
C ALA A 87 2.64 3.19 -1.14
N PHE A 88 1.75 2.88 -2.10
CA PHE A 88 0.35 3.21 -2.03
C PHE A 88 -0.42 2.09 -2.71
N VAL A 89 -1.64 1.84 -2.24
CA VAL A 89 -2.45 0.76 -2.77
C VAL A 89 -3.91 1.18 -2.75
N GLN A 90 -4.73 0.45 -3.49
CA GLN A 90 -6.17 0.57 -3.44
C GLN A 90 -6.77 -0.80 -3.23
N PHE A 91 -7.06 -1.14 -1.98
CA PHE A 91 -7.69 -2.40 -1.69
C PHE A 91 -9.13 -2.39 -2.23
N ALA A 92 -9.76 -3.56 -2.19
CA ALA A 92 -11.13 -3.70 -2.64
C ALA A 92 -12.07 -2.94 -1.70
N SER A 93 -12.31 -1.67 -2.00
CA SER A 93 -13.07 -0.75 -1.17
C SER A 93 -12.40 -0.54 0.19
N GLN A 94 -12.84 0.46 0.95
CA GLN A 94 -12.18 0.79 2.21
C GLN A 94 -12.33 -0.35 3.22
N GLU A 95 -13.31 -1.24 3.04
CA GLU A 95 -13.51 -2.35 3.95
C GLU A 95 -12.33 -3.31 3.91
N LEU A 96 -11.80 -3.60 2.71
CA LEU A 96 -10.65 -4.47 2.57
C LEU A 96 -9.41 -3.77 3.12
N ALA A 97 -9.32 -2.46 2.94
CA ALA A 97 -8.18 -1.70 3.45
C ALA A 97 -8.12 -1.78 4.97
N GLU A 98 -9.29 -1.79 5.62
CA GLU A 98 -9.37 -1.82 7.08
C GLU A 98 -8.94 -3.18 7.60
N LYS A 99 -9.11 -4.23 6.79
CA LYS A 99 -8.62 -5.56 7.13
C LYS A 99 -7.10 -5.64 6.99
N ALA A 100 -6.57 -4.97 5.96
CA ALA A 100 -5.14 -4.91 5.73
C ALA A 100 -4.40 -4.21 6.87
N LEU A 101 -5.10 -3.42 7.67
CA LEU A 101 -4.51 -2.75 8.83
C LEU A 101 -4.16 -3.76 9.94
N GLY A 102 -4.60 -5.02 9.79
CA GLY A 102 -4.32 -6.04 10.78
C GLY A 102 -2.87 -6.50 10.67
N LYS A 103 -2.26 -6.19 9.51
CA LYS A 103 -0.86 -6.44 9.23
C LYS A 103 0.00 -5.50 10.06
N HIS A 104 -0.19 -4.20 9.82
CA HIS A 104 0.69 -3.14 10.25
C HIS A 104 2.13 -3.63 10.47
N LYS A 105 2.59 -3.72 11.72
CA LYS A 105 3.97 -4.04 12.06
C LYS A 105 4.39 -5.48 11.68
N GLU A 106 3.56 -6.18 10.90
CA GLU A 106 3.84 -7.51 10.36
C GLU A 106 5.01 -7.44 9.37
N ARG A 107 5.50 -8.59 8.92
CA ARG A 107 6.75 -8.68 8.17
C ARG A 107 6.59 -9.34 6.81
N ILE A 108 7.60 -9.18 5.95
CA ILE A 108 7.62 -9.75 4.61
C ILE A 108 8.58 -10.95 4.51
N GLY A 109 9.43 -11.16 5.52
CA GLY A 109 10.31 -12.33 5.56
C GLY A 109 11.65 -12.06 6.24
N HIS A 110 12.09 -10.80 6.27
CA HIS A 110 13.36 -10.42 6.89
C HIS A 110 13.32 -8.97 7.38
N ARG A 111 12.18 -8.31 7.19
CA ARG A 111 12.00 -6.88 7.46
C ARG A 111 10.56 -6.65 7.90
N TYR A 112 10.33 -5.59 8.67
CA TYR A 112 8.99 -5.29 9.15
C TYR A 112 8.40 -4.18 8.30
N ILE A 113 7.07 -4.20 8.16
CA ILE A 113 6.34 -3.31 7.28
C ILE A 113 5.41 -2.45 8.15
N GLU A 114 4.78 -1.45 7.55
CA GLU A 114 3.79 -0.65 8.25
C GLU A 114 2.62 -0.37 7.32
N VAL A 115 1.47 -0.01 7.89
CA VAL A 115 0.25 0.25 7.13
C VAL A 115 -0.33 1.56 7.66
N PHE A 116 -0.59 2.48 6.73
CA PHE A 116 -1.13 3.80 7.03
C PHE A 116 -2.35 3.99 6.14
N LYS A 117 -3.30 4.83 6.54
CA LYS A 117 -4.45 5.10 5.68
C LYS A 117 -4.05 6.03 4.54
N SER A 118 -4.88 6.10 3.50
CA SER A 118 -4.63 7.00 2.39
C SER A 118 -5.90 7.30 1.59
N SER A 119 -5.73 8.05 0.50
CA SER A 119 -6.80 8.49 -0.39
C SER A 119 -6.25 8.64 -1.81
N GLN A 120 -7.13 8.81 -2.78
CA GLN A 120 -6.74 8.96 -4.18
C GLN A 120 -5.79 10.14 -4.37
N GLU A 121 -5.94 11.19 -3.56
CA GLU A 121 -5.12 12.40 -3.67
C GLU A 121 -3.65 12.15 -3.30
N GLU A 122 -3.31 10.92 -2.92
CA GLU A 122 -1.94 10.53 -2.56
C GLU A 122 -1.42 9.45 -3.50
N VAL A 123 -2.22 9.05 -4.49
CA VAL A 123 -1.85 7.99 -5.41
C VAL A 123 -2.35 8.28 -6.82
N ARG A 124 -2.79 9.53 -7.07
CA ARG A 124 -3.33 9.95 -8.35
C ARG A 124 -2.27 10.00 -9.45
N SER A 125 -1.09 9.42 -9.23
CA SER A 125 -0.02 9.35 -10.20
C SER A 125 -0.40 8.46 -11.40
N TYR A 126 -1.60 7.85 -11.34
CA TYR A 126 -2.11 7.00 -12.40
C TYR A 126 -2.18 7.76 -13.73
N ASN A 35 -22.43 18.31 2.54
CA ASN A 35 -21.09 18.28 3.16
C ASN A 35 -20.17 19.31 2.52
N SER A 36 -18.94 19.42 3.02
CA SER A 36 -17.94 20.33 2.49
C SER A 36 -16.53 19.73 2.57
N ALA A 37 -16.43 18.46 3.00
CA ALA A 37 -15.17 17.76 3.12
C ALA A 37 -15.39 16.25 3.01
N ASP A 38 -14.31 15.49 2.87
CA ASP A 38 -14.35 14.04 2.71
C ASP A 38 -13.12 13.40 3.36
N SER A 39 -13.07 12.07 3.37
CA SER A 39 -11.97 11.33 3.96
C SER A 39 -11.80 9.98 3.25
N ALA A 40 -10.74 9.25 3.58
CA ALA A 40 -10.44 7.94 3.00
C ALA A 40 -11.61 6.99 3.18
N ASN A 41 -12.14 6.47 2.08
CA ASN A 41 -13.32 5.62 2.12
C ASN A 41 -13.49 4.80 0.84
N ASP A 42 -12.38 4.53 0.11
CA ASP A 42 -12.48 3.86 -1.19
C ASP A 42 -11.51 2.70 -1.35
N GLY A 43 -10.79 2.34 -0.29
CA GLY A 43 -9.90 1.18 -0.32
C GLY A 43 -8.45 1.60 -0.36
N PHE A 44 -8.19 2.89 -0.57
CA PHE A 44 -6.85 3.42 -0.66
C PHE A 44 -6.12 3.26 0.68
N VAL A 45 -4.82 3.01 0.57
CA VAL A 45 -3.93 2.82 1.70
C VAL A 45 -2.53 3.22 1.27
N ARG A 46 -1.59 3.21 2.21
CA ARG A 46 -0.21 3.61 1.98
C ARG A 46 0.73 2.63 2.64
N LEU A 47 1.88 2.39 2.00
CA LEU A 47 2.88 1.44 2.47
C LEU A 47 4.19 2.18 2.71
N ARG A 48 4.91 1.76 3.76
CA ARG A 48 6.21 2.32 4.07
C ARG A 48 7.02 1.29 4.85
N GLY A 49 8.33 1.23 4.60
CA GLY A 49 9.22 0.33 5.31
C GLY A 49 9.58 -0.87 4.45
N LEU A 50 9.04 -0.94 3.23
CA LEU A 50 9.26 -2.10 2.38
C LEU A 50 10.73 -2.16 1.93
N PRO A 51 11.19 -3.36 1.55
CA PRO A 51 12.53 -3.57 1.02
C PRO A 51 12.81 -2.65 -0.16
N PHE A 52 14.05 -2.18 -0.29
CA PHE A 52 14.44 -1.31 -1.39
C PHE A 52 14.50 -2.05 -2.73
N GLY A 53 13.96 -3.26 -2.78
CA GLY A 53 13.84 -4.05 -4.01
C GLY A 53 12.42 -4.62 -4.14
N CYS A 54 11.53 -4.21 -3.22
CA CYS A 54 10.14 -4.63 -3.20
C CYS A 54 9.38 -4.01 -4.38
N THR A 55 8.25 -4.62 -4.74
CA THR A 55 7.36 -4.09 -5.77
C THR A 55 5.94 -4.60 -5.51
N LYS A 56 5.00 -4.22 -6.38
CA LYS A 56 3.59 -4.57 -6.25
C LYS A 56 3.33 -6.07 -6.10
N GLU A 57 4.25 -6.91 -6.59
CA GLU A 57 4.11 -8.36 -6.49
C GLU A 57 4.49 -8.86 -5.10
N GLU A 58 5.29 -8.10 -4.36
CA GLU A 58 5.66 -8.47 -3.01
C GLU A 58 4.67 -7.80 -2.05
N ILE A 59 4.13 -6.65 -2.44
CA ILE A 59 3.07 -5.99 -1.69
C ILE A 59 1.85 -6.91 -1.68
N VAL A 60 1.49 -7.47 -2.84
CA VAL A 60 0.28 -8.27 -2.94
C VAL A 60 0.43 -9.59 -2.19
N GLN A 61 1.63 -10.17 -2.16
CA GLN A 61 1.85 -11.36 -1.35
C GLN A 61 1.87 -11.04 0.13
N PHE A 62 2.35 -9.84 0.51
CA PHE A 62 2.28 -9.40 1.89
C PHE A 62 0.82 -9.18 2.31
N PHE A 63 -0.06 -9.07 1.32
CA PHE A 63 -1.49 -8.92 1.50
C PHE A 63 -2.22 -10.09 0.84
N SER A 64 -1.59 -11.26 0.78
CA SER A 64 -2.28 -12.46 0.33
C SER A 64 -3.40 -12.74 1.33
N GLY A 65 -4.58 -13.12 0.83
CA GLY A 65 -5.76 -13.26 1.68
C GLY A 65 -6.45 -11.91 1.88
N LEU A 66 -5.91 -10.87 1.24
CA LEU A 66 -6.40 -9.50 1.32
C LEU A 66 -6.36 -8.90 -0.09
N GLU A 67 -7.34 -9.30 -0.91
CA GLU A 67 -7.40 -8.93 -2.32
C GLU A 67 -7.24 -7.44 -2.58
N ILE A 68 -6.84 -7.12 -3.81
CA ILE A 68 -6.58 -5.75 -4.24
C ILE A 68 -7.19 -5.56 -5.63
N VAL A 69 -7.67 -4.35 -5.95
CA VAL A 69 -8.29 -4.12 -7.25
C VAL A 69 -7.24 -4.15 -8.36
N PRO A 70 -7.66 -4.45 -9.59
CA PRO A 70 -6.79 -4.44 -10.77
C PRO A 70 -6.00 -3.15 -10.86
N ASN A 71 -4.71 -3.25 -11.22
CA ASN A 71 -3.79 -2.13 -11.30
C ASN A 71 -3.96 -1.16 -10.12
N GLY A 72 -4.23 -1.71 -8.93
CA GLY A 72 -4.55 -0.94 -7.75
C GLY A 72 -3.31 -0.70 -6.89
N ILE A 73 -2.13 -0.60 -7.48
CA ILE A 73 -0.91 -0.41 -6.73
C ILE A 73 -0.03 0.60 -7.47
N THR A 74 0.72 1.40 -6.70
CA THR A 74 1.61 2.43 -7.22
C THR A 74 2.88 2.44 -6.40
N LEU A 75 3.99 2.84 -7.03
CA LEU A 75 5.29 2.88 -6.39
C LEU A 75 6.09 4.05 -6.95
N PRO A 76 6.15 5.17 -6.23
CA PRO A 76 6.98 6.31 -6.58
C PRO A 76 8.42 5.88 -6.83
N VAL A 77 9.11 6.59 -7.72
CA VAL A 77 10.54 6.35 -7.92
C VAL A 77 11.26 7.65 -8.23
N ASP A 78 12.57 7.63 -8.04
CA ASP A 78 13.44 8.73 -8.42
C ASP A 78 13.85 8.53 -9.87
N PRO A 79 14.59 9.47 -10.48
CA PRO A 79 15.08 9.33 -11.85
C PRO A 79 15.92 8.06 -12.03
N GLU A 80 16.40 7.51 -10.92
CA GLU A 80 17.22 6.31 -10.87
C GLU A 80 16.35 5.04 -10.88
N GLY A 81 15.03 5.20 -10.74
CA GLY A 81 14.12 4.08 -10.59
C GLY A 81 14.03 3.65 -9.13
N LYS A 82 14.75 4.36 -8.26
CA LYS A 82 14.82 4.13 -6.83
C LYS A 82 13.49 4.46 -6.18
N ILE A 83 12.93 3.48 -5.47
CA ILE A 83 11.54 3.48 -5.04
C ILE A 83 11.20 4.33 -3.83
N THR A 84 12.17 5.07 -3.31
CA THR A 84 11.98 6.00 -2.21
C THR A 84 11.63 5.32 -0.87
N GLY A 85 11.20 4.06 -0.90
CA GLY A 85 10.94 3.25 0.29
C GLY A 85 9.48 3.27 0.73
N GLU A 86 8.57 3.83 -0.08
CA GLU A 86 7.15 3.86 0.23
C GLU A 86 6.30 3.66 -1.02
N ALA A 87 5.03 3.33 -0.84
CA ALA A 87 4.12 2.98 -1.93
C ALA A 87 2.67 3.24 -1.55
N PHE A 88 1.75 2.89 -2.45
CA PHE A 88 0.34 3.19 -2.32
C PHE A 88 -0.44 2.05 -2.98
N VAL A 89 -1.65 1.80 -2.47
CA VAL A 89 -2.46 0.68 -2.94
C VAL A 89 -3.93 1.04 -2.87
N GLN A 90 -4.75 0.24 -3.53
CA GLN A 90 -6.19 0.30 -3.43
C GLN A 90 -6.74 -1.11 -3.24
N PHE A 91 -7.03 -1.46 -1.99
CA PHE A 91 -7.69 -2.71 -1.69
C PHE A 91 -9.13 -2.65 -2.17
N ALA A 92 -9.81 -3.79 -2.15
CA ALA A 92 -11.20 -3.88 -2.57
C ALA A 92 -12.09 -3.11 -1.59
N SER A 93 -12.34 -1.84 -1.91
CA SER A 93 -13.10 -0.91 -1.08
C SER A 93 -12.42 -0.69 0.27
N GLN A 94 -12.91 0.29 1.03
CA GLN A 94 -12.30 0.67 2.30
C GLN A 94 -12.43 -0.45 3.33
N GLU A 95 -13.27 -1.46 3.06
CA GLU A 95 -13.49 -2.56 3.98
C GLU A 95 -12.29 -3.51 3.99
N LEU A 96 -11.76 -3.84 2.80
CA LEU A 96 -10.60 -4.69 2.68
C LEU A 96 -9.37 -3.95 3.21
N ALA A 97 -9.31 -2.63 2.97
CA ALA A 97 -8.20 -1.82 3.44
C ALA A 97 -8.07 -1.90 4.95
N GLU A 98 -9.21 -1.91 5.65
CA GLU A 98 -9.23 -1.95 7.10
C GLU A 98 -8.71 -3.29 7.62
N LYS A 99 -8.93 -4.37 6.86
CA LYS A 99 -8.38 -5.67 7.22
C LYS A 99 -6.86 -5.66 7.04
N ALA A 100 -6.39 -5.02 5.97
CA ALA A 100 -4.98 -4.93 5.67
C ALA A 100 -4.24 -4.09 6.70
N LEU A 101 -4.95 -3.32 7.53
CA LEU A 101 -4.30 -2.55 8.59
C LEU A 101 -3.72 -3.48 9.67
N GLY A 102 -4.09 -4.76 9.63
CA GLY A 102 -3.59 -5.75 10.57
C GLY A 102 -2.17 -6.17 10.23
N LYS A 103 -1.53 -5.40 9.34
CA LYS A 103 -0.18 -5.62 8.85
C LYS A 103 0.75 -4.47 9.18
N HIS A 104 0.24 -3.45 9.86
CA HIS A 104 0.95 -2.23 10.25
C HIS A 104 2.33 -2.45 10.87
N LYS A 105 2.61 -3.64 11.40
CA LYS A 105 3.92 -3.92 12.00
C LYS A 105 4.36 -5.35 11.70
N GLU A 106 3.71 -5.98 10.72
CA GLU A 106 3.99 -7.32 10.25
C GLU A 106 5.16 -7.29 9.28
N ARG A 107 5.57 -8.45 8.78
CA ARG A 107 6.82 -8.57 8.03
C ARG A 107 6.67 -9.27 6.70
N ILE A 108 7.59 -8.95 5.78
CA ILE A 108 7.68 -9.56 4.45
C ILE A 108 8.61 -10.77 4.47
N GLY A 109 9.44 -10.91 5.50
CA GLY A 109 10.33 -12.06 5.63
C GLY A 109 11.58 -11.78 6.45
N HIS A 110 12.02 -10.51 6.51
CA HIS A 110 13.20 -10.11 7.26
C HIS A 110 13.10 -8.65 7.73
N ARG A 111 11.98 -8.00 7.41
CA ARG A 111 11.79 -6.57 7.65
C ARG A 111 10.31 -6.33 7.92
N TYR A 112 9.97 -5.28 8.68
CA TYR A 112 8.58 -5.00 8.97
C TYR A 112 8.07 -3.86 8.12
N ILE A 113 6.76 -3.84 7.91
CA ILE A 113 6.10 -2.95 6.99
C ILE A 113 4.99 -2.21 7.73
N GLU A 114 4.54 -1.07 7.19
CA GLU A 114 3.48 -0.31 7.82
C GLU A 114 2.40 0.02 6.79
N VAL A 115 1.16 0.19 7.25
CA VAL A 115 -0.04 0.24 6.41
C VAL A 115 -0.88 1.49 6.64
N PHE A 116 -0.26 2.67 6.62
CA PHE A 116 -0.96 3.93 6.84
C PHE A 116 -2.17 4.03 5.92
N LYS A 117 -3.20 4.76 6.32
CA LYS A 117 -4.37 4.94 5.48
C LYS A 117 -4.07 5.94 4.36
N SER A 118 -4.89 5.98 3.31
CA SER A 118 -4.68 6.93 2.23
C SER A 118 -5.95 7.15 1.41
N SER A 119 -5.84 7.96 0.35
CA SER A 119 -6.93 8.33 -0.54
C SER A 119 -6.41 8.48 -1.95
N GLN A 120 -7.31 8.64 -2.91
CA GLN A 120 -6.96 8.77 -4.32
C GLN A 120 -6.02 9.95 -4.56
N GLU A 121 -6.14 11.02 -3.76
CA GLU A 121 -5.33 12.22 -3.92
C GLU A 121 -3.85 11.97 -3.62
N GLU A 122 -3.49 10.76 -3.16
CA GLU A 122 -2.12 10.38 -2.84
C GLU A 122 -1.63 9.27 -3.75
N VAL A 123 -2.46 8.84 -4.71
CA VAL A 123 -2.13 7.73 -5.60
C VAL A 123 -2.66 7.99 -7.01
N ARG A 124 -3.13 9.22 -7.28
CA ARG A 124 -3.66 9.59 -8.57
C ARG A 124 -2.60 9.66 -9.67
N SER A 125 -1.41 9.12 -9.41
CA SER A 125 -0.33 9.04 -10.38
C SER A 125 -0.69 8.08 -11.52
N TYR A 126 -1.86 7.44 -11.45
CA TYR A 126 -2.36 6.52 -12.47
C TYR A 126 -2.37 7.18 -13.83
N ASN A 35 -19.33 15.09 -1.54
CA ASN A 35 -18.79 14.77 -0.21
C ASN A 35 -17.64 15.72 0.13
N SER A 36 -17.55 16.11 1.41
CA SER A 36 -16.51 17.03 1.88
C SER A 36 -16.23 16.78 3.36
N ALA A 37 -15.19 17.43 3.90
CA ALA A 37 -14.74 17.25 5.27
C ALA A 37 -14.52 15.77 5.62
N ASP A 38 -14.30 14.92 4.62
CA ASP A 38 -14.11 13.49 4.80
C ASP A 38 -13.19 12.95 3.69
N SER A 39 -12.51 11.84 3.96
CA SER A 39 -11.55 11.26 3.02
C SER A 39 -11.28 9.80 3.36
N ALA A 40 -10.34 9.19 2.62
CA ALA A 40 -9.92 7.80 2.78
C ALA A 40 -11.09 6.85 2.97
N ASN A 41 -11.82 6.60 1.88
CA ASN A 41 -13.04 5.83 1.95
C ASN A 41 -13.30 5.06 0.65
N ASP A 42 -12.25 4.69 -0.08
CA ASP A 42 -12.38 3.99 -1.36
C ASP A 42 -11.43 2.81 -1.49
N GLY A 43 -10.70 2.47 -0.44
CA GLY A 43 -9.82 1.32 -0.46
C GLY A 43 -8.35 1.73 -0.46
N PHE A 44 -8.10 3.03 -0.65
CA PHE A 44 -6.75 3.55 -0.70
C PHE A 44 -6.03 3.35 0.62
N VAL A 45 -4.74 3.06 0.52
CA VAL A 45 -3.87 2.81 1.66
C VAL A 45 -2.45 3.19 1.27
N ARG A 46 -1.53 3.13 2.23
CA ARG A 46 -0.13 3.48 2.02
C ARG A 46 0.78 2.49 2.75
N LEU A 47 1.95 2.22 2.17
CA LEU A 47 2.93 1.27 2.69
C LEU A 47 4.24 1.99 2.95
N ARG A 48 5.00 1.49 3.93
CA ARG A 48 6.32 2.01 4.25
C ARG A 48 7.11 0.92 4.98
N GLY A 49 8.43 1.08 5.08
CA GLY A 49 9.30 0.09 5.67
C GLY A 49 9.69 -0.96 4.64
N LEU A 50 9.24 -0.79 3.40
CA LEU A 50 9.52 -1.71 2.31
C LEU A 50 11.02 -1.94 2.19
N PRO A 51 11.41 -3.17 1.86
CA PRO A 51 12.79 -3.61 1.80
C PRO A 51 13.56 -3.06 0.60
N PHE A 52 13.17 -1.88 0.12
CA PHE A 52 13.79 -1.22 -1.02
C PHE A 52 13.92 -2.11 -2.26
N GLY A 53 13.15 -3.20 -2.34
CA GLY A 53 13.19 -4.11 -3.48
C GLY A 53 11.84 -4.76 -3.78
N CYS A 54 10.90 -4.67 -2.84
CA CYS A 54 9.54 -5.14 -3.05
C CYS A 54 8.85 -4.34 -4.17
N THR A 55 7.79 -4.92 -4.75
CA THR A 55 6.99 -4.27 -5.78
C THR A 55 5.55 -4.77 -5.67
N LYS A 56 4.72 -4.55 -6.69
CA LYS A 56 3.32 -4.98 -6.67
C LYS A 56 3.18 -6.44 -6.26
N GLU A 57 4.14 -7.28 -6.66
CA GLU A 57 4.09 -8.71 -6.42
C GLU A 57 4.47 -9.07 -4.98
N GLU A 58 5.10 -8.17 -4.24
CA GLU A 58 5.45 -8.43 -2.86
C GLU A 58 4.47 -7.75 -1.93
N ILE A 59 3.89 -6.64 -2.38
CA ILE A 59 2.80 -5.99 -1.68
C ILE A 59 1.60 -6.92 -1.69
N VAL A 60 1.42 -7.68 -2.78
CA VAL A 60 0.24 -8.54 -2.89
C VAL A 60 0.44 -9.84 -2.13
N GLN A 61 1.67 -10.37 -2.11
CA GLN A 61 1.94 -11.54 -1.27
C GLN A 61 1.93 -11.16 0.21
N PHE A 62 2.24 -9.91 0.53
CA PHE A 62 2.15 -9.41 1.89
C PHE A 62 0.69 -9.29 2.30
N PHE A 63 -0.20 -9.11 1.32
CA PHE A 63 -1.63 -9.02 1.51
C PHE A 63 -2.31 -10.25 0.91
N SER A 64 -1.61 -11.39 0.91
CA SER A 64 -2.15 -12.65 0.37
C SER A 64 -3.30 -13.19 1.23
N GLY A 65 -3.46 -12.66 2.44
CA GLY A 65 -4.56 -13.01 3.32
C GLY A 65 -5.70 -12.01 3.16
N LEU A 66 -5.66 -11.26 2.06
CA LEU A 66 -6.54 -10.16 1.73
C LEU A 66 -6.77 -10.19 0.21
N GLU A 67 -7.23 -9.09 -0.37
CA GLU A 67 -7.37 -8.97 -1.81
C GLU A 67 -7.11 -7.53 -2.23
N ILE A 68 -6.90 -7.30 -3.53
CA ILE A 68 -6.65 -5.98 -4.07
C ILE A 68 -7.36 -5.88 -5.42
N VAL A 69 -7.71 -4.67 -5.86
CA VAL A 69 -8.31 -4.45 -7.17
C VAL A 69 -7.36 -4.92 -8.27
N PRO A 70 -7.89 -5.24 -9.46
CA PRO A 70 -7.14 -5.77 -10.59
C PRO A 70 -5.85 -4.99 -10.87
N ASN A 71 -5.85 -3.69 -10.58
CA ASN A 71 -4.67 -2.86 -10.68
C ASN A 71 -4.92 -1.60 -9.84
N GLY A 72 -4.21 -1.47 -8.72
CA GLY A 72 -4.37 -0.34 -7.82
C GLY A 72 -3.08 0.03 -7.10
N ILE A 73 -1.93 -0.58 -7.42
CA ILE A 73 -0.72 -0.33 -6.66
C ILE A 73 0.13 0.70 -7.38
N THR A 74 0.85 1.52 -6.61
CA THR A 74 1.72 2.56 -7.13
C THR A 74 2.99 2.59 -6.30
N LEU A 75 4.11 2.93 -6.95
CA LEU A 75 5.42 2.90 -6.34
C LEU A 75 6.26 4.06 -6.87
N PRO A 76 6.31 5.16 -6.11
CA PRO A 76 7.17 6.30 -6.41
C PRO A 76 8.61 5.84 -6.57
N VAL A 77 9.44 6.64 -7.24
CA VAL A 77 10.86 6.36 -7.33
C VAL A 77 11.68 7.63 -7.30
N ASP A 78 12.96 7.49 -6.95
CA ASP A 78 13.91 8.59 -6.94
C ASP A 78 14.47 8.78 -8.35
N PRO A 79 15.30 9.80 -8.60
CA PRO A 79 15.95 10.00 -9.89
C PRO A 79 16.81 8.79 -10.26
N GLU A 80 17.16 7.96 -9.28
CA GLU A 80 17.94 6.76 -9.47
C GLU A 80 17.06 5.59 -9.92
N GLY A 81 15.74 5.77 -9.88
CA GLY A 81 14.77 4.77 -10.28
C GLY A 81 14.43 3.80 -9.14
N LYS A 82 14.86 4.11 -7.91
CA LYS A 82 14.63 3.27 -6.75
C LYS A 82 13.42 3.78 -5.97
N ILE A 83 12.73 2.87 -5.31
CA ILE A 83 11.35 3.07 -4.84
C ILE A 83 11.14 3.98 -3.64
N THR A 84 12.19 4.67 -3.20
CA THR A 84 12.13 5.62 -2.10
C THR A 84 11.83 4.98 -0.74
N GLY A 85 11.23 3.78 -0.74
CA GLY A 85 10.98 3.01 0.47
C GLY A 85 9.51 3.02 0.90
N GLU A 86 8.62 3.58 0.09
CA GLU A 86 7.20 3.63 0.40
C GLU A 86 6.35 3.44 -0.87
N ALA A 87 5.05 3.21 -0.69
CA ALA A 87 4.15 2.90 -1.79
C ALA A 87 2.70 3.21 -1.44
N PHE A 88 1.81 2.95 -2.37
CA PHE A 88 0.40 3.26 -2.27
C PHE A 88 -0.38 2.15 -2.96
N VAL A 89 -1.61 1.90 -2.53
CA VAL A 89 -2.43 0.83 -3.08
C VAL A 89 -3.89 1.23 -3.04
N GLN A 90 -4.73 0.49 -3.76
CA GLN A 90 -6.16 0.59 -3.65
C GLN A 90 -6.74 -0.80 -3.46
N PHE A 91 -6.99 -1.16 -2.20
CA PHE A 91 -7.62 -2.42 -1.90
C PHE A 91 -9.06 -2.42 -2.39
N ALA A 92 -9.71 -3.58 -2.30
CA ALA A 92 -11.09 -3.71 -2.68
C ALA A 92 -11.97 -2.96 -1.67
N SER A 93 -12.24 -1.69 -1.97
CA SER A 93 -12.99 -0.77 -1.11
C SER A 93 -12.31 -0.55 0.23
N GLN A 94 -12.76 0.45 0.98
CA GLN A 94 -12.15 0.80 2.26
C GLN A 94 -12.33 -0.32 3.28
N GLU A 95 -13.24 -1.25 3.02
CA GLU A 95 -13.48 -2.36 3.93
C GLU A 95 -12.26 -3.30 3.96
N LEU A 96 -11.67 -3.57 2.79
CA LEU A 96 -10.49 -4.41 2.72
C LEU A 96 -9.30 -3.64 3.31
N ALA A 97 -9.20 -2.35 3.03
CA ALA A 97 -8.10 -1.53 3.53
C ALA A 97 -8.01 -1.60 5.05
N GLU A 98 -9.17 -1.67 5.71
CA GLU A 98 -9.23 -1.70 7.16
C GLU A 98 -8.75 -3.05 7.69
N LYS A 99 -8.94 -4.11 6.92
CA LYS A 99 -8.40 -5.43 7.27
C LYS A 99 -6.89 -5.45 7.09
N ALA A 100 -6.42 -4.78 6.04
CA ALA A 100 -5.00 -4.68 5.74
C ALA A 100 -4.23 -3.93 6.83
N LEU A 101 -4.92 -3.16 7.67
CA LEU A 101 -4.28 -2.47 8.78
C LEU A 101 -3.81 -3.46 9.84
N GLY A 102 -4.28 -4.71 9.78
CA GLY A 102 -3.84 -5.75 10.70
C GLY A 102 -2.42 -6.20 10.37
N LYS A 103 -1.93 -5.80 9.19
CA LYS A 103 -0.60 -6.10 8.71
C LYS A 103 0.43 -5.12 9.24
N HIS A 104 -0.01 -4.13 10.02
CA HIS A 104 0.91 -3.21 10.63
C HIS A 104 1.97 -3.99 11.41
N LYS A 105 3.24 -3.76 11.06
CA LYS A 105 4.41 -4.41 11.66
C LYS A 105 4.43 -5.93 11.48
N GLU A 106 3.63 -6.49 10.56
CA GLU A 106 3.50 -7.91 10.33
C GLU A 106 4.64 -8.51 9.51
N ARG A 107 5.36 -7.65 8.79
CA ARG A 107 6.59 -7.97 8.09
C ARG A 107 6.40 -8.68 6.75
N ILE A 108 7.51 -8.88 6.04
CA ILE A 108 7.51 -9.51 4.71
C ILE A 108 8.43 -10.73 4.63
N GLY A 109 9.34 -10.91 5.59
CA GLY A 109 10.19 -12.10 5.62
C GLY A 109 11.51 -11.91 6.37
N HIS A 110 12.05 -10.69 6.38
CA HIS A 110 13.31 -10.39 7.07
C HIS A 110 13.35 -8.94 7.54
N ARG A 111 12.29 -8.18 7.23
CA ARG A 111 12.18 -6.76 7.51
C ARG A 111 10.72 -6.47 7.83
N TYR A 112 10.45 -5.46 8.65
CA TYR A 112 9.08 -5.20 9.04
C TYR A 112 8.48 -4.11 8.16
N ILE A 113 7.16 -4.17 7.98
CA ILE A 113 6.45 -3.32 7.05
C ILE A 113 5.38 -2.58 7.82
N GLU A 114 4.92 -1.44 7.31
CA GLU A 114 3.90 -0.67 7.98
C GLU A 114 2.77 -0.38 7.02
N VAL A 115 1.60 -0.07 7.59
CA VAL A 115 0.37 0.13 6.84
C VAL A 115 -0.26 1.40 7.39
N PHE A 116 -0.65 2.29 6.49
CA PHE A 116 -1.17 3.60 6.81
C PHE A 116 -2.36 3.86 5.90
N LYS A 117 -3.34 4.65 6.36
CA LYS A 117 -4.49 4.95 5.52
C LYS A 117 -4.12 5.96 4.45
N SER A 118 -4.88 6.01 3.35
CA SER A 118 -4.64 6.98 2.30
C SER A 118 -5.87 7.26 1.46
N SER A 119 -5.72 8.08 0.41
CA SER A 119 -6.79 8.51 -0.48
C SER A 119 -6.27 8.65 -1.90
N GLN A 120 -7.17 8.83 -2.86
CA GLN A 120 -6.82 9.01 -4.26
C GLN A 120 -5.87 10.19 -4.44
N GLU A 121 -6.01 11.22 -3.61
CA GLU A 121 -5.20 12.43 -3.70
C GLU A 121 -3.72 12.18 -3.38
N GLU A 122 -3.37 10.94 -3.04
CA GLU A 122 -2.00 10.56 -2.71
C GLU A 122 -1.49 9.46 -3.65
N VAL A 123 -2.32 9.05 -4.61
CA VAL A 123 -1.97 7.96 -5.51
C VAL A 123 -2.49 8.22 -6.93
N ARG A 124 -2.95 9.44 -7.19
CA ARG A 124 -3.50 9.83 -8.48
C ARG A 124 -2.45 9.86 -9.60
N SER A 125 -1.27 9.31 -9.34
CA SER A 125 -0.20 9.19 -10.33
C SER A 125 -0.57 8.17 -11.42
N TYR A 126 -1.75 7.57 -11.32
CA TYR A 126 -2.26 6.60 -12.28
C TYR A 126 -2.20 7.17 -13.71
N ASN A 35 -19.00 9.34 5.82
CA ASN A 35 -17.58 9.73 5.90
C ASN A 35 -16.96 9.72 4.50
N SER A 36 -16.80 10.90 3.90
CA SER A 36 -16.21 11.04 2.57
C SER A 36 -15.73 12.47 2.36
N ALA A 37 -15.04 12.70 1.23
CA ALA A 37 -14.50 13.99 0.83
C ALA A 37 -13.63 14.67 1.90
N ASP A 38 -13.21 13.93 2.93
CA ASP A 38 -12.36 14.44 3.99
C ASP A 38 -11.50 13.34 4.59
N SER A 39 -11.72 12.09 4.17
CA SER A 39 -10.98 10.92 4.62
C SER A 39 -11.15 9.80 3.60
N ALA A 40 -10.47 8.67 3.82
CA ALA A 40 -10.56 7.52 2.93
C ALA A 40 -11.99 7.00 2.83
N ASN A 41 -12.37 6.53 1.64
CA ASN A 41 -13.71 5.99 1.42
C ASN A 41 -13.79 5.14 0.16
N ASP A 42 -12.64 4.68 -0.38
CA ASP A 42 -12.66 3.95 -1.64
C ASP A 42 -11.66 2.80 -1.68
N GLY A 43 -10.96 2.55 -0.57
CA GLY A 43 -10.08 1.41 -0.47
C GLY A 43 -8.60 1.81 -0.48
N PHE A 44 -8.33 3.10 -0.70
CA PHE A 44 -6.98 3.59 -0.74
C PHE A 44 -6.28 3.41 0.60
N VAL A 45 -4.97 3.19 0.52
CA VAL A 45 -4.10 2.94 1.66
C VAL A 45 -2.69 3.36 1.30
N ARG A 46 -1.78 3.29 2.27
CA ARG A 46 -0.39 3.65 2.09
C ARG A 46 0.48 2.61 2.78
N LEU A 47 1.70 2.43 2.28
CA LEU A 47 2.61 1.42 2.77
C LEU A 47 3.99 2.02 2.97
N ARG A 48 4.75 1.46 3.92
CA ARG A 48 6.09 1.93 4.24
C ARG A 48 6.90 0.77 4.83
N GLY A 49 8.21 0.95 5.00
CA GLY A 49 9.05 -0.11 5.53
C GLY A 49 9.38 -1.15 4.47
N LEU A 50 8.96 -0.91 3.24
CA LEU A 50 9.14 -1.87 2.17
C LEU A 50 10.61 -2.22 1.95
N PRO A 51 10.89 -3.44 1.52
CA PRO A 51 12.21 -3.80 1.04
C PRO A 51 12.52 -2.96 -0.19
N PHE A 52 13.79 -2.61 -0.39
CA PHE A 52 14.18 -1.79 -1.52
C PHE A 52 14.09 -2.55 -2.86
N GLY A 53 13.62 -3.79 -2.83
CA GLY A 53 13.44 -4.60 -4.04
C GLY A 53 11.99 -5.03 -4.22
N CYS A 54 11.11 -4.51 -3.34
CA CYS A 54 9.68 -4.79 -3.36
C CYS A 54 9.02 -4.20 -4.61
N THR A 55 7.90 -4.81 -5.01
CA THR A 55 7.08 -4.37 -6.13
C THR A 55 5.66 -4.91 -5.89
N LYS A 56 4.79 -4.87 -6.91
CA LYS A 56 3.43 -5.36 -6.73
C LYS A 56 3.45 -6.75 -6.09
N GLU A 57 4.20 -7.67 -6.70
CA GLU A 57 4.33 -9.06 -6.29
C GLU A 57 4.71 -9.25 -4.81
N GLU A 58 5.30 -8.23 -4.16
CA GLU A 58 5.67 -8.38 -2.77
C GLU A 58 4.62 -7.75 -1.86
N ILE A 59 3.79 -6.86 -2.42
CA ILE A 59 2.70 -6.24 -1.67
C ILE A 59 1.50 -7.17 -1.75
N VAL A 60 1.46 -7.98 -2.81
CA VAL A 60 0.37 -8.91 -3.02
C VAL A 60 0.58 -10.15 -2.15
N GLN A 61 1.83 -10.56 -1.91
CA GLN A 61 2.09 -11.64 -0.96
C GLN A 61 1.87 -11.15 0.47
N PHE A 62 2.15 -9.87 0.74
CA PHE A 62 1.96 -9.30 2.06
C PHE A 62 0.48 -9.17 2.41
N PHE A 63 -0.37 -9.07 1.38
CA PHE A 63 -1.80 -8.97 1.54
C PHE A 63 -2.49 -10.15 0.84
N SER A 64 -1.81 -11.29 0.76
CA SER A 64 -2.36 -12.50 0.19
C SER A 64 -3.58 -13.02 0.96
N GLY A 65 -3.82 -12.46 2.15
CA GLY A 65 -4.98 -12.79 2.97
C GLY A 65 -6.11 -11.79 2.74
N LEU A 66 -5.97 -11.01 1.67
CA LEU A 66 -6.84 -9.91 1.28
C LEU A 66 -7.04 -10.02 -0.24
N GLU A 67 -7.43 -8.95 -0.95
CA GLU A 67 -7.70 -9.13 -2.37
C GLU A 67 -7.28 -8.00 -3.31
N ILE A 68 -7.11 -6.78 -2.78
CA ILE A 68 -6.75 -5.60 -3.56
C ILE A 68 -7.66 -5.40 -4.80
N VAL A 69 -7.37 -4.40 -5.62
CA VAL A 69 -7.98 -4.26 -6.94
C VAL A 69 -6.88 -4.28 -8.00
N PRO A 70 -7.23 -4.67 -9.24
CA PRO A 70 -6.31 -4.72 -10.37
C PRO A 70 -5.47 -3.45 -10.50
N ASN A 71 -4.16 -3.63 -10.73
CA ASN A 71 -3.18 -2.56 -10.87
C ASN A 71 -3.41 -1.43 -9.85
N GLY A 72 -3.82 -1.77 -8.63
CA GLY A 72 -4.17 -0.79 -7.62
C GLY A 72 -2.94 -0.25 -6.90
N ILE A 73 -1.75 -0.78 -7.20
CA ILE A 73 -0.55 -0.49 -6.43
C ILE A 73 0.29 0.58 -7.14
N THR A 74 1.04 1.35 -6.36
CA THR A 74 1.95 2.38 -6.86
C THR A 74 3.20 2.42 -5.99
N LEU A 75 4.34 2.67 -6.61
CA LEU A 75 5.63 2.76 -5.95
C LEU A 75 6.42 3.92 -6.55
N PRO A 76 6.36 5.11 -5.93
CA PRO A 76 7.11 6.28 -6.35
C PRO A 76 8.60 5.97 -6.37
N VAL A 77 9.38 6.76 -7.13
CA VAL A 77 10.82 6.62 -7.10
C VAL A 77 11.54 7.96 -7.18
N ASP A 78 12.81 7.93 -6.76
CA ASP A 78 13.67 9.10 -6.77
C ASP A 78 14.33 9.23 -8.16
N PRO A 79 15.08 10.32 -8.41
CA PRO A 79 15.82 10.52 -9.64
C PRO A 79 16.83 9.39 -9.89
N GLU A 80 17.03 8.53 -8.90
CA GLU A 80 17.99 7.43 -8.98
C GLU A 80 17.29 6.10 -9.20
N GLY A 81 15.96 6.10 -9.26
CA GLY A 81 15.17 4.89 -9.39
C GLY A 81 14.95 4.21 -8.04
N LYS A 82 15.41 4.86 -6.97
CA LYS A 82 15.20 4.41 -5.60
C LYS A 82 13.72 4.53 -5.31
N ILE A 83 13.24 3.85 -4.26
CA ILE A 83 11.79 3.68 -4.09
C ILE A 83 11.18 4.47 -2.95
N THR A 84 11.96 5.38 -2.37
CA THR A 84 11.51 6.26 -1.31
C THR A 84 11.13 5.51 -0.02
N GLY A 85 11.13 4.17 -0.07
CA GLY A 85 10.80 3.32 1.05
C GLY A 85 9.33 3.37 1.44
N GLU A 86 8.48 3.95 0.60
CA GLU A 86 7.04 3.96 0.83
C GLU A 86 6.28 3.78 -0.49
N ALA A 87 4.99 3.44 -0.39
CA ALA A 87 4.17 3.07 -1.52
C ALA A 87 2.69 3.34 -1.22
N PHE A 88 1.84 2.99 -2.19
CA PHE A 88 0.42 3.25 -2.11
C PHE A 88 -0.32 2.10 -2.79
N VAL A 89 -1.57 1.87 -2.40
CA VAL A 89 -2.38 0.82 -2.98
C VAL A 89 -3.83 1.26 -2.99
N GLN A 90 -4.65 0.50 -3.70
CA GLN A 90 -6.09 0.56 -3.56
C GLN A 90 -6.57 -0.85 -3.31
N PHE A 91 -7.14 -1.05 -2.12
CA PHE A 91 -7.80 -2.30 -1.80
C PHE A 91 -9.23 -2.29 -2.30
N ALA A 92 -9.90 -3.43 -2.18
CA ALA A 92 -11.28 -3.59 -2.58
C ALA A 92 -12.20 -2.82 -1.62
N SER A 93 -12.43 -1.54 -1.95
CA SER A 93 -13.24 -0.62 -1.14
C SER A 93 -12.60 -0.36 0.23
N GLN A 94 -13.13 0.63 0.94
CA GLN A 94 -12.55 1.08 2.20
C GLN A 94 -12.58 -0.02 3.26
N GLU A 95 -13.43 -1.05 3.08
CA GLU A 95 -13.54 -2.14 4.04
C GLU A 95 -12.31 -3.05 3.97
N LEU A 96 -11.84 -3.37 2.77
CA LEU A 96 -10.67 -4.23 2.63
C LEU A 96 -9.43 -3.48 3.13
N ALA A 97 -9.38 -2.16 2.92
CA ALA A 97 -8.28 -1.35 3.40
C ALA A 97 -8.17 -1.41 4.92
N GLU A 98 -9.31 -1.49 5.59
CA GLU A 98 -9.36 -1.52 7.05
C GLU A 98 -8.83 -2.85 7.57
N LYS A 99 -8.98 -3.92 6.77
CA LYS A 99 -8.45 -5.22 7.15
C LYS A 99 -6.94 -5.25 6.98
N ALA A 100 -6.44 -4.60 5.93
CA ALA A 100 -5.02 -4.48 5.67
C ALA A 100 -4.30 -3.75 6.80
N LEU A 101 -5.01 -2.91 7.56
CA LEU A 101 -4.41 -2.20 8.69
C LEU A 101 -4.05 -3.17 9.83
N GLY A 102 -4.54 -4.41 9.76
CA GLY A 102 -4.23 -5.41 10.78
C GLY A 102 -2.80 -5.91 10.59
N LYS A 103 -2.19 -5.54 9.47
CA LYS A 103 -0.84 -5.90 9.10
C LYS A 103 0.17 -4.89 9.62
N HIS A 104 -0.28 -3.87 10.33
CA HIS A 104 0.64 -2.92 10.92
C HIS A 104 1.72 -3.66 11.72
N LYS A 105 2.97 -3.27 11.49
CA LYS A 105 4.16 -3.87 12.09
C LYS A 105 4.33 -5.36 11.77
N GLU A 106 3.57 -5.93 10.82
CA GLU A 106 3.80 -7.28 10.35
C GLU A 106 5.05 -7.32 9.48
N ARG A 107 5.28 -8.44 8.79
CA ARG A 107 6.52 -8.67 8.06
C ARG A 107 6.27 -9.22 6.66
N ILE A 108 7.33 -9.23 5.84
CA ILE A 108 7.27 -9.72 4.46
C ILE A 108 8.18 -10.95 4.27
N GLY A 109 9.08 -11.21 5.23
CA GLY A 109 9.93 -12.39 5.18
C GLY A 109 11.26 -12.19 5.92
N HIS A 110 11.74 -10.95 6.04
CA HIS A 110 12.99 -10.64 6.71
C HIS A 110 12.99 -9.21 7.26
N ARG A 111 11.86 -8.50 7.09
CA ARG A 111 11.74 -7.09 7.37
C ARG A 111 10.31 -6.81 7.84
N TYR A 112 10.10 -5.71 8.57
CA TYR A 112 8.75 -5.39 9.02
C TYR A 112 8.19 -4.29 8.13
N ILE A 113 6.88 -4.34 7.91
CA ILE A 113 6.20 -3.49 6.96
C ILE A 113 5.18 -2.65 7.72
N GLU A 114 4.73 -1.57 7.10
CA GLU A 114 3.85 -0.61 7.71
C GLU A 114 2.60 -0.42 6.86
N VAL A 115 1.50 -0.03 7.51
CA VAL A 115 0.21 0.13 6.87
C VAL A 115 -0.39 1.42 7.42
N PHE A 116 -0.90 2.26 6.53
CA PHE A 116 -1.41 3.58 6.86
C PHE A 116 -2.57 3.89 5.94
N LYS A 117 -3.49 4.76 6.38
CA LYS A 117 -4.65 5.13 5.58
C LYS A 117 -4.26 6.14 4.51
N SER A 118 -5.03 6.18 3.42
CA SER A 118 -4.77 7.07 2.29
C SER A 118 -6.02 7.30 1.46
N SER A 119 -5.88 8.09 0.38
CA SER A 119 -6.96 8.46 -0.52
C SER A 119 -6.39 8.63 -1.92
N GLN A 120 -7.27 8.77 -2.92
CA GLN A 120 -6.86 8.94 -4.31
C GLN A 120 -5.93 10.14 -4.47
N GLU A 121 -6.08 11.15 -3.62
CA GLU A 121 -5.29 12.38 -3.67
C GLU A 121 -3.81 12.13 -3.34
N GLU A 122 -3.44 10.88 -3.04
CA GLU A 122 -2.07 10.49 -2.70
C GLU A 122 -1.56 9.40 -3.64
N VAL A 123 -2.38 9.00 -4.62
CA VAL A 123 -2.01 7.91 -5.51
C VAL A 123 -2.53 8.14 -6.93
N ARG A 124 -3.05 9.33 -7.22
CA ARG A 124 -3.59 9.65 -8.53
C ARG A 124 -2.51 9.77 -9.61
N SER A 125 -1.30 9.26 -9.32
CA SER A 125 -0.20 9.22 -10.27
C SER A 125 -0.48 8.22 -11.40
N TYR A 126 -1.65 7.56 -11.35
CA TYR A 126 -2.09 6.61 -12.36
C TYR A 126 -1.99 7.20 -13.76
N ASN A 35 -6.68 19.68 0.15
CA ASN A 35 -7.43 18.47 0.55
C ASN A 35 -6.53 17.25 0.46
N SER A 36 -6.73 16.29 1.38
CA SER A 36 -5.94 15.06 1.44
C SER A 36 -6.78 13.88 1.94
N ALA A 37 -8.10 14.05 1.99
CA ALA A 37 -9.00 13.03 2.52
C ALA A 37 -10.34 13.00 1.77
N ASP A 38 -10.41 13.66 0.60
CA ASP A 38 -11.63 13.72 -0.19
C ASP A 38 -12.02 12.36 -0.76
N SER A 39 -11.18 11.34 -0.56
CA SER A 39 -11.41 10.00 -1.08
C SER A 39 -10.80 8.94 -0.14
N ALA A 40 -10.58 9.30 1.13
CA ALA A 40 -10.03 8.41 2.14
C ALA A 40 -11.01 7.32 2.56
N ASN A 41 -11.84 6.86 1.62
CA ASN A 41 -12.92 5.95 1.92
C ASN A 41 -13.29 5.10 0.71
N ASP A 42 -12.30 4.84 -0.16
CA ASP A 42 -12.53 4.10 -1.39
C ASP A 42 -11.60 2.90 -1.56
N GLY A 43 -10.77 2.63 -0.54
CA GLY A 43 -9.90 1.47 -0.56
C GLY A 43 -8.44 1.89 -0.51
N PHE A 44 -8.17 3.17 -0.76
CA PHE A 44 -6.82 3.70 -0.77
C PHE A 44 -6.15 3.54 0.58
N VAL A 45 -4.88 3.18 0.52
CA VAL A 45 -4.05 2.90 1.70
C VAL A 45 -2.60 3.22 1.36
N ARG A 46 -1.72 3.08 2.35
CA ARG A 46 -0.30 3.35 2.18
C ARG A 46 0.53 2.23 2.77
N LEU A 47 1.80 2.17 2.36
CA LEU A 47 2.73 1.17 2.83
C LEU A 47 4.10 1.79 3.01
N ARG A 48 4.86 1.28 3.98
CA ARG A 48 6.15 1.82 4.35
C ARG A 48 6.99 0.70 4.97
N GLY A 49 8.31 0.86 5.03
CA GLY A 49 9.19 -0.16 5.59
C GLY A 49 9.51 -1.24 4.56
N LEU A 50 9.05 -1.06 3.32
CA LEU A 50 9.26 -2.05 2.27
C LEU A 50 10.74 -2.32 2.04
N PRO A 51 11.07 -3.52 1.57
CA PRO A 51 12.38 -3.81 1.04
C PRO A 51 12.62 -2.92 -0.17
N PHE A 52 13.85 -2.48 -0.41
CA PHE A 52 14.15 -1.61 -1.53
C PHE A 52 14.11 -2.33 -2.88
N GLY A 53 13.62 -3.58 -2.91
CA GLY A 53 13.50 -4.36 -4.13
C GLY A 53 12.07 -4.89 -4.29
N CYS A 54 11.18 -4.51 -3.37
CA CYS A 54 9.77 -4.88 -3.38
C CYS A 54 9.04 -4.25 -4.56
N THR A 55 7.99 -4.91 -5.04
CA THR A 55 7.09 -4.37 -6.06
C THR A 55 5.68 -4.89 -5.81
N LYS A 56 4.76 -4.71 -6.77
CA LYS A 56 3.37 -5.14 -6.63
C LYS A 56 3.27 -6.60 -6.20
N GLU A 57 4.24 -7.43 -6.58
CA GLU A 57 4.23 -8.85 -6.28
C GLU A 57 4.60 -9.12 -4.82
N GLU A 58 5.32 -8.21 -4.17
CA GLU A 58 5.70 -8.39 -2.77
C GLU A 58 4.64 -7.77 -1.87
N ILE A 59 4.05 -6.66 -2.31
CA ILE A 59 2.96 -6.02 -1.58
C ILE A 59 1.77 -6.96 -1.54
N VAL A 60 1.59 -7.77 -2.58
CA VAL A 60 0.40 -8.61 -2.67
C VAL A 60 0.59 -9.91 -1.88
N GLN A 61 1.82 -10.41 -1.79
CA GLN A 61 2.08 -11.54 -0.92
C GLN A 61 2.03 -11.12 0.55
N PHE A 62 2.33 -9.85 0.84
CA PHE A 62 2.20 -9.32 2.18
C PHE A 62 0.72 -9.19 2.57
N PHE A 63 -0.15 -9.04 1.57
CA PHE A 63 -1.59 -8.94 1.73
C PHE A 63 -2.25 -10.16 1.08
N SER A 64 -1.57 -11.31 1.09
CA SER A 64 -2.09 -12.54 0.49
C SER A 64 -3.35 -13.05 1.18
N GLY A 65 -3.66 -12.51 2.38
CA GLY A 65 -4.87 -12.85 3.12
C GLY A 65 -6.00 -11.88 2.80
N LEU A 66 -5.80 -11.09 1.73
CA LEU A 66 -6.67 -10.00 1.31
C LEU A 66 -6.81 -10.12 -0.22
N GLU A 67 -7.24 -9.06 -0.93
CA GLU A 67 -7.49 -9.22 -2.36
C GLU A 67 -7.10 -8.07 -3.28
N ILE A 68 -6.91 -6.88 -2.73
CA ILE A 68 -6.61 -5.67 -3.49
C ILE A 68 -7.53 -5.51 -4.73
N VAL A 69 -7.17 -4.61 -5.64
CA VAL A 69 -7.84 -4.44 -6.93
C VAL A 69 -6.80 -4.44 -8.05
N PRO A 70 -7.23 -4.79 -9.28
CA PRO A 70 -6.40 -4.75 -10.48
C PRO A 70 -5.65 -3.42 -10.60
N ASN A 71 -4.36 -3.51 -10.98
CA ASN A 71 -3.47 -2.36 -11.16
C ASN A 71 -3.67 -1.27 -10.10
N GLY A 72 -3.95 -1.68 -8.86
CA GLY A 72 -4.30 -0.77 -7.77
C GLY A 72 -3.10 -0.35 -6.95
N ILE A 73 -1.87 -0.74 -7.35
CA ILE A 73 -0.69 -0.47 -6.55
C ILE A 73 0.21 0.51 -7.29
N THR A 74 0.93 1.35 -6.53
CA THR A 74 1.84 2.34 -7.08
C THR A 74 3.10 2.38 -6.21
N LEU A 75 4.23 2.73 -6.84
CA LEU A 75 5.53 2.74 -6.19
C LEU A 75 6.36 3.90 -6.73
N PRO A 76 6.38 5.03 -6.01
CA PRO A 76 7.21 6.19 -6.33
C PRO A 76 8.68 5.82 -6.47
N VAL A 77 9.46 6.72 -7.07
CA VAL A 77 10.90 6.56 -7.12
C VAL A 77 11.57 7.93 -7.04
N ASP A 78 12.87 7.90 -6.68
CA ASP A 78 13.68 9.11 -6.65
C ASP A 78 14.24 9.36 -8.05
N PRO A 79 14.95 10.47 -8.29
CA PRO A 79 15.61 10.73 -9.55
C PRO A 79 16.61 9.62 -9.89
N GLU A 80 17.03 8.88 -8.86
CA GLU A 80 17.95 7.75 -9.00
C GLU A 80 17.22 6.51 -9.52
N GLY A 81 15.88 6.56 -9.51
CA GLY A 81 15.04 5.45 -9.96
C GLY A 81 14.76 4.44 -8.84
N LYS A 82 15.16 4.77 -7.61
CA LYS A 82 14.96 3.89 -6.48
C LYS A 82 13.67 4.26 -5.74
N ILE A 83 13.02 3.26 -5.13
CA ILE A 83 11.62 3.34 -4.74
C ILE A 83 11.28 4.13 -3.49
N THR A 84 12.26 4.83 -2.93
CA THR A 84 12.09 5.70 -1.77
C THR A 84 11.75 4.95 -0.48
N GLY A 85 11.20 3.73 -0.59
CA GLY A 85 10.88 2.88 0.55
C GLY A 85 9.44 3.04 1.02
N GLU A 86 8.55 3.62 0.20
CA GLU A 86 7.14 3.71 0.52
C GLU A 86 6.29 3.49 -0.73
N ALA A 87 4.98 3.30 -0.55
CA ALA A 87 4.10 2.93 -1.65
C ALA A 87 2.66 3.32 -1.35
N PHE A 88 1.79 3.01 -2.30
CA PHE A 88 0.38 3.35 -2.25
C PHE A 88 -0.39 2.20 -2.89
N VAL A 89 -1.60 1.94 -2.41
CA VAL A 89 -2.41 0.85 -2.93
C VAL A 89 -3.88 1.26 -2.90
N GLN A 90 -4.71 0.51 -3.62
CA GLN A 90 -6.14 0.59 -3.51
C GLN A 90 -6.70 -0.79 -3.26
N PHE A 91 -7.03 -1.09 -2.02
CA PHE A 91 -7.66 -2.34 -1.71
C PHE A 91 -9.09 -2.35 -2.24
N ALA A 92 -9.74 -3.52 -2.16
CA ALA A 92 -11.10 -3.67 -2.61
C ALA A 92 -12.03 -2.90 -1.67
N SER A 93 -12.27 -1.62 -2.00
CA SER A 93 -13.04 -0.69 -1.18
C SER A 93 -12.37 -0.46 0.18
N GLN A 94 -12.82 0.55 0.93
CA GLN A 94 -12.20 0.89 2.20
C GLN A 94 -12.36 -0.23 3.22
N GLU A 95 -13.30 -1.15 2.99
CA GLU A 95 -13.54 -2.25 3.92
C GLU A 95 -12.36 -3.23 3.91
N LEU A 96 -11.79 -3.50 2.73
CA LEU A 96 -10.63 -4.37 2.63
C LEU A 96 -9.40 -3.64 3.18
N ALA A 97 -9.33 -2.32 2.98
CA ALA A 97 -8.22 -1.53 3.48
C ALA A 97 -8.16 -1.61 5.00
N GLU A 98 -9.32 -1.65 5.65
CA GLU A 98 -9.40 -1.70 7.10
C GLU A 98 -8.92 -3.05 7.61
N LYS A 99 -9.07 -4.11 6.81
CA LYS A 99 -8.55 -5.41 7.16
C LYS A 99 -7.03 -5.45 7.03
N ALA A 100 -6.50 -4.77 6.02
CA ALA A 100 -5.06 -4.67 5.81
C ALA A 100 -4.36 -3.99 6.99
N LEU A 101 -5.09 -3.19 7.77
CA LEU A 101 -4.55 -2.52 8.95
C LEU A 101 -4.24 -3.53 10.06
N GLY A 102 -4.69 -4.77 9.92
CA GLY A 102 -4.46 -5.79 10.93
C GLY A 102 -3.02 -6.27 10.85
N LYS A 103 -2.36 -5.98 9.72
CA LYS A 103 -0.97 -6.30 9.49
C LYS A 103 -0.06 -5.35 10.23
N HIS A 104 -0.26 -4.06 9.95
CA HIS A 104 0.66 -2.99 10.29
C HIS A 104 2.10 -3.48 10.46
N LYS A 105 2.55 -3.69 11.71
CA LYS A 105 3.94 -4.06 12.01
C LYS A 105 4.31 -5.49 11.60
N GLU A 106 3.53 -6.13 10.72
CA GLU A 106 3.86 -7.42 10.14
C GLU A 106 5.16 -7.36 9.33
N ARG A 107 5.56 -8.50 8.77
CA ARG A 107 6.83 -8.65 8.10
C ARG A 107 6.70 -9.32 6.73
N ILE A 108 7.74 -9.21 5.91
CA ILE A 108 7.78 -9.82 4.58
C ILE A 108 8.75 -11.01 4.52
N GLY A 109 9.62 -11.18 5.52
CA GLY A 109 10.50 -12.33 5.59
C GLY A 109 11.83 -12.06 6.28
N HIS A 110 12.28 -10.80 6.29
CA HIS A 110 13.54 -10.42 6.91
C HIS A 110 13.49 -8.96 7.39
N ARG A 111 12.33 -8.33 7.21
CA ARG A 111 12.12 -6.91 7.45
C ARG A 111 10.68 -6.69 7.87
N TYR A 112 10.41 -5.58 8.56
CA TYR A 112 9.04 -5.31 9.00
C TYR A 112 8.46 -4.18 8.16
N ILE A 113 7.14 -4.19 8.04
CA ILE A 113 6.41 -3.31 7.17
C ILE A 113 5.48 -2.46 8.03
N GLU A 114 4.83 -1.46 7.44
CA GLU A 114 3.85 -0.65 8.14
C GLU A 114 2.68 -0.37 7.21
N VAL A 115 1.52 -0.04 7.79
CA VAL A 115 0.31 0.23 7.03
C VAL A 115 -0.25 1.56 7.51
N PHE A 116 -0.62 2.42 6.56
CA PHE A 116 -1.18 3.74 6.86
C PHE A 116 -2.40 3.93 5.96
N LYS A 117 -3.33 4.81 6.32
CA LYS A 117 -4.46 5.08 5.44
C LYS A 117 -4.04 6.01 4.32
N SER A 118 -4.83 6.10 3.25
CA SER A 118 -4.52 6.99 2.15
C SER A 118 -5.77 7.36 1.35
N SER A 119 -5.56 8.07 0.23
CA SER A 119 -6.61 8.59 -0.63
C SER A 119 -6.14 8.58 -2.08
N GLN A 120 -7.08 8.79 -3.02
CA GLN A 120 -6.73 8.90 -4.43
C GLN A 120 -5.77 10.08 -4.64
N GLU A 121 -5.90 11.11 -3.79
CA GLU A 121 -5.09 12.31 -3.85
C GLU A 121 -3.61 12.04 -3.55
N GLU A 122 -3.25 10.78 -3.24
CA GLU A 122 -1.90 10.37 -2.92
C GLU A 122 -1.41 9.27 -3.86
N VAL A 123 -2.24 8.89 -4.83
CA VAL A 123 -1.90 7.79 -5.73
C VAL A 123 -2.40 8.05 -7.15
N ARG A 124 -2.85 9.29 -7.41
CA ARG A 124 -3.37 9.69 -8.71
C ARG A 124 -2.31 9.70 -9.81
N SER A 125 -1.13 9.13 -9.54
CA SER A 125 -0.07 8.99 -10.51
C SER A 125 -0.44 7.99 -11.60
N TYR A 126 -1.62 7.37 -11.47
CA TYR A 126 -2.15 6.42 -12.45
C TYR A 126 -2.08 6.97 -13.87
N ASN A 35 -12.14 19.93 -0.72
CA ASN A 35 -13.15 20.95 -0.39
C ASN A 35 -14.53 20.33 -0.30
N SER A 36 -15.16 20.40 0.88
CA SER A 36 -16.49 19.85 1.15
C SER A 36 -16.63 18.40 0.70
N ALA A 37 -15.53 17.66 0.60
CA ALA A 37 -15.53 16.27 0.16
C ALA A 37 -14.35 15.51 0.75
N ASP A 38 -14.32 14.20 0.55
CA ASP A 38 -13.27 13.33 1.06
C ASP A 38 -13.10 12.10 0.16
N SER A 39 -11.97 11.41 0.30
CA SER A 39 -11.65 10.23 -0.48
C SER A 39 -10.91 9.19 0.36
N ALA A 40 -10.76 9.44 1.66
CA ALA A 40 -10.12 8.51 2.58
C ALA A 40 -11.08 7.40 2.98
N ASN A 41 -11.90 6.95 2.04
CA ASN A 41 -12.96 6.02 2.34
C ASN A 41 -13.29 5.14 1.15
N ASP A 42 -12.32 4.88 0.28
CA ASP A 42 -12.53 4.14 -0.96
C ASP A 42 -11.60 2.95 -1.12
N GLY A 43 -10.85 2.61 -0.08
CA GLY A 43 -9.97 1.45 -0.11
C GLY A 43 -8.52 1.86 -0.21
N PHE A 44 -8.27 3.14 -0.45
CA PHE A 44 -6.94 3.68 -0.55
C PHE A 44 -6.20 3.51 0.76
N VAL A 45 -4.93 3.13 0.67
CA VAL A 45 -4.07 2.85 1.81
C VAL A 45 -2.64 3.21 1.44
N ARG A 46 -1.74 3.11 2.42
CA ARG A 46 -0.34 3.45 2.26
C ARG A 46 0.53 2.33 2.82
N LEU A 47 1.79 2.30 2.39
CA LEU A 47 2.74 1.30 2.83
C LEU A 47 4.11 1.94 2.96
N ARG A 48 4.87 1.55 3.98
CA ARG A 48 6.20 2.09 4.23
C ARG A 48 7.00 1.10 5.07
N GLY A 49 8.29 1.35 5.27
CA GLY A 49 9.17 0.44 5.98
C GLY A 49 9.68 -0.65 5.06
N LEU A 50 9.41 -0.49 3.76
CA LEU A 50 9.74 -1.47 2.73
C LEU A 50 11.23 -1.80 2.72
N PRO A 51 11.56 -3.03 2.32
CA PRO A 51 12.91 -3.55 2.26
C PRO A 51 13.73 -2.99 1.09
N PHE A 52 13.30 -1.85 0.53
CA PHE A 52 13.94 -1.18 -0.60
C PHE A 52 14.09 -2.08 -1.83
N GLY A 53 13.45 -3.25 -1.86
CA GLY A 53 13.48 -4.15 -3.00
C GLY A 53 12.09 -4.71 -3.32
N CYS A 54 11.12 -4.43 -2.45
CA CYS A 54 9.73 -4.80 -2.64
C CYS A 54 9.14 -4.03 -3.82
N THR A 55 8.14 -4.63 -4.49
CA THR A 55 7.34 -3.96 -5.50
C THR A 55 5.90 -4.47 -5.37
N LYS A 56 5.02 -4.09 -6.30
CA LYS A 56 3.61 -4.48 -6.25
C LYS A 56 3.40 -6.00 -6.16
N GLU A 57 4.43 -6.79 -6.50
CA GLU A 57 4.36 -8.25 -6.41
C GLU A 57 4.66 -8.73 -4.99
N GLU A 58 5.43 -7.95 -4.21
CA GLU A 58 5.67 -8.25 -2.82
C GLU A 58 4.57 -7.64 -1.97
N ILE A 59 4.04 -6.49 -2.41
CA ILE A 59 2.91 -5.86 -1.74
C ILE A 59 1.72 -6.80 -1.79
N VAL A 60 1.57 -7.55 -2.88
CA VAL A 60 0.38 -8.36 -3.06
C VAL A 60 0.49 -9.68 -2.31
N GLN A 61 1.70 -10.24 -2.23
CA GLN A 61 1.92 -11.44 -1.46
C GLN A 61 2.04 -11.15 0.04
N PHE A 62 2.35 -9.90 0.40
CA PHE A 62 2.31 -9.46 1.78
C PHE A 62 0.85 -9.28 2.20
N PHE A 63 -0.02 -9.01 1.23
CA PHE A 63 -1.44 -8.84 1.39
C PHE A 63 -2.18 -10.01 0.75
N SER A 64 -1.60 -11.22 0.85
CA SER A 64 -2.18 -12.43 0.28
C SER A 64 -3.48 -12.85 0.99
N GLY A 65 -3.79 -12.24 2.14
CA GLY A 65 -5.01 -12.49 2.89
C GLY A 65 -6.04 -11.40 2.63
N LEU A 66 -5.85 -10.72 1.50
CA LEU A 66 -6.58 -9.54 1.05
C LEU A 66 -6.76 -9.72 -0.46
N GLU A 67 -7.27 -8.73 -1.21
CA GLU A 67 -7.53 -8.99 -2.62
C GLU A 67 -7.16 -7.85 -3.57
N ILE A 68 -6.99 -6.64 -3.04
CA ILE A 68 -6.68 -5.44 -3.81
C ILE A 68 -7.64 -5.24 -5.00
N VAL A 69 -7.42 -4.20 -5.81
CA VAL A 69 -8.13 -4.03 -7.07
C VAL A 69 -7.14 -3.96 -8.22
N PRO A 70 -7.59 -4.29 -9.44
CA PRO A 70 -6.77 -4.22 -10.65
C PRO A 70 -6.06 -2.88 -10.77
N ASN A 71 -4.79 -2.90 -11.18
CA ASN A 71 -3.94 -1.72 -11.31
C ASN A 71 -4.09 -0.79 -10.08
N GLY A 72 -4.29 -1.39 -8.90
CA GLY A 72 -4.59 -0.67 -7.68
C GLY A 72 -3.35 -0.48 -6.82
N ILE A 73 -2.16 -0.42 -7.42
CA ILE A 73 -0.92 -0.27 -6.67
C ILE A 73 -0.01 0.72 -7.38
N THR A 74 0.76 1.48 -6.60
CA THR A 74 1.72 2.46 -7.12
C THR A 74 2.95 2.48 -6.22
N LEU A 75 4.10 2.82 -6.80
CA LEU A 75 5.36 2.89 -6.07
C LEU A 75 6.22 4.03 -6.62
N PRO A 76 6.25 5.17 -5.93
CA PRO A 76 7.13 6.27 -6.25
C PRO A 76 8.58 5.81 -6.37
N VAL A 77 9.36 6.48 -7.22
CA VAL A 77 10.76 6.17 -7.41
C VAL A 77 11.57 7.44 -7.68
N ASP A 78 12.89 7.31 -7.56
CA ASP A 78 13.82 8.36 -7.86
C ASP A 78 14.13 8.33 -9.36
N PRO A 79 14.93 9.28 -9.88
CA PRO A 79 15.32 9.30 -11.28
C PRO A 79 16.03 8.02 -11.70
N GLU A 80 16.53 7.27 -10.70
CA GLU A 80 17.24 6.01 -10.90
C GLU A 80 16.27 4.83 -11.00
N GLY A 81 14.98 5.06 -10.73
CA GLY A 81 13.99 3.99 -10.69
C GLY A 81 13.96 3.32 -9.32
N LYS A 82 14.81 3.80 -8.41
CA LYS A 82 14.94 3.32 -7.05
C LYS A 82 13.78 3.83 -6.22
N ILE A 83 13.14 2.94 -5.48
CA ILE A 83 11.94 3.29 -4.74
C ILE A 83 12.29 4.20 -3.57
N THR A 84 11.37 5.10 -3.25
CA THR A 84 11.59 6.13 -2.24
C THR A 84 11.38 5.59 -0.82
N GLY A 85 10.86 4.37 -0.69
CA GLY A 85 10.71 3.70 0.59
C GLY A 85 9.25 3.55 1.01
N GLU A 86 8.32 4.14 0.27
CA GLU A 86 6.90 4.04 0.56
C GLU A 86 6.09 3.86 -0.71
N ALA A 87 4.82 3.48 -0.57
CA ALA A 87 3.97 3.11 -1.70
C ALA A 87 2.51 3.43 -1.41
N PHE A 88 1.65 3.07 -2.35
CA PHE A 88 0.24 3.39 -2.31
C PHE A 88 -0.52 2.22 -2.92
N VAL A 89 -1.73 1.96 -2.42
CA VAL A 89 -2.53 0.85 -2.89
C VAL A 89 -4.00 1.24 -2.79
N GLN A 90 -4.84 0.47 -3.47
CA GLN A 90 -6.27 0.53 -3.33
C GLN A 90 -6.79 -0.88 -3.10
N PHE A 91 -7.15 -1.18 -1.86
CA PHE A 91 -7.82 -2.43 -1.57
C PHE A 91 -9.26 -2.36 -2.06
N ALA A 92 -9.93 -3.51 -2.06
CA ALA A 92 -11.30 -3.60 -2.49
C ALA A 92 -12.22 -2.87 -1.51
N SER A 93 -12.47 -1.58 -1.78
CA SER A 93 -13.24 -0.69 -0.91
C SER A 93 -12.53 -0.50 0.44
N GLN A 94 -13.04 0.43 1.25
CA GLN A 94 -12.43 0.75 2.54
C GLN A 94 -12.43 -0.47 3.45
N GLU A 95 -13.41 -1.35 3.30
CA GLU A 95 -13.55 -2.52 4.18
C GLU A 95 -12.36 -3.46 4.06
N LEU A 96 -11.81 -3.62 2.85
CA LEU A 96 -10.66 -4.48 2.64
C LEU A 96 -9.40 -3.77 3.14
N ALA A 97 -9.34 -2.44 3.01
CA ALA A 97 -8.22 -1.67 3.51
C ALA A 97 -8.12 -1.77 5.03
N GLU A 98 -9.27 -1.84 5.71
CA GLU A 98 -9.31 -1.91 7.16
C GLU A 98 -8.79 -3.26 7.64
N LYS A 99 -8.97 -4.30 6.84
CA LYS A 99 -8.41 -5.61 7.15
C LYS A 99 -6.90 -5.61 6.98
N ALA A 100 -6.42 -4.90 5.95
CA ALA A 100 -4.99 -4.77 5.69
C ALA A 100 -4.26 -4.10 6.86
N LEU A 101 -4.97 -3.33 7.68
CA LEU A 101 -4.39 -2.70 8.86
C LEU A 101 -4.00 -3.73 9.92
N GLY A 102 -4.44 -4.98 9.76
CA GLY A 102 -4.13 -6.03 10.70
C GLY A 102 -2.67 -6.46 10.56
N LYS A 103 -2.09 -6.12 9.40
CA LYS A 103 -0.68 -6.34 9.11
C LYS A 103 0.16 -5.39 9.94
N HIS A 104 -0.03 -4.10 9.69
CA HIS A 104 0.85 -3.05 10.14
C HIS A 104 2.28 -3.53 10.39
N LYS A 105 2.70 -3.65 11.65
CA LYS A 105 4.08 -3.99 12.03
C LYS A 105 4.47 -5.42 11.67
N GLU A 106 3.69 -6.12 10.86
CA GLU A 106 3.94 -7.46 10.37
C GLU A 106 5.09 -7.43 9.35
N ARG A 107 5.58 -8.60 8.93
CA ARG A 107 6.79 -8.70 8.15
C ARG A 107 6.56 -9.27 6.76
N ILE A 108 7.47 -8.95 5.82
CA ILE A 108 7.38 -9.40 4.44
C ILE A 108 8.16 -10.68 4.21
N GLY A 109 9.03 -11.05 5.16
CA GLY A 109 9.81 -12.28 5.07
C GLY A 109 11.10 -12.21 5.89
N HIS A 110 11.64 -11.01 6.09
CA HIS A 110 12.86 -10.82 6.89
C HIS A 110 12.92 -9.41 7.50
N ARG A 111 11.92 -8.58 7.21
CA ARG A 111 11.87 -7.19 7.62
C ARG A 111 10.43 -6.80 7.91
N TYR A 112 10.20 -5.86 8.82
CA TYR A 112 8.84 -5.47 9.16
C TYR A 112 8.41 -4.31 8.28
N ILE A 113 7.09 -4.12 8.18
CA ILE A 113 6.48 -3.16 7.28
C ILE A 113 5.57 -2.27 8.12
N GLU A 114 4.99 -1.22 7.54
CA GLU A 114 4.00 -0.42 8.23
C GLU A 114 2.87 -0.07 7.27
N VAL A 115 1.64 -0.07 7.77
CA VAL A 115 0.45 0.22 6.96
C VAL A 115 -0.15 1.52 7.48
N PHE A 116 -0.60 2.39 6.58
CA PHE A 116 -1.19 3.66 6.94
C PHE A 116 -2.43 3.86 6.06
N LYS A 117 -3.37 4.73 6.45
CA LYS A 117 -4.51 5.01 5.59
C LYS A 117 -4.08 5.97 4.48
N SER A 118 -4.89 6.08 3.42
CA SER A 118 -4.58 7.00 2.33
C SER A 118 -5.84 7.39 1.57
N SER A 119 -5.65 8.13 0.46
CA SER A 119 -6.73 8.65 -0.38
C SER A 119 -6.28 8.68 -1.83
N GLN A 120 -7.21 8.93 -2.74
CA GLN A 120 -6.93 9.04 -4.16
C GLN A 120 -5.91 10.16 -4.43
N GLU A 121 -5.92 11.20 -3.60
CA GLU A 121 -5.03 12.35 -3.74
C GLU A 121 -3.56 11.99 -3.50
N GLU A 122 -3.28 10.73 -3.15
CA GLU A 122 -1.93 10.25 -2.91
C GLU A 122 -1.56 9.17 -3.91
N VAL A 123 -2.47 8.83 -4.83
CA VAL A 123 -2.25 7.74 -5.77
C VAL A 123 -2.87 8.02 -7.14
N ARG A 124 -3.35 9.25 -7.37
CA ARG A 124 -3.96 9.62 -8.64
C ARG A 124 -2.95 9.72 -9.79
N SER A 125 -1.74 9.16 -9.59
CA SER A 125 -0.72 9.11 -10.62
C SER A 125 -1.12 8.16 -11.76
N TYR A 126 -2.31 7.56 -11.64
CA TYR A 126 -2.86 6.66 -12.65
C TYR A 126 -2.84 7.29 -14.04
#